data_7QEM
#
_entry.id   7QEM
#
_cell.length_a   143.320
_cell.length_b   143.320
_cell.length_c   119.410
_cell.angle_alpha   90.000
_cell.angle_beta   90.000
_cell.angle_gamma   90.000
#
_symmetry.space_group_name_H-M   'P 4'
#
loop_
_entity.id
_entity.type
_entity.pdbx_description
1 polymer "Inosine-5'-monophosphate dehydrogenase"
2 non-polymer 'INOSINIC ACID'
3 water water
#
_entity_poly.entity_id   1
_entity_poly.type   'polypeptide(L)'
_entity_poly.pdbx_seq_one_letter_code
;MGSSHHHHHHSSGLVPRGSHMLRIAKEALTFDDVLLVPAHSTVLPNTADLSTQLTKTIRLNIPMLSAAMDTVTEARLAIA
LAQEGGIGFIHKNMSIERQAEEVRRVKKHESAIVRDPVTVTPSTKIIELLQMAREYGFSGFPVVEQGELVGIVTGRDLRV
KPNAGDTVAAIMTPKDKLVTAREGTPLEEMKAKLYENRIEKMLVVDENFYLRGLVTFRDIEKAERKPNACKDEQGRLRVG
AAVGAGAGNEERVDALVAAGVDVLLIDSSHGHSEGVLQRIRETRAKYPDLQIIGGNVATAAGARALAEAGCSAVKVGIGP
GSICTTRIVTGVGVPQITAVADAVEALEGTGIPVIADGGIRFSGDIAKAIAAGASAVMVGSMLAGTEESPGEIELYQGRS
YKSYRGMGSLGAMSKGSSDRYFQSDNAADKLVPEGIEGRVAYKGRLKEIIHQQMGGLRSCMGLTGCGTIDELRTKAEFVR
ISGAGIQESHVHDVTITKESPNYRLGS
;
_entity_poly.pdbx_strand_id   A,B,C,D
#
# COMPACT_ATOMS: atom_id res chain seq x y z
N LEU A 22 -59.97 -13.16 -4.34
CA LEU A 22 -58.68 -13.52 -4.93
C LEU A 22 -57.50 -12.73 -4.37
N ARG A 23 -56.58 -13.48 -3.76
CA ARG A 23 -55.49 -12.91 -2.98
C ARG A 23 -54.25 -12.81 -3.88
N ILE A 24 -54.11 -11.70 -4.60
CA ILE A 24 -52.92 -11.45 -5.40
C ILE A 24 -52.14 -10.37 -4.68
N ALA A 25 -51.02 -10.79 -4.09
CA ALA A 25 -50.25 -9.91 -3.25
C ALA A 25 -49.81 -8.68 -4.04
N LYS A 26 -49.25 -8.90 -5.23
CA LYS A 26 -48.60 -7.82 -5.98
C LYS A 26 -48.17 -8.35 -7.35
N GLU A 27 -47.49 -7.47 -8.09
CA GLU A 27 -46.72 -7.80 -9.29
C GLU A 27 -45.24 -7.96 -8.97
N ALA A 28 -44.57 -8.85 -9.71
CA ALA A 28 -43.17 -9.21 -9.43
C ALA A 28 -42.34 -9.20 -10.70
N LEU A 29 -41.12 -8.68 -10.59
CA LEU A 29 -40.28 -8.37 -11.74
C LEU A 29 -39.04 -9.27 -11.83
N THR A 30 -38.64 -9.62 -13.05
CA THR A 30 -37.44 -10.38 -13.35
C THR A 30 -36.47 -9.50 -14.15
N PHE A 31 -35.35 -10.11 -14.57
CA PHE A 31 -34.30 -9.38 -15.26
C PHE A 31 -34.77 -8.71 -16.54
N ASP A 32 -35.48 -9.46 -17.36
CA ASP A 32 -35.90 -8.88 -18.61
C ASP A 32 -36.90 -7.76 -18.44
N ASP A 33 -37.27 -7.43 -17.22
CA ASP A 33 -38.32 -6.46 -16.98
C ASP A 33 -37.79 -5.06 -16.74
N VAL A 34 -36.50 -4.92 -16.49
CA VAL A 34 -35.93 -3.65 -16.08
C VAL A 34 -34.65 -3.41 -16.85
N LEU A 35 -34.33 -2.15 -17.03
CA LEU A 35 -33.01 -1.75 -17.42
C LEU A 35 -32.51 -0.76 -16.38
N LEU A 36 -31.19 -0.73 -16.21
CA LEU A 36 -30.55 0.22 -15.30
C LEU A 36 -30.33 1.54 -16.04
N VAL A 37 -30.73 2.62 -15.38
CA VAL A 37 -30.66 3.98 -15.93
C VAL A 37 -29.25 4.53 -15.75
N PRO A 38 -28.65 5.13 -16.79
CA PRO A 38 -27.30 5.71 -16.67
C PRO A 38 -27.28 7.10 -16.06
N ALA A 39 -26.23 7.39 -15.30
CA ALA A 39 -26.16 8.62 -14.55
C ALA A 39 -24.83 9.32 -14.77
N HIS A 40 -24.76 10.54 -14.23
CA HIS A 40 -23.49 11.21 -14.07
C HIS A 40 -22.52 10.25 -13.44
N SER A 41 -21.27 10.34 -13.87
CA SER A 41 -20.31 9.31 -13.54
C SER A 41 -18.93 9.94 -13.49
N THR A 42 -18.24 9.71 -12.38
CA THR A 42 -16.82 9.97 -12.25
C THR A 42 -16.05 8.65 -12.21
N VAL A 43 -16.67 7.59 -12.74
CA VAL A 43 -16.22 6.21 -12.55
C VAL A 43 -15.72 5.66 -13.87
N LEU A 44 -14.42 5.39 -13.93
CA LEU A 44 -14.00 4.55 -15.03
C LEU A 44 -14.15 3.08 -14.67
N PRO A 45 -14.54 2.30 -15.66
CA PRO A 45 -14.77 0.86 -15.42
C PRO A 45 -13.57 0.17 -14.82
N ASN A 46 -12.38 0.46 -15.34
CA ASN A 46 -11.16 -0.14 -14.82
C ASN A 46 -10.77 0.38 -13.42
N THR A 47 -11.49 1.35 -12.86
CA THR A 47 -11.23 1.89 -11.53
C THR A 47 -12.34 1.53 -10.56
N ALA A 48 -13.23 0.63 -10.94
CA ALA A 48 -14.37 0.31 -10.12
C ALA A 48 -13.98 -0.72 -9.09
N ASP A 49 -14.59 -0.61 -7.90
CA ASP A 49 -14.31 -1.50 -6.78
C ASP A 49 -15.33 -2.63 -6.74
N LEU A 50 -14.92 -3.81 -7.17
CA LEU A 50 -15.80 -4.96 -7.21
C LEU A 50 -15.96 -5.66 -5.86
N SER A 51 -15.25 -5.22 -4.82
CA SER A 51 -15.35 -5.91 -3.54
C SER A 51 -16.69 -5.63 -2.88
N THR A 52 -17.05 -6.47 -1.93
CA THR A 52 -18.28 -6.35 -1.17
C THR A 52 -18.23 -7.29 0.02
N GLN A 53 -19.00 -6.96 1.05
CA GLN A 53 -19.03 -7.76 2.27
C GLN A 53 -19.96 -8.93 2.08
N LEU A 54 -19.44 -10.14 2.23
CA LEU A 54 -20.33 -11.30 2.18
C LEU A 54 -21.09 -11.46 3.49
N THR A 55 -20.40 -11.35 4.60
CA THR A 55 -21.03 -11.23 5.90
C THR A 55 -20.40 -10.07 6.61
N LYS A 56 -20.86 -9.80 7.81
CA LYS A 56 -20.19 -8.79 8.61
C LYS A 56 -18.69 -9.06 8.72
N THR A 57 -18.27 -10.32 8.65
CA THR A 57 -16.87 -10.67 8.85
C THR A 57 -16.14 -11.15 7.61
N ILE A 58 -16.84 -11.66 6.61
CA ILE A 58 -16.21 -12.12 5.38
C ILE A 58 -16.49 -11.12 4.26
N ARG A 59 -15.43 -10.67 3.61
CA ARG A 59 -15.49 -9.67 2.54
C ARG A 59 -14.90 -10.25 1.28
N LEU A 60 -15.71 -10.27 0.22
CA LEU A 60 -15.29 -10.72 -1.09
C LEU A 60 -14.58 -9.63 -1.87
N ASN A 61 -13.83 -10.04 -2.88
CA ASN A 61 -13.19 -9.10 -3.80
C ASN A 61 -13.96 -8.97 -5.09
N ILE A 62 -14.56 -10.05 -5.58
CA ILE A 62 -15.62 -9.93 -6.57
C ILE A 62 -16.90 -10.44 -5.93
N PRO A 63 -18.05 -9.94 -6.32
CA PRO A 63 -19.33 -10.35 -5.70
C PRO A 63 -19.89 -11.63 -6.29
N MET A 64 -19.10 -12.70 -6.27
CA MET A 64 -19.50 -13.94 -6.93
C MET A 64 -19.32 -15.14 -6.04
N LEU A 65 -20.34 -16.00 -5.98
CA LEU A 65 -20.28 -17.30 -5.34
C LEU A 65 -20.54 -18.38 -6.38
N SER A 66 -19.90 -19.54 -6.24
CA SER A 66 -20.17 -20.66 -7.16
C SER A 66 -21.14 -21.62 -6.50
N ALA A 67 -22.09 -22.13 -7.30
CA ALA A 67 -23.16 -22.92 -6.73
C ALA A 67 -22.61 -24.24 -6.22
N ALA A 68 -23.20 -24.71 -5.12
CA ALA A 68 -22.81 -25.97 -4.48
C ALA A 68 -23.41 -27.16 -5.23
N MET A 69 -23.08 -27.24 -6.51
CA MET A 69 -23.62 -28.23 -7.41
C MET A 69 -22.50 -29.18 -7.78
N ASP A 70 -22.82 -30.48 -7.84
CA ASP A 70 -21.85 -31.52 -8.10
C ASP A 70 -21.19 -31.40 -9.46
N THR A 71 -21.85 -30.72 -10.39
CA THR A 71 -21.35 -30.42 -11.72
C THR A 71 -20.60 -29.10 -11.77
N VAL A 72 -20.57 -28.38 -10.66
CA VAL A 72 -20.01 -27.06 -10.63
C VAL A 72 -18.86 -26.99 -9.64
N THR A 73 -19.10 -27.24 -8.37
CA THR A 73 -18.08 -26.91 -7.38
C THR A 73 -17.49 -28.14 -6.73
N GLU A 74 -16.19 -28.35 -6.99
CA GLU A 74 -15.39 -29.18 -6.10
C GLU A 74 -14.12 -28.44 -5.71
N ALA A 75 -13.23 -29.10 -4.97
CA ALA A 75 -12.04 -28.42 -4.45
C ALA A 75 -11.33 -27.67 -5.53
N ARG A 76 -11.30 -28.23 -6.75
CA ARG A 76 -10.52 -27.63 -7.82
C ARG A 76 -11.09 -26.28 -8.23
N LEU A 77 -12.39 -26.26 -8.55
CA LEU A 77 -13.03 -25.01 -8.93
C LEU A 77 -13.18 -24.07 -7.75
N ALA A 78 -13.39 -24.60 -6.53
CA ALA A 78 -13.53 -23.74 -5.37
C ALA A 78 -12.23 -23.00 -5.07
N ILE A 79 -11.09 -23.59 -5.45
CA ILE A 79 -9.79 -22.90 -5.38
C ILE A 79 -9.71 -21.82 -6.44
N ALA A 80 -9.99 -22.18 -7.70
CA ALA A 80 -9.88 -21.22 -8.80
C ALA A 80 -10.69 -19.95 -8.54
N LEU A 81 -11.91 -20.10 -8.03
CA LEU A 81 -12.75 -18.94 -7.78
C LEU A 81 -12.22 -18.11 -6.63
N ALA A 82 -11.71 -18.75 -5.58
CA ALA A 82 -11.16 -17.98 -4.47
C ALA A 82 -9.97 -17.15 -4.94
N GLN A 83 -9.12 -17.73 -5.78
CA GLN A 83 -8.03 -16.97 -6.38
C GLN A 83 -8.54 -15.77 -7.17
N GLU A 84 -9.80 -15.77 -7.56
CA GLU A 84 -10.31 -14.73 -8.43
C GLU A 84 -11.11 -13.67 -7.67
N GLY A 85 -11.36 -13.88 -6.39
CA GLY A 85 -12.00 -12.85 -5.58
C GLY A 85 -13.27 -13.32 -4.92
N GLY A 86 -13.85 -14.40 -5.44
CA GLY A 86 -15.07 -14.97 -4.94
C GLY A 86 -14.82 -16.22 -4.13
N ILE A 87 -15.93 -16.88 -3.75
CA ILE A 87 -15.90 -18.06 -2.89
C ILE A 87 -16.71 -19.20 -3.51
N GLY A 88 -16.11 -20.40 -3.61
CA GLY A 88 -16.86 -21.59 -4.04
C GLY A 88 -17.43 -22.41 -2.89
N PHE A 89 -18.52 -23.12 -3.16
CA PHE A 89 -19.22 -23.91 -2.14
C PHE A 89 -19.25 -25.37 -2.54
N ILE A 90 -18.41 -26.15 -1.86
CA ILE A 90 -18.32 -27.56 -2.16
C ILE A 90 -19.70 -28.18 -1.98
N HIS A 91 -20.14 -28.90 -3.00
CA HIS A 91 -21.43 -29.55 -2.91
C HIS A 91 -21.39 -30.66 -1.87
N LYS A 92 -22.57 -31.09 -1.45
CA LYS A 92 -22.74 -32.08 -0.42
C LYS A 92 -23.04 -33.48 -0.93
N ASN A 93 -23.05 -33.68 -2.23
CA ASN A 93 -23.38 -34.99 -2.77
C ASN A 93 -22.16 -35.89 -2.71
N MET A 94 -21.62 -36.10 -1.50
CA MET A 94 -20.44 -36.93 -1.30
C MET A 94 -20.29 -37.28 0.17
N SER A 95 -19.52 -38.34 0.42
CA SER A 95 -19.27 -38.79 1.78
C SER A 95 -18.55 -37.69 2.53
N ILE A 96 -18.72 -37.64 3.84
CA ILE A 96 -18.08 -36.61 4.64
C ILE A 96 -16.56 -36.64 4.49
N GLU A 97 -15.97 -37.82 4.64
CA GLU A 97 -14.51 -37.96 4.69
C GLU A 97 -13.85 -37.34 3.46
N ARG A 98 -14.62 -37.22 2.38
CA ARG A 98 -14.08 -36.60 1.20
C ARG A 98 -14.43 -35.13 1.15
N GLN A 99 -15.64 -34.78 1.59
CA GLN A 99 -16.02 -33.37 1.61
C GLN A 99 -15.14 -32.54 2.56
N ALA A 100 -14.97 -32.99 3.80
CA ALA A 100 -14.09 -32.28 4.72
C ALA A 100 -12.71 -32.19 4.12
N GLU A 101 -12.36 -33.21 3.33
CA GLU A 101 -11.11 -33.22 2.61
C GLU A 101 -11.07 -32.12 1.57
N GLU A 102 -12.15 -31.95 0.82
CA GLU A 102 -12.18 -30.86 -0.14
C GLU A 102 -11.98 -29.53 0.55
N VAL A 103 -12.64 -29.33 1.69
CA VAL A 103 -12.46 -28.09 2.43
C VAL A 103 -11.02 -27.89 2.81
N ARG A 104 -10.33 -28.96 3.18
CA ARG A 104 -8.90 -28.86 3.46
CA ARG A 104 -8.90 -28.86 3.46
C ARG A 104 -8.11 -28.59 2.18
N ARG A 105 -8.36 -29.40 1.15
CA ARG A 105 -7.63 -29.22 -0.11
C ARG A 105 -7.60 -27.76 -0.52
N VAL A 106 -8.68 -27.04 -0.26
CA VAL A 106 -8.71 -25.63 -0.58
C VAL A 106 -7.93 -24.82 0.45
N LYS A 107 -8.25 -25.01 1.72
CA LYS A 107 -7.66 -24.16 2.75
C LYS A 107 -6.14 -24.28 2.73
N LYS A 108 -5.63 -25.49 2.52
CA LYS A 108 -4.21 -25.76 2.57
C LYS A 108 -3.52 -25.61 1.23
N HIS A 109 -4.25 -25.25 0.18
CA HIS A 109 -3.66 -25.18 -1.14
C HIS A 109 -2.68 -24.02 -1.24
N GLU A 110 -1.41 -24.36 -1.48
CA GLU A 110 -0.40 -23.39 -1.91
C GLU A 110 0.21 -23.94 -3.18
N SER A 111 0.12 -23.15 -4.26
CA SER A 111 0.56 -23.57 -5.59
C SER A 111 2.06 -23.76 -5.67
N ALA A 112 2.82 -23.11 -4.78
CA ALA A 112 4.27 -23.21 -4.77
C ALA A 112 4.76 -24.54 -4.19
N ILE A 113 3.95 -25.23 -3.41
CA ILE A 113 4.42 -26.42 -2.71
C ILE A 113 4.40 -27.61 -3.64
N VAL A 114 5.57 -28.23 -3.83
CA VAL A 114 5.66 -29.53 -4.49
C VAL A 114 5.17 -30.61 -3.54
N ARG A 115 4.14 -31.33 -3.95
CA ARG A 115 3.60 -32.37 -3.11
C ARG A 115 4.05 -33.72 -3.68
N ASP A 116 3.96 -34.73 -2.84
CA ASP A 116 4.39 -36.08 -3.17
C ASP A 116 5.75 -36.08 -3.88
N PRO A 117 6.83 -35.71 -3.19
CA PRO A 117 8.17 -35.86 -3.75
C PRO A 117 8.76 -37.21 -3.38
N VAL A 118 9.79 -37.61 -4.13
CA VAL A 118 10.41 -38.92 -3.92
C VAL A 118 11.17 -38.95 -2.59
N THR A 119 10.83 -39.92 -1.74
CA THR A 119 11.40 -40.07 -0.39
C THR A 119 11.93 -41.47 -0.15
N VAL A 120 12.54 -41.64 1.03
CA VAL A 120 13.00 -42.94 1.53
C VAL A 120 12.57 -43.09 3.00
N THR A 121 12.90 -44.24 3.56
CA THR A 121 12.57 -44.57 4.95
C THR A 121 13.87 -44.93 5.64
N PRO A 122 13.90 -44.89 6.97
CA PRO A 122 15.14 -45.29 7.68
C PRO A 122 15.57 -46.68 7.32
N SER A 123 14.62 -47.53 6.90
CA SER A 123 14.88 -48.92 6.54
C SER A 123 15.50 -49.09 5.16
N THR A 124 15.45 -48.07 4.30
CA THR A 124 15.88 -48.26 2.92
C THR A 124 17.34 -48.66 2.87
N LYS A 125 17.62 -49.75 2.16
CA LYS A 125 19.00 -50.17 1.96
C LYS A 125 19.77 -49.08 1.26
N ILE A 126 20.97 -48.80 1.77
CA ILE A 126 21.86 -47.87 1.08
C ILE A 126 21.98 -48.29 -0.37
N ILE A 127 21.95 -49.62 -0.60
CA ILE A 127 21.92 -50.15 -1.95
C ILE A 127 20.81 -49.49 -2.74
N GLU A 128 19.60 -49.50 -2.17
CA GLU A 128 18.47 -48.85 -2.82
C GLU A 128 18.64 -47.34 -2.85
N LEU A 129 19.40 -46.77 -1.92
CA LEU A 129 19.60 -45.33 -1.95
C LEU A 129 20.36 -44.88 -3.19
N LEU A 130 21.44 -45.58 -3.53
CA LEU A 130 22.26 -45.22 -4.69
C LEU A 130 21.51 -45.39 -6.02
N GLN A 131 20.61 -46.38 -6.12
CA GLN A 131 19.82 -46.55 -7.34
C GLN A 131 18.94 -45.34 -7.61
N MET A 132 18.22 -44.88 -6.59
CA MET A 132 17.39 -43.70 -6.75
C MET A 132 18.20 -42.44 -6.96
N ALA A 133 19.38 -42.37 -6.37
CA ALA A 133 20.20 -41.17 -6.52
C ALA A 133 20.57 -40.94 -7.98
N ARG A 134 20.86 -42.02 -8.70
CA ARG A 134 21.19 -41.97 -10.12
C ARG A 134 20.00 -41.63 -11.00
N GLU A 135 18.80 -41.52 -10.42
CA GLU A 135 17.59 -41.23 -11.18
C GLU A 135 16.84 -40.02 -10.65
N TYR A 136 17.33 -39.39 -9.59
CA TYR A 136 16.77 -38.15 -9.06
C TYR A 136 17.86 -37.21 -8.57
N GLY A 137 19.12 -37.67 -8.53
CA GLY A 137 20.20 -36.87 -8.03
C GLY A 137 20.22 -36.94 -6.53
N PHE A 138 21.41 -36.74 -5.94
CA PHE A 138 21.54 -36.74 -4.50
C PHE A 138 21.27 -35.37 -3.91
N SER A 139 20.26 -34.64 -4.41
CA SER A 139 19.90 -33.36 -3.81
C SER A 139 19.33 -33.55 -2.42
N GLY A 140 18.71 -34.70 -2.17
CA GLY A 140 18.15 -34.97 -0.87
C GLY A 140 16.83 -35.70 -0.92
N PHE A 141 16.82 -36.94 -0.42
CA PHE A 141 15.61 -37.73 -0.33
C PHE A 141 15.08 -37.63 1.09
N PRO A 142 13.90 -37.05 1.32
CA PRO A 142 13.37 -36.98 2.68
C PRO A 142 13.07 -38.36 3.26
N VAL A 143 13.45 -38.57 4.52
CA VAL A 143 13.24 -39.84 5.19
C VAL A 143 12.02 -39.72 6.08
N VAL A 144 11.05 -40.59 5.87
CA VAL A 144 9.81 -40.58 6.64
C VAL A 144 9.61 -41.98 7.19
N GLU A 145 9.10 -42.03 8.41
CA GLU A 145 8.69 -43.28 9.03
C GLU A 145 7.18 -43.13 9.20
N GLN A 146 6.42 -43.74 8.29
CA GLN A 146 4.96 -43.66 8.26
C GLN A 146 4.46 -42.23 8.16
N GLY A 147 4.96 -41.50 7.16
CA GLY A 147 4.50 -40.17 6.89
C GLY A 147 5.11 -39.12 7.78
N GLU A 148 5.58 -39.48 8.97
CA GLU A 148 6.22 -38.51 9.82
C GLU A 148 7.63 -38.28 9.31
N LEU A 149 7.96 -37.02 9.05
CA LEU A 149 9.28 -36.66 8.57
C LEU A 149 10.31 -36.86 9.67
N VAL A 150 11.34 -37.66 9.39
CA VAL A 150 12.37 -37.95 10.37
C VAL A 150 13.75 -37.42 9.98
N GLY A 151 14.02 -37.21 8.69
CA GLY A 151 15.28 -36.66 8.26
C GLY A 151 15.40 -36.68 6.75
N ILE A 152 16.62 -36.42 6.28
CA ILE A 152 16.91 -36.43 4.85
C ILE A 152 18.33 -36.94 4.67
N VAL A 153 18.53 -37.71 3.61
CA VAL A 153 19.84 -38.26 3.30
C VAL A 153 20.27 -37.70 1.95
N THR A 154 21.47 -37.13 1.91
CA THR A 154 22.06 -36.48 0.75
C THR A 154 23.37 -37.16 0.34
N GLY A 155 23.90 -36.74 -0.81
CA GLY A 155 25.12 -37.35 -1.32
C GLY A 155 26.32 -37.13 -0.44
N ARG A 156 26.34 -36.01 0.29
CA ARG A 156 27.42 -35.74 1.23
C ARG A 156 27.39 -36.74 2.37
N ASP A 157 26.19 -37.23 2.73
CA ASP A 157 26.04 -38.20 3.82
C ASP A 157 26.61 -39.59 3.45
N LEU A 158 26.58 -39.97 2.16
CA LEU A 158 27.02 -41.32 1.76
C LEU A 158 28.49 -41.39 1.41
N ARG A 159 29.06 -40.29 0.89
CA ARG A 159 30.49 -40.24 0.63
C ARG A 159 31.25 -39.93 1.91
N VAL A 160 30.55 -39.34 2.89
CA VAL A 160 31.13 -39.03 4.20
C VAL A 160 31.33 -40.32 5.00
N LYS A 161 30.35 -41.27 4.91
CA LYS A 161 30.25 -42.59 5.52
C LYS A 161 30.31 -42.62 7.05
N PRO A 162 29.62 -43.58 7.67
CA PRO A 162 29.60 -43.99 9.09
C PRO A 162 30.48 -45.19 9.44
N ASP A 166 24.09 -51.82 5.40
CA ASP A 166 23.82 -50.71 6.29
C ASP A 166 22.53 -50.06 5.75
N THR A 167 21.89 -49.20 6.52
CA THR A 167 20.64 -48.55 6.12
C THR A 167 20.76 -47.04 6.21
N VAL A 168 19.74 -46.36 5.67
CA VAL A 168 19.71 -44.91 5.61
C VAL A 168 19.81 -44.30 7.01
N ALA A 169 19.17 -44.93 8.00
CA ALA A 169 19.11 -44.37 9.34
C ALA A 169 20.50 -44.03 9.87
N ALA A 170 21.52 -44.76 9.43
CA ALA A 170 22.89 -44.57 9.89
C ALA A 170 23.57 -43.36 9.26
N ILE A 171 23.17 -42.99 8.05
CA ILE A 171 23.87 -41.95 7.32
C ILE A 171 23.04 -40.70 7.22
N MET A 172 21.75 -40.78 7.49
CA MET A 172 20.84 -39.67 7.27
C MET A 172 21.20 -38.49 8.16
N THR A 173 20.73 -37.33 7.75
CA THR A 173 20.80 -36.15 8.61
C THR A 173 19.67 -36.20 9.63
N PRO A 174 19.97 -35.96 10.90
CA PRO A 174 18.92 -36.05 11.93
C PRO A 174 17.90 -34.92 11.83
N LYS A 175 16.85 -35.08 12.65
CA LYS A 175 15.76 -34.10 12.74
C LYS A 175 16.27 -32.76 13.28
N ASP A 176 17.35 -32.79 14.09
CA ASP A 176 17.77 -31.61 14.84
C ASP A 176 18.37 -30.54 13.91
N LYS A 177 19.09 -30.97 12.88
CA LYS A 177 19.78 -30.08 11.96
C LYS A 177 18.99 -29.81 10.68
N LEU A 178 17.69 -30.11 10.67
CA LEU A 178 16.81 -29.85 9.53
C LEU A 178 16.26 -28.42 9.53
N VAL A 179 16.16 -27.83 8.33
CA VAL A 179 15.52 -26.52 8.10
C VAL A 179 14.18 -26.74 7.39
N THR A 180 13.08 -26.49 8.10
CA THR A 180 11.73 -26.65 7.59
C THR A 180 10.88 -25.39 7.78
N ALA A 181 9.82 -25.34 7.02
CA ALA A 181 8.77 -24.35 7.17
C ALA A 181 7.46 -25.10 7.42
N ARG A 182 6.60 -24.49 8.21
CA ARG A 182 5.28 -25.04 8.37
C ARG A 182 4.40 -24.75 7.17
N GLU A 183 3.43 -25.63 6.94
CA GLU A 183 2.46 -25.39 5.89
C GLU A 183 1.67 -24.13 6.22
N GLY A 184 1.33 -23.36 5.17
CA GLY A 184 0.67 -22.08 5.35
C GLY A 184 1.60 -20.91 5.61
N THR A 185 2.90 -21.15 5.72
CA THR A 185 3.86 -20.07 5.81
C THR A 185 3.80 -19.22 4.55
N PRO A 186 3.79 -17.89 4.68
CA PRO A 186 3.88 -17.01 3.50
C PRO A 186 5.08 -17.34 2.66
N LEU A 187 5.01 -16.92 1.42
CA LEU A 187 6.04 -17.29 0.45
C LEU A 187 7.31 -16.45 0.63
N GLU A 188 7.15 -15.16 0.90
CA GLU A 188 8.31 -14.30 1.11
C GLU A 188 9.09 -14.70 2.34
N GLU A 189 8.38 -15.18 3.36
CA GLU A 189 9.02 -15.67 4.58
C GLU A 189 9.78 -16.96 4.31
N MET A 190 9.21 -17.84 3.49
CA MET A 190 9.93 -19.03 3.06
C MET A 190 11.16 -18.65 2.24
N LYS A 191 10.99 -17.74 1.27
CA LYS A 191 12.12 -17.23 0.49
C LYS A 191 13.24 -16.70 1.38
N ALA A 192 12.87 -15.98 2.44
CA ALA A 192 13.88 -15.49 3.37
C ALA A 192 14.55 -16.66 4.09
N LYS A 193 13.77 -17.67 4.48
CA LYS A 193 14.32 -18.84 5.14
C LYS A 193 15.28 -19.56 4.23
N LEU A 194 14.98 -19.64 2.94
CA LEU A 194 15.86 -20.36 2.05
C LEU A 194 17.19 -19.65 1.91
N TYR A 195 17.15 -18.32 1.75
CA TYR A 195 18.38 -17.54 1.62
C TYR A 195 19.16 -17.49 2.92
N GLU A 196 18.50 -17.16 4.02
CA GLU A 196 19.23 -17.01 5.27
C GLU A 196 19.76 -18.34 5.80
N ASN A 197 19.20 -19.46 5.38
CA ASN A 197 19.76 -20.75 5.76
C ASN A 197 20.61 -21.35 4.66
N ARG A 198 20.78 -20.62 3.56
CA ARG A 198 21.66 -20.98 2.45
C ARG A 198 21.34 -22.37 1.90
N ILE A 199 20.04 -22.60 1.66
CA ILE A 199 19.56 -23.87 1.09
C ILE A 199 18.73 -23.56 -0.15
N GLU A 200 18.63 -24.55 -1.03
CA GLU A 200 17.82 -24.46 -2.23
C GLU A 200 16.57 -25.31 -2.18
N LYS A 201 16.39 -26.11 -1.13
CA LYS A 201 15.21 -26.94 -0.93
C LYS A 201 14.86 -26.89 0.55
N MET A 202 13.58 -26.75 0.85
CA MET A 202 13.13 -26.62 2.22
C MET A 202 11.85 -27.42 2.33
N LEU A 203 11.81 -28.35 3.29
CA LEU A 203 10.69 -29.26 3.43
C LEU A 203 9.55 -28.62 4.21
N VAL A 204 8.32 -29.05 3.91
CA VAL A 204 7.11 -28.42 4.44
C VAL A 204 6.37 -29.43 5.30
N VAL A 205 6.32 -29.16 6.61
CA VAL A 205 5.65 -30.05 7.55
C VAL A 205 4.39 -29.39 8.09
N ASP A 206 3.64 -30.13 8.89
CA ASP A 206 2.45 -29.57 9.55
C ASP A 206 2.61 -29.62 11.05
N GLU A 207 1.47 -29.53 11.77
CA GLU A 207 1.49 -29.40 13.21
C GLU A 207 2.20 -30.58 13.88
N ASN A 208 2.06 -31.77 13.31
CA ASN A 208 2.62 -32.99 13.88
C ASN A 208 3.91 -33.40 13.22
N PHE A 209 4.55 -32.48 12.49
CA PHE A 209 5.80 -32.75 11.80
C PHE A 209 5.65 -33.88 10.78
N TYR A 210 4.49 -33.94 10.12
CA TYR A 210 4.31 -34.85 9.00
C TYR A 210 4.65 -34.10 7.72
N LEU A 211 5.32 -34.78 6.81
CA LEU A 211 5.76 -34.14 5.59
C LEU A 211 4.56 -33.80 4.69
N ARG A 212 4.51 -32.55 4.23
CA ARG A 212 3.45 -32.09 3.34
C ARG A 212 3.94 -31.70 1.95
N GLY A 213 5.23 -31.40 1.78
CA GLY A 213 5.76 -31.01 0.48
C GLY A 213 7.15 -30.43 0.62
N LEU A 214 7.62 -29.73 -0.41
CA LEU A 214 8.86 -28.97 -0.35
C LEU A 214 8.76 -27.72 -1.22
N VAL A 215 9.68 -26.77 -0.99
CA VAL A 215 9.76 -25.54 -1.77
C VAL A 215 11.22 -25.17 -2.07
N THR A 216 11.47 -24.72 -3.31
CA THR A 216 12.73 -24.17 -3.83
C THR A 216 12.51 -22.71 -4.24
N PHE A 217 13.63 -22.02 -4.47
CA PHE A 217 13.53 -20.65 -4.97
C PHE A 217 12.74 -20.61 -6.26
N ARG A 218 12.91 -21.63 -7.10
CA ARG A 218 12.24 -21.70 -8.40
C ARG A 218 10.74 -21.98 -8.33
N ASP A 219 10.31 -22.97 -7.54
CA ASP A 219 8.88 -23.25 -7.45
C ASP A 219 8.11 -22.12 -6.81
N ILE A 220 8.73 -21.35 -5.92
CA ILE A 220 8.06 -20.16 -5.39
C ILE A 220 8.01 -19.11 -6.48
N GLU A 221 8.95 -19.16 -7.41
CA GLU A 221 8.96 -18.23 -8.53
C GLU A 221 7.88 -18.53 -9.56
N LYS A 222 7.65 -19.80 -9.89
CA LYS A 222 6.62 -20.05 -10.92
C LYS A 222 5.21 -20.08 -10.34
N ALA A 223 5.06 -20.01 -9.01
CA ALA A 223 3.75 -19.97 -8.40
C ALA A 223 2.94 -18.80 -8.92
N GLU A 224 1.81 -19.12 -9.56
CA GLU A 224 0.94 -18.10 -10.14
C GLU A 224 0.53 -17.06 -9.11
N ARG A 225 0.55 -15.80 -9.53
CA ARG A 225 0.29 -14.69 -8.63
C ARG A 225 -1.16 -14.28 -8.77
N LYS A 226 -1.99 -14.54 -7.73
CA LYS A 226 -3.42 -14.18 -7.71
C LYS A 226 -3.74 -13.04 -6.77
N PRO A 227 -3.54 -11.78 -7.20
CA PRO A 227 -3.67 -10.65 -6.26
C PRO A 227 -5.05 -10.43 -5.70
N ASN A 228 -6.08 -11.05 -6.30
CA ASN A 228 -7.46 -10.84 -5.89
C ASN A 228 -7.97 -12.02 -5.11
N ALA A 229 -7.06 -12.86 -4.62
CA ALA A 229 -7.45 -14.03 -3.86
C ALA A 229 -8.31 -13.58 -2.71
N CYS A 230 -9.39 -14.29 -2.49
CA CYS A 230 -10.13 -14.08 -1.27
C CYS A 230 -9.45 -14.96 -0.24
N LYS A 231 -8.74 -14.34 0.68
CA LYS A 231 -8.02 -15.09 1.69
C LYS A 231 -8.60 -14.73 3.04
N ASP A 232 -8.33 -15.56 4.03
CA ASP A 232 -8.86 -15.36 5.37
C ASP A 232 -7.94 -14.44 6.15
N GLU A 233 -8.19 -14.29 7.46
CA GLU A 233 -7.30 -13.48 8.25
C GLU A 233 -5.94 -14.13 8.36
N GLN A 234 -5.79 -15.29 7.75
CA GLN A 234 -4.57 -16.06 7.81
C GLN A 234 -4.03 -16.39 6.43
N GLY A 235 -4.53 -15.73 5.40
CA GLY A 235 -3.96 -15.88 4.08
C GLY A 235 -4.25 -17.19 3.41
N ARG A 236 -5.05 -18.04 4.03
CA ARG A 236 -5.54 -19.22 3.36
C ARG A 236 -6.73 -18.85 2.53
N LEU A 237 -6.86 -19.53 1.41
CA LEU A 237 -8.04 -19.32 0.61
C LEU A 237 -9.28 -19.64 1.43
N ARG A 238 -10.33 -18.86 1.20
CA ARG A 238 -11.60 -19.05 1.89
C ARG A 238 -12.40 -20.10 1.13
N VAL A 239 -13.11 -20.94 1.88
CA VAL A 239 -13.89 -22.01 1.29
C VAL A 239 -15.21 -22.10 2.04
N GLY A 240 -16.26 -22.35 1.27
CA GLY A 240 -17.56 -22.70 1.79
C GLY A 240 -17.82 -24.18 1.53
N ALA A 241 -18.87 -24.67 2.15
CA ALA A 241 -19.28 -26.05 1.97
C ALA A 241 -20.76 -26.12 2.30
N ALA A 242 -21.49 -26.92 1.54
CA ALA A 242 -22.94 -26.95 1.64
C ALA A 242 -23.39 -28.25 2.27
N VAL A 243 -24.42 -28.17 3.11
CA VAL A 243 -25.08 -29.34 3.68
C VAL A 243 -26.57 -29.12 3.56
N GLY A 244 -27.35 -30.21 3.77
CA GLY A 244 -28.79 -30.13 3.72
C GLY A 244 -29.38 -29.83 5.08
N ALA A 245 -30.67 -29.47 5.08
CA ALA A 245 -31.36 -29.11 6.31
C ALA A 245 -31.97 -30.29 7.05
N GLY A 246 -31.91 -31.49 6.47
CA GLY A 246 -32.42 -32.67 7.15
C GLY A 246 -31.70 -32.97 8.45
N ALA A 247 -32.29 -33.90 9.19
CA ALA A 247 -31.61 -34.44 10.36
C ALA A 247 -30.53 -35.41 9.92
N GLY A 248 -29.49 -35.53 10.74
CA GLY A 248 -28.40 -36.43 10.46
C GLY A 248 -27.21 -35.78 9.79
N ASN A 249 -27.24 -34.46 9.61
CA ASN A 249 -26.13 -33.71 9.05
C ASN A 249 -25.20 -33.13 10.13
N GLU A 250 -25.56 -33.33 11.38
CA GLU A 250 -24.81 -32.72 12.47
C GLU A 250 -23.35 -33.16 12.42
N GLU A 251 -23.12 -34.45 12.13
CA GLU A 251 -21.77 -34.98 12.02
C GLU A 251 -21.04 -34.41 10.83
N ARG A 252 -21.75 -34.16 9.73
CA ARG A 252 -21.10 -33.55 8.59
C ARG A 252 -20.60 -32.16 8.92
N VAL A 253 -21.46 -31.33 9.47
CA VAL A 253 -21.10 -29.97 9.85
C VAL A 253 -19.85 -29.98 10.71
N ASP A 254 -19.89 -30.73 11.79
CA ASP A 254 -18.79 -30.72 12.72
C ASP A 254 -17.51 -31.10 12.01
N ALA A 255 -17.63 -31.97 11.02
CA ALA A 255 -16.46 -32.38 10.27
C ALA A 255 -15.91 -31.23 9.45
N LEU A 256 -16.79 -30.47 8.78
CA LEU A 256 -16.37 -29.35 7.96
C LEU A 256 -15.85 -28.22 8.83
N VAL A 257 -16.59 -27.86 9.87
CA VAL A 257 -16.13 -26.83 10.79
C VAL A 257 -14.75 -27.18 11.28
N ALA A 258 -14.55 -28.47 11.58
CA ALA A 258 -13.23 -29.00 11.92
C ALA A 258 -12.25 -28.83 10.78
N ALA A 259 -12.70 -29.10 9.53
CA ALA A 259 -11.87 -28.94 8.34
C ALA A 259 -11.59 -27.50 8.00
N GLY A 260 -12.08 -26.54 8.78
CA GLY A 260 -11.77 -25.14 8.55
C GLY A 260 -12.60 -24.46 7.49
N VAL A 261 -13.81 -24.97 7.23
CA VAL A 261 -14.64 -24.28 6.25
C VAL A 261 -14.88 -22.87 6.77
N ASP A 262 -14.86 -21.91 5.86
CA ASP A 262 -14.96 -20.52 6.27
C ASP A 262 -16.40 -20.15 6.55
N VAL A 263 -17.29 -20.52 5.65
CA VAL A 263 -18.72 -20.24 5.80
C VAL A 263 -19.49 -21.50 5.44
N LEU A 264 -20.54 -21.76 6.20
CA LEU A 264 -21.39 -22.93 6.03
C LEU A 264 -22.70 -22.60 5.31
N LEU A 265 -23.00 -23.39 4.28
CA LEU A 265 -24.20 -23.23 3.48
C LEU A 265 -25.28 -24.25 3.85
N ILE A 266 -26.34 -23.79 4.47
CA ILE A 266 -27.50 -24.61 4.78
C ILE A 266 -28.53 -24.39 3.68
N ASP A 267 -28.57 -25.29 2.71
CA ASP A 267 -29.41 -25.07 1.55
C ASP A 267 -30.58 -26.03 1.56
N SER A 268 -31.78 -25.49 1.40
CA SER A 268 -32.99 -26.27 1.24
C SER A 268 -33.77 -25.71 0.06
N SER A 269 -34.67 -26.52 -0.48
CA SER A 269 -35.52 -26.00 -1.52
C SER A 269 -36.58 -25.03 -1.01
N HIS A 270 -36.76 -24.92 0.33
CA HIS A 270 -37.69 -23.99 0.99
C HIS A 270 -37.02 -23.49 2.27
N GLY A 271 -36.29 -22.39 2.16
CA GLY A 271 -35.62 -21.84 3.34
C GLY A 271 -36.57 -21.37 4.42
N HIS A 272 -37.82 -21.08 4.09
CA HIS A 272 -38.84 -20.65 5.04
C HIS A 272 -39.58 -21.79 5.78
N SER A 273 -39.06 -23.01 5.74
CA SER A 273 -39.64 -24.12 6.49
C SER A 273 -39.22 -24.10 7.95
N GLU A 274 -40.17 -24.38 8.85
CA GLU A 274 -39.85 -24.41 10.28
C GLU A 274 -38.71 -25.35 10.64
N GLY A 275 -38.56 -26.47 9.93
CA GLY A 275 -37.45 -27.35 10.24
C GLY A 275 -36.10 -26.72 9.92
N VAL A 276 -36.02 -26.02 8.79
CA VAL A 276 -34.81 -25.29 8.46
C VAL A 276 -34.52 -24.27 9.55
N LEU A 277 -35.52 -23.46 9.88
CA LEU A 277 -35.36 -22.45 10.92
C LEU A 277 -34.87 -23.06 12.22
N GLN A 278 -35.26 -24.30 12.51
CA GLN A 278 -34.84 -24.90 13.75
C GLN A 278 -33.38 -25.38 13.68
N ARG A 279 -33.05 -26.23 12.70
CA ARG A 279 -31.67 -26.66 12.53
C ARG A 279 -30.73 -25.47 12.42
N ILE A 280 -31.19 -24.38 11.83
CA ILE A 280 -30.36 -23.20 11.84
C ILE A 280 -30.23 -22.64 13.25
N ARG A 281 -31.33 -22.60 14.01
CA ARG A 281 -31.21 -22.10 15.37
C ARG A 281 -30.22 -22.93 16.17
N GLU A 282 -30.21 -24.24 15.92
CA GLU A 282 -29.35 -25.17 16.63
C GLU A 282 -27.88 -25.00 16.28
N THR A 283 -27.56 -25.01 14.99
CA THR A 283 -26.17 -24.85 14.57
C THR A 283 -25.57 -23.54 15.09
N ARG A 284 -26.37 -22.50 15.20
CA ARG A 284 -25.89 -21.19 15.62
C ARG A 284 -25.54 -21.19 17.11
N ALA A 285 -26.41 -21.75 17.94
CA ALA A 285 -26.08 -21.86 19.35
C ALA A 285 -24.82 -22.70 19.51
N LYS A 286 -24.60 -23.65 18.60
CA LYS A 286 -23.44 -24.54 18.73
C LYS A 286 -22.14 -23.83 18.37
N TYR A 287 -22.12 -23.10 17.25
CA TYR A 287 -20.96 -22.37 16.77
C TYR A 287 -21.34 -20.91 16.79
N PRO A 288 -21.24 -20.24 17.95
CA PRO A 288 -21.72 -18.85 18.03
C PRO A 288 -21.01 -17.96 17.02
N ASP A 289 -19.81 -18.37 16.60
CA ASP A 289 -18.99 -17.55 15.72
C ASP A 289 -18.98 -18.02 14.27
N LEU A 290 -19.58 -19.16 13.94
CA LEU A 290 -19.45 -19.68 12.58
C LEU A 290 -20.35 -18.89 11.63
N GLN A 291 -19.77 -18.44 10.50
CA GLN A 291 -20.57 -17.76 9.46
C GLN A 291 -21.47 -18.75 8.74
N ILE A 292 -22.78 -18.48 8.76
CA ILE A 292 -23.82 -19.33 8.18
C ILE A 292 -24.67 -18.60 7.16
N ILE A 293 -24.90 -19.26 6.03
CA ILE A 293 -25.78 -18.82 4.96
C ILE A 293 -26.99 -19.75 4.90
N GLY A 294 -28.19 -19.18 5.02
CA GLY A 294 -29.43 -19.94 4.91
C GLY A 294 -30.20 -19.60 3.65
N GLY A 295 -30.87 -20.60 3.07
CA GLY A 295 -31.66 -20.39 1.86
C GLY A 295 -32.47 -21.62 1.52
N ASN A 296 -33.40 -21.45 0.58
CA ASN A 296 -33.61 -20.18 -0.11
C ASN A 296 -34.96 -19.58 0.26
N VAL A 297 -35.03 -18.26 0.30
CA VAL A 297 -36.30 -17.57 0.48
C VAL A 297 -36.51 -16.63 -0.70
N ALA A 298 -37.71 -16.04 -0.75
CA ALA A 298 -38.07 -15.07 -1.78
C ALA A 298 -39.04 -14.00 -1.28
N THR A 299 -39.10 -13.75 0.03
CA THR A 299 -40.07 -12.85 0.62
C THR A 299 -39.42 -12.08 1.76
N ALA A 300 -40.04 -10.96 2.14
CA ALA A 300 -39.59 -10.22 3.31
C ALA A 300 -39.71 -11.07 4.57
N ALA A 301 -40.80 -11.84 4.68
CA ALA A 301 -41.00 -12.67 5.87
C ALA A 301 -40.01 -13.81 5.91
N GLY A 302 -39.76 -14.43 4.78
CA GLY A 302 -38.77 -15.49 4.76
C GLY A 302 -37.39 -14.98 5.12
N ALA A 303 -37.13 -13.70 4.86
CA ALA A 303 -35.80 -13.15 5.08
C ALA A 303 -35.53 -12.85 6.55
N ARG A 304 -36.44 -12.14 7.23
CA ARG A 304 -36.25 -11.92 8.66
C ARG A 304 -36.21 -13.24 9.41
N ALA A 305 -37.06 -14.17 9.00
CA ALA A 305 -37.10 -15.47 9.67
C ALA A 305 -35.72 -16.10 9.68
N LEU A 306 -35.06 -16.14 8.52
CA LEU A 306 -33.71 -16.70 8.44
C LEU A 306 -32.72 -15.87 9.24
N ALA A 307 -32.85 -14.54 9.26
CA ALA A 307 -31.90 -13.73 9.99
C ALA A 307 -32.06 -13.95 11.48
N GLU A 308 -33.30 -13.96 11.97
CA GLU A 308 -33.51 -14.18 13.38
C GLU A 308 -33.02 -15.56 13.80
N ALA A 309 -33.22 -16.57 12.95
CA ALA A 309 -32.66 -17.88 13.22
C ALA A 309 -31.15 -17.80 13.39
N GLY A 310 -30.54 -16.77 12.82
CA GLY A 310 -29.16 -16.46 13.13
C GLY A 310 -28.25 -16.50 11.93
N CYS A 311 -28.81 -16.30 10.74
CA CYS A 311 -27.96 -16.37 9.56
C CYS A 311 -27.09 -15.14 9.48
N SER A 312 -25.92 -15.33 8.89
CA SER A 312 -24.98 -14.26 8.64
C SER A 312 -25.22 -13.63 7.29
N ALA A 313 -25.76 -14.42 6.37
CA ALA A 313 -26.24 -13.97 5.08
C ALA A 313 -27.50 -14.78 4.75
N VAL A 314 -28.27 -14.26 3.80
CA VAL A 314 -29.53 -14.82 3.34
C VAL A 314 -29.46 -15.01 1.83
N LYS A 315 -29.74 -16.23 1.35
CA LYS A 315 -29.76 -16.53 -0.09
C LYS A 315 -31.18 -16.56 -0.62
N VAL A 316 -31.40 -15.87 -1.73
CA VAL A 316 -32.72 -15.63 -2.27
C VAL A 316 -32.81 -16.29 -3.63
N GLY A 317 -33.86 -17.08 -3.82
CA GLY A 317 -34.07 -17.61 -5.17
C GLY A 317 -34.96 -18.82 -5.19
N ILE A 318 -36.27 -18.61 -5.20
CA ILE A 318 -37.24 -19.68 -5.28
C ILE A 318 -37.88 -19.52 -6.65
N GLY A 319 -37.53 -20.41 -7.59
CA GLY A 319 -38.10 -20.36 -8.90
C GLY A 319 -37.22 -19.99 -10.07
N PRO A 320 -36.25 -19.05 -9.90
CA PRO A 320 -35.50 -18.67 -11.07
C PRO A 320 -34.35 -19.56 -11.52
N GLY A 321 -33.98 -20.70 -10.91
CA GLY A 321 -32.83 -21.45 -11.38
C GLY A 321 -32.82 -21.68 -12.88
N SER A 322 -31.62 -21.92 -13.44
CA SER A 322 -31.46 -22.14 -14.88
C SER A 322 -32.42 -23.21 -15.37
N ILE A 323 -32.24 -24.44 -14.87
CA ILE A 323 -33.07 -25.61 -15.15
C ILE A 323 -34.26 -25.47 -14.19
N CYS A 324 -35.03 -24.38 -14.35
CA CYS A 324 -36.18 -24.09 -13.52
C CYS A 324 -37.29 -25.15 -13.58
N THR A 325 -37.25 -26.04 -12.60
CA THR A 325 -38.21 -27.13 -12.56
C THR A 325 -39.38 -26.84 -11.63
N THR A 326 -39.24 -25.89 -10.67
CA THR A 326 -40.36 -25.48 -9.82
C THR A 326 -41.41 -24.80 -10.69
N ARG A 327 -42.14 -23.86 -10.10
CA ARG A 327 -43.23 -23.20 -10.79
C ARG A 327 -44.02 -24.26 -11.51
N ILE A 328 -43.69 -24.42 -12.80
CA ILE A 328 -44.30 -25.39 -13.72
C ILE A 328 -44.86 -26.62 -13.03
N VAL A 329 -44.05 -27.18 -12.13
CA VAL A 329 -44.38 -28.41 -11.41
C VAL A 329 -45.18 -28.12 -10.15
N THR A 330 -44.80 -27.07 -9.41
CA THR A 330 -45.36 -26.69 -8.12
C THR A 330 -46.20 -25.42 -8.13
N GLY A 331 -46.05 -24.58 -9.14
CA GLY A 331 -46.70 -23.30 -9.31
C GLY A 331 -46.14 -22.16 -8.50
N VAL A 332 -45.13 -22.41 -7.67
CA VAL A 332 -44.55 -21.45 -6.75
C VAL A 332 -43.28 -20.83 -7.33
N GLY A 333 -43.04 -19.55 -7.03
CA GLY A 333 -41.84 -18.86 -7.47
C GLY A 333 -42.02 -17.36 -7.30
N VAL A 334 -40.91 -16.63 -7.45
CA VAL A 334 -40.93 -15.16 -7.56
C VAL A 334 -39.94 -14.67 -8.60
N PRO A 335 -40.35 -13.82 -9.54
CA PRO A 335 -39.38 -13.20 -10.44
C PRO A 335 -38.27 -12.58 -9.62
N GLN A 336 -37.05 -12.72 -10.14
CA GLN A 336 -35.92 -12.63 -9.23
C GLN A 336 -35.73 -11.22 -8.72
N ILE A 337 -36.05 -10.23 -9.54
CA ILE A 337 -35.77 -8.87 -9.13
C ILE A 337 -36.63 -8.49 -7.94
N THR A 338 -37.92 -8.79 -8.00
CA THR A 338 -38.81 -8.41 -6.91
C THR A 338 -38.41 -9.09 -5.63
N ALA A 339 -38.04 -10.37 -5.71
CA ALA A 339 -37.66 -11.13 -4.53
C ALA A 339 -36.48 -10.48 -3.82
N VAL A 340 -35.42 -10.15 -4.56
CA VAL A 340 -34.20 -9.58 -3.99
C VAL A 340 -34.49 -8.26 -3.29
N ALA A 341 -35.21 -7.36 -3.96
CA ALA A 341 -35.48 -6.04 -3.37
C ALA A 341 -36.29 -6.20 -2.09
N ASP A 342 -37.21 -7.15 -2.08
CA ASP A 342 -38.06 -7.35 -0.92
C ASP A 342 -37.27 -7.86 0.29
N ALA A 343 -36.39 -8.82 0.04
CA ALA A 343 -35.55 -9.32 1.12
C ALA A 343 -34.60 -8.23 1.59
N VAL A 344 -33.98 -7.53 0.64
CA VAL A 344 -33.06 -6.45 0.99
C VAL A 344 -33.76 -5.41 1.86
N GLU A 345 -34.94 -4.95 1.46
CA GLU A 345 -35.61 -3.94 2.25
C GLU A 345 -35.92 -4.43 3.66
N ALA A 346 -36.23 -5.72 3.83
CA ALA A 346 -36.59 -6.25 5.14
C ALA A 346 -35.40 -6.32 6.08
N LEU A 347 -34.20 -6.49 5.52
CA LEU A 347 -32.93 -6.53 6.23
C LEU A 347 -32.23 -5.20 6.23
N GLU A 348 -32.95 -4.08 6.04
CA GLU A 348 -32.26 -2.82 5.81
C GLU A 348 -31.37 -2.45 7.00
N GLY A 349 -31.68 -2.92 8.20
CA GLY A 349 -30.88 -2.52 9.35
C GLY A 349 -29.89 -3.51 9.94
N THR A 350 -29.92 -4.75 9.48
CA THR A 350 -29.22 -5.83 10.18
C THR A 350 -27.77 -6.03 9.78
N GLY A 351 -27.25 -5.36 8.75
CA GLY A 351 -25.90 -5.66 8.31
C GLY A 351 -25.72 -7.10 7.86
N ILE A 352 -26.83 -7.77 7.60
CA ILE A 352 -26.86 -9.14 7.09
C ILE A 352 -27.11 -9.07 5.58
N PRO A 353 -26.16 -9.47 4.76
CA PRO A 353 -26.30 -9.37 3.30
C PRO A 353 -27.22 -10.44 2.68
N VAL A 354 -27.72 -10.11 1.47
CA VAL A 354 -28.55 -10.98 0.62
C VAL A 354 -27.79 -11.41 -0.64
N ILE A 355 -28.01 -12.65 -1.08
CA ILE A 355 -27.38 -13.25 -2.25
C ILE A 355 -28.44 -13.54 -3.30
N ALA A 356 -28.20 -13.12 -4.54
CA ALA A 356 -29.10 -13.46 -5.65
C ALA A 356 -28.67 -14.79 -6.28
N ASP A 357 -29.52 -15.81 -6.17
CA ASP A 357 -29.16 -17.18 -6.52
C ASP A 357 -29.98 -17.75 -7.67
N GLY A 358 -29.32 -18.04 -8.78
CA GLY A 358 -29.96 -18.71 -9.90
C GLY A 358 -30.54 -17.72 -10.89
N GLY A 359 -30.60 -18.15 -12.15
CA GLY A 359 -31.22 -17.34 -13.18
C GLY A 359 -30.34 -16.28 -13.80
N ILE A 360 -29.05 -16.28 -13.48
CA ILE A 360 -28.15 -15.25 -13.97
C ILE A 360 -27.65 -15.76 -15.32
N ARG A 361 -28.09 -15.10 -16.39
CA ARG A 361 -27.80 -15.54 -17.74
C ARG A 361 -26.59 -14.81 -18.32
N PHE A 362 -26.57 -13.49 -18.22
CA PHE A 362 -25.52 -12.63 -18.71
C PHE A 362 -25.00 -11.75 -17.60
N SER A 363 -23.96 -10.97 -17.91
CA SER A 363 -23.42 -10.03 -16.94
C SER A 363 -24.42 -8.91 -16.63
N GLY A 364 -25.28 -8.55 -17.58
CA GLY A 364 -26.29 -7.55 -17.28
C GLY A 364 -27.18 -7.98 -16.14
N ASP A 365 -27.49 -9.28 -16.08
CA ASP A 365 -28.33 -9.79 -15.00
C ASP A 365 -27.65 -9.62 -13.64
N ILE A 366 -26.34 -9.84 -13.60
CA ILE A 366 -25.58 -9.59 -12.38
C ILE A 366 -25.79 -8.17 -11.91
N ALA A 367 -25.58 -7.22 -12.81
CA ALA A 367 -25.69 -5.82 -12.43
C ALA A 367 -27.07 -5.51 -11.88
N LYS A 368 -28.10 -6.00 -12.57
CA LYS A 368 -29.47 -5.78 -12.14
C LYS A 368 -29.70 -6.39 -10.78
N ALA A 369 -29.19 -7.60 -10.55
CA ALA A 369 -29.32 -8.27 -9.26
C ALA A 369 -28.81 -7.39 -8.13
N ILE A 370 -27.57 -6.91 -8.26
CA ILE A 370 -26.96 -6.10 -7.21
C ILE A 370 -27.71 -4.80 -7.01
N ALA A 371 -28.05 -4.13 -8.11
CA ALA A 371 -28.72 -2.84 -8.00
C ALA A 371 -30.08 -2.99 -7.33
N ALA A 372 -30.68 -4.17 -7.43
CA ALA A 372 -31.89 -4.50 -6.67
C ALA A 372 -31.64 -4.62 -5.17
N GLY A 373 -30.38 -4.68 -4.74
CA GLY A 373 -30.10 -4.73 -3.33
C GLY A 373 -29.14 -5.84 -2.98
N ALA A 374 -28.92 -6.76 -3.92
CA ALA A 374 -28.08 -7.91 -3.63
C ALA A 374 -26.66 -7.45 -3.31
N SER A 375 -26.02 -8.18 -2.40
CA SER A 375 -24.63 -7.92 -2.05
C SER A 375 -23.67 -8.79 -2.85
N ALA A 376 -24.14 -9.95 -3.29
CA ALA A 376 -23.39 -10.82 -4.16
C ALA A 376 -24.40 -11.65 -4.92
N VAL A 377 -23.90 -12.39 -5.90
CA VAL A 377 -24.73 -13.31 -6.67
C VAL A 377 -24.05 -14.68 -6.64
N MET A 378 -24.88 -15.71 -6.71
CA MET A 378 -24.47 -17.12 -6.85
C MET A 378 -24.87 -17.66 -8.21
N VAL A 379 -23.91 -18.27 -8.92
CA VAL A 379 -24.14 -18.76 -10.27
C VAL A 379 -23.76 -20.22 -10.41
N GLY A 380 -24.50 -20.94 -11.26
CA GLY A 380 -24.23 -22.34 -11.56
C GLY A 380 -24.00 -22.62 -13.02
N SER A 381 -25.00 -22.32 -13.84
CA SER A 381 -24.93 -22.65 -15.26
C SER A 381 -23.78 -21.94 -15.94
N MET A 382 -23.55 -20.71 -15.55
CA MET A 382 -22.50 -19.92 -16.18
C MET A 382 -21.13 -20.56 -16.00
N LEU A 383 -20.96 -21.36 -14.94
CA LEU A 383 -19.68 -21.93 -14.58
C LEU A 383 -19.53 -23.40 -14.92
N ALA A 384 -20.63 -24.15 -14.98
CA ALA A 384 -20.51 -25.57 -15.30
C ALA A 384 -19.89 -25.73 -16.67
N GLY A 385 -18.91 -26.62 -16.80
CA GLY A 385 -18.23 -26.83 -18.07
C GLY A 385 -16.88 -26.14 -18.25
N THR A 386 -16.52 -25.21 -17.38
CA THR A 386 -15.15 -24.71 -17.35
C THR A 386 -14.20 -25.84 -17.00
N GLU A 387 -12.96 -25.73 -17.48
CA GLU A 387 -11.91 -26.68 -17.16
C GLU A 387 -11.97 -27.13 -15.70
N GLU A 388 -12.02 -26.17 -14.77
CA GLU A 388 -11.89 -26.43 -13.33
C GLU A 388 -13.12 -27.04 -12.70
N SER A 389 -14.25 -27.04 -13.40
CA SER A 389 -15.43 -27.66 -12.85
C SER A 389 -15.23 -29.16 -12.89
N PRO A 390 -16.03 -29.92 -12.16
CA PRO A 390 -15.90 -31.37 -12.22
C PRO A 390 -16.20 -31.84 -13.63
N GLY A 391 -15.81 -33.08 -13.91
CA GLY A 391 -15.90 -33.65 -15.22
C GLY A 391 -14.56 -33.71 -15.92
N GLU A 392 -14.52 -34.56 -16.94
CA GLU A 392 -13.33 -34.79 -17.74
C GLU A 392 -13.48 -34.17 -19.12
N ILE A 393 -12.34 -33.76 -19.68
CA ILE A 393 -12.36 -33.25 -21.03
C ILE A 393 -12.65 -34.44 -21.93
N GLU A 394 -13.56 -34.24 -22.88
CA GLU A 394 -13.87 -35.28 -23.85
C GLU A 394 -14.12 -34.62 -25.18
N LEU A 395 -13.52 -35.21 -26.23
CA LEU A 395 -13.77 -34.75 -27.59
C LEU A 395 -14.97 -35.55 -28.12
N TYR A 396 -15.99 -34.85 -28.60
CA TYR A 396 -17.21 -35.51 -29.06
C TYR A 396 -17.65 -34.84 -30.34
N GLN A 397 -18.18 -35.64 -31.27
CA GLN A 397 -18.60 -35.07 -32.55
C GLN A 397 -17.36 -34.49 -33.21
N GLY A 398 -17.08 -33.20 -32.97
CA GLY A 398 -15.86 -32.53 -33.43
C GLY A 398 -15.49 -31.35 -32.55
N ARG A 399 -16.08 -31.31 -31.36
CA ARG A 399 -15.99 -30.26 -30.36
C ARG A 399 -15.60 -30.81 -28.98
N SER A 400 -15.16 -29.91 -28.11
CA SER A 400 -14.70 -30.23 -26.77
C SER A 400 -15.85 -30.07 -25.77
N TYR A 401 -16.00 -31.05 -24.89
CA TYR A 401 -17.00 -31.03 -23.85
C TYR A 401 -16.37 -31.54 -22.58
N LYS A 402 -17.04 -31.29 -21.47
CA LYS A 402 -16.61 -31.84 -20.20
C LYS A 402 -17.49 -33.05 -19.95
N SER A 403 -16.90 -34.23 -20.01
CA SER A 403 -17.63 -35.47 -19.83
C SER A 403 -17.64 -35.87 -18.36
N TYR A 404 -18.81 -36.23 -17.86
CA TYR A 404 -18.97 -36.69 -16.48
C TYR A 404 -18.82 -38.21 -16.40
N ARG A 439 -23.32 -34.50 -21.29
CA ARG A 439 -22.16 -33.63 -21.23
C ARG A 439 -22.43 -32.17 -21.52
N VAL A 440 -21.49 -31.36 -21.11
CA VAL A 440 -21.64 -29.93 -21.16
C VAL A 440 -20.58 -29.35 -22.08
N ALA A 441 -20.85 -28.14 -22.56
CA ALA A 441 -19.94 -27.48 -23.48
C ALA A 441 -18.75 -26.96 -22.72
N TYR A 442 -17.55 -27.33 -23.17
CA TYR A 442 -16.33 -26.83 -22.54
C TYR A 442 -16.21 -25.34 -22.78
N LYS A 443 -16.14 -24.57 -21.69
CA LYS A 443 -16.07 -23.12 -21.78
C LYS A 443 -14.67 -22.57 -21.54
N GLY A 444 -13.67 -23.43 -21.43
CA GLY A 444 -12.33 -22.95 -21.16
C GLY A 444 -12.16 -22.60 -19.69
N ARG A 445 -11.05 -21.92 -19.43
CA ARG A 445 -10.69 -21.62 -18.05
C ARG A 445 -11.66 -20.64 -17.40
N LEU A 446 -11.90 -20.86 -16.11
CA LEU A 446 -12.78 -20.00 -15.32
C LEU A 446 -12.34 -18.55 -15.36
N LYS A 447 -11.05 -18.31 -15.25
CA LYS A 447 -10.56 -16.94 -15.20
C LYS A 447 -11.05 -16.14 -16.39
N GLU A 448 -11.15 -16.77 -17.56
CA GLU A 448 -11.52 -16.00 -18.73
C GLU A 448 -12.96 -15.56 -18.60
N ILE A 449 -13.81 -16.48 -18.15
CA ILE A 449 -15.23 -16.17 -17.97
C ILE A 449 -15.40 -15.05 -16.98
N ILE A 450 -14.68 -15.11 -15.86
CA ILE A 450 -14.87 -14.12 -14.81
C ILE A 450 -14.52 -12.76 -15.36
N HIS A 451 -13.46 -12.70 -16.14
CA HIS A 451 -13.06 -11.44 -16.70
C HIS A 451 -14.14 -10.88 -17.60
N GLN A 452 -14.68 -11.71 -18.48
CA GLN A 452 -15.76 -11.27 -19.35
C GLN A 452 -16.94 -10.80 -18.54
N GLN A 453 -17.28 -11.56 -17.49
CA GLN A 453 -18.46 -11.20 -16.71
C GLN A 453 -18.21 -9.94 -15.92
N MET A 454 -17.05 -9.81 -15.30
CA MET A 454 -16.77 -8.60 -14.55
C MET A 454 -16.48 -7.43 -15.44
N GLY A 455 -15.86 -7.69 -16.59
CA GLY A 455 -15.84 -6.67 -17.61
C GLY A 455 -17.22 -6.07 -17.77
N GLY A 456 -18.23 -6.92 -17.90
CA GLY A 456 -19.58 -6.41 -18.07
C GLY A 456 -20.03 -5.57 -16.90
N LEU A 457 -19.84 -6.08 -15.68
CA LEU A 457 -20.26 -5.36 -14.49
C LEU A 457 -19.55 -4.02 -14.35
N ARG A 458 -18.26 -3.96 -14.65
CA ARG A 458 -17.55 -2.70 -14.52
C ARG A 458 -18.16 -1.65 -15.43
N SER A 459 -18.41 -2.02 -16.69
CA SER A 459 -19.07 -1.13 -17.64
C SER A 459 -20.37 -0.59 -17.09
N CYS A 460 -21.16 -1.47 -16.48
CA CYS A 460 -22.41 -1.02 -15.93
C CYS A 460 -22.15 0.03 -14.86
N MET A 461 -21.22 -0.24 -13.97
CA MET A 461 -20.95 0.72 -12.90
C MET A 461 -20.36 1.99 -13.45
N GLY A 462 -19.55 1.86 -14.50
CA GLY A 462 -19.07 3.06 -15.15
C GLY A 462 -20.21 3.86 -15.72
N LEU A 463 -21.17 3.17 -16.33
CA LEU A 463 -22.28 3.89 -16.92
C LEU A 463 -23.17 4.50 -15.85
N THR A 464 -23.29 3.86 -14.71
CA THR A 464 -24.24 4.29 -13.69
C THR A 464 -23.64 5.19 -12.64
N GLY A 465 -22.37 5.53 -12.73
CA GLY A 465 -21.77 6.43 -11.75
C GLY A 465 -21.71 5.83 -10.37
N CYS A 466 -21.49 4.52 -10.27
CA CYS A 466 -21.37 3.84 -8.99
C CYS A 466 -19.98 3.22 -9.01
N GLY A 467 -19.10 3.76 -8.15
CA GLY A 467 -17.72 3.29 -8.04
C GLY A 467 -17.56 2.05 -7.19
N THR A 468 -18.52 1.78 -6.32
CA THR A 468 -18.46 0.65 -5.43
C THR A 468 -19.73 -0.15 -5.57
N ILE A 469 -19.61 -1.42 -5.23
CA ILE A 469 -20.76 -2.31 -5.22
C ILE A 469 -21.87 -1.69 -4.38
N ASP A 470 -21.51 -1.21 -3.19
CA ASP A 470 -22.49 -0.66 -2.26
C ASP A 470 -23.18 0.58 -2.80
N GLU A 471 -22.47 1.40 -3.59
CA GLU A 471 -23.16 2.53 -4.19
C GLU A 471 -24.15 2.05 -5.23
N LEU A 472 -23.76 1.04 -5.99
CA LEU A 472 -24.66 0.44 -6.96
C LEU A 472 -25.91 -0.11 -6.29
N ARG A 473 -25.75 -0.73 -5.12
CA ARG A 473 -26.89 -1.33 -4.46
C ARG A 473 -27.87 -0.31 -3.95
N THR A 474 -27.49 0.95 -3.90
CA THR A 474 -28.27 1.92 -3.16
C THR A 474 -28.57 3.12 -4.05
N LYS A 475 -27.67 3.40 -4.97
CA LYS A 475 -27.80 4.63 -5.71
C LYS A 475 -28.40 4.41 -7.11
N ALA A 476 -28.14 3.27 -7.71
CA ALA A 476 -28.64 2.99 -9.05
C ALA A 476 -30.17 2.84 -9.08
N GLU A 477 -30.77 3.38 -10.15
CA GLU A 477 -32.21 3.38 -10.45
C GLU A 477 -32.56 2.50 -11.66
N PHE A 478 -33.84 2.14 -11.74
CA PHE A 478 -34.35 1.29 -12.78
C PHE A 478 -35.42 1.99 -13.59
N VAL A 479 -35.61 1.52 -14.81
CA VAL A 479 -36.86 1.73 -15.53
C VAL A 479 -37.46 0.37 -15.83
N ARG A 480 -38.77 0.31 -15.79
CA ARG A 480 -39.48 -0.87 -16.21
C ARG A 480 -39.74 -0.80 -17.71
N ILE A 481 -39.65 -1.94 -18.39
CA ILE A 481 -39.79 -2.02 -19.84
C ILE A 481 -40.71 -3.17 -20.22
N SER A 482 -41.22 -3.14 -21.46
CA SER A 482 -41.98 -4.21 -22.09
C SER A 482 -41.10 -5.00 -23.08
N GLY A 483 -41.71 -5.95 -23.80
CA GLY A 483 -41.00 -6.76 -24.78
C GLY A 483 -40.47 -6.09 -26.05
N SER B 19 36.12 -27.23 28.67
CA SER B 19 35.57 -26.50 27.48
C SER B 19 35.01 -24.98 27.76
N HIS B 20 34.99 -24.41 28.98
CA HIS B 20 34.41 -23.13 29.47
C HIS B 20 35.34 -21.96 29.25
N MET B 21 34.73 -20.89 28.76
CA MET B 21 35.46 -19.66 28.78
C MET B 21 34.52 -18.46 28.96
N LEU B 22 35.15 -17.31 29.11
CA LEU B 22 34.48 -16.02 29.01
C LEU B 22 34.13 -15.74 27.56
N ARG B 23 32.85 -15.75 27.23
CA ARG B 23 32.39 -15.73 25.83
C ARG B 23 32.13 -14.28 25.40
N ILE B 24 33.17 -13.63 24.87
CA ILE B 24 33.07 -12.25 24.41
C ILE B 24 33.05 -12.27 22.90
N ALA B 25 31.87 -11.96 22.35
CA ALA B 25 31.67 -12.03 20.90
C ALA B 25 32.66 -11.11 20.20
N LYS B 26 32.84 -9.90 20.73
CA LYS B 26 33.67 -8.88 20.11
C LYS B 26 33.74 -7.67 21.02
N GLU B 27 34.40 -6.62 20.54
CA GLU B 27 34.39 -5.30 21.15
C GLU B 27 33.25 -4.51 20.54
N ALA B 28 32.62 -3.66 21.35
CA ALA B 28 31.44 -2.93 20.88
C ALA B 28 31.54 -1.45 21.25
N LEU B 29 31.21 -0.61 20.28
CA LEU B 29 31.46 0.82 20.34
C LEU B 29 30.16 1.61 20.41
N THR B 30 30.20 2.71 21.16
CA THR B 30 29.07 3.61 21.24
C THR B 30 29.48 4.92 20.56
N PHE B 31 28.60 5.92 20.64
CA PHE B 31 28.82 7.17 19.91
C PHE B 31 30.15 7.81 20.26
N ASP B 32 30.47 7.88 21.54
CA ASP B 32 31.66 8.59 21.96
C ASP B 32 32.97 7.89 21.65
N ASP B 33 32.94 6.75 20.98
CA ASP B 33 34.16 6.00 20.72
C ASP B 33 34.73 6.31 19.35
N VAL B 34 33.95 6.99 18.50
CA VAL B 34 34.27 7.20 17.09
C VAL B 34 34.02 8.65 16.72
N LEU B 35 34.79 9.12 15.73
CA LEU B 35 34.47 10.34 15.03
C LEU B 35 34.45 10.08 13.53
N LEU B 36 33.71 10.94 12.85
CA LEU B 36 33.60 10.92 11.40
C LEU B 36 34.72 11.72 10.80
N VAL B 37 35.36 11.15 9.78
CA VAL B 37 36.48 11.73 9.05
C VAL B 37 36.01 12.71 7.98
N PRO B 38 36.61 13.90 7.89
CA PRO B 38 36.25 14.82 6.81
C PRO B 38 36.92 14.39 5.50
N ALA B 39 36.19 14.60 4.40
CA ALA B 39 36.63 14.16 3.10
C ALA B 39 36.49 15.29 2.11
N HIS B 40 37.01 15.07 0.91
CA HIS B 40 36.70 15.91 -0.23
C HIS B 40 35.20 16.05 -0.38
N SER B 41 34.74 17.24 -0.74
CA SER B 41 33.31 17.51 -0.65
C SER B 41 32.90 18.55 -1.67
N THR B 42 31.84 18.25 -2.43
CA THR B 42 31.14 19.22 -3.28
C THR B 42 29.76 19.57 -2.70
N VAL B 43 29.60 19.41 -1.38
CA VAL B 43 28.30 19.46 -0.70
C VAL B 43 28.25 20.69 0.21
N LEU B 44 27.34 21.69 -0.13
CA LEU B 44 27.08 22.70 0.89
C LEU B 44 25.94 22.32 1.82
N PRO B 45 26.07 22.72 3.09
CA PRO B 45 25.08 22.32 4.10
C PRO B 45 23.66 22.65 3.69
N ASN B 46 23.44 23.81 3.13
CA ASN B 46 22.08 24.10 2.69
C ASN B 46 21.66 23.34 1.43
N THR B 47 22.52 22.55 0.79
CA THR B 47 22.16 21.83 -0.44
C THR B 47 22.11 20.31 -0.25
N ALA B 48 22.13 19.83 0.99
CA ALA B 48 22.17 18.40 1.23
C ALA B 48 20.77 17.82 1.15
N ASP B 49 20.68 16.59 0.66
CA ASP B 49 19.40 15.90 0.52
C ASP B 49 19.09 15.10 1.76
N LEU B 50 18.22 15.63 2.59
CA LEU B 50 17.89 14.97 3.84
C LEU B 50 16.85 13.88 3.66
N SER B 51 16.32 13.70 2.46
CA SER B 51 15.29 12.69 2.33
C SER B 51 15.92 11.32 2.46
N THR B 52 15.06 10.34 2.71
CA THR B 52 15.49 8.96 2.84
C THR B 52 14.22 8.11 2.87
N GLN B 53 14.40 6.85 2.51
CA GLN B 53 13.32 5.87 2.47
C GLN B 53 13.12 5.25 3.85
N LEU B 54 11.91 5.34 4.40
CA LEU B 54 11.61 4.61 5.62
C LEU B 54 11.28 3.14 5.36
N THR B 55 10.48 2.85 4.36
CA THR B 55 10.34 1.51 3.85
C THR B 55 10.51 1.60 2.37
N LYS B 56 10.45 0.45 1.71
CA LYS B 56 10.52 0.44 0.26
C LYS B 56 9.53 1.45 -0.32
N THR B 57 8.42 1.70 0.37
CA THR B 57 7.37 2.53 -0.15
C THR B 57 7.23 3.91 0.50
N ILE B 58 7.74 4.11 1.70
CA ILE B 58 7.62 5.40 2.41
C ILE B 58 8.94 6.16 2.31
N ARG B 59 8.88 7.41 1.89
CA ARG B 59 10.08 8.23 1.74
C ARG B 59 9.98 9.50 2.56
N LEU B 60 10.86 9.62 3.55
CA LEU B 60 10.86 10.79 4.40
C LEU B 60 11.57 11.93 3.71
N ASN B 61 11.32 13.13 4.21
CA ASN B 61 12.03 14.31 3.75
C ASN B 61 13.19 14.65 4.65
N ILE B 62 13.01 14.48 5.95
CA ILE B 62 14.12 14.45 6.88
C ILE B 62 14.12 13.05 7.46
N PRO B 63 15.25 12.52 7.86
CA PRO B 63 15.30 11.15 8.40
C PRO B 63 15.01 11.09 9.90
N MET B 64 13.85 11.63 10.33
CA MET B 64 13.57 11.74 11.76
C MET B 64 12.21 11.17 12.15
N LEU B 65 12.19 10.37 13.22
CA LEU B 65 10.98 9.83 13.83
C LEU B 65 10.83 10.22 15.30
N SER B 66 9.59 10.48 15.74
CA SER B 66 9.33 10.78 17.15
C SER B 66 8.85 9.55 17.91
N ALA B 67 9.38 9.38 19.12
CA ALA B 67 9.12 8.18 19.90
C ALA B 67 7.67 8.14 20.35
N ALA B 68 7.13 6.91 20.38
CA ALA B 68 5.76 6.68 20.80
C ALA B 68 5.69 6.69 22.34
N MET B 69 6.03 7.84 22.91
CA MET B 69 6.00 8.01 24.34
C MET B 69 4.89 9.01 24.62
N ASP B 70 4.17 8.75 25.70
CA ASP B 70 3.02 9.57 26.05
C ASP B 70 3.41 11.01 26.28
N THR B 71 4.67 11.24 26.60
CA THR B 71 5.19 12.57 26.78
C THR B 71 5.73 13.17 25.49
N VAL B 72 5.72 12.42 24.39
CA VAL B 72 6.36 12.91 23.18
C VAL B 72 5.38 13.02 22.03
N THR B 73 4.78 11.91 21.60
CA THR B 73 4.04 11.93 20.35
C THR B 73 2.55 11.73 20.57
N GLU B 74 1.80 12.78 20.30
CA GLU B 74 0.38 12.65 20.04
C GLU B 74 0.08 13.40 18.75
N ALA B 75 -1.20 13.47 18.39
CA ALA B 75 -1.61 14.04 17.12
C ALA B 75 -0.99 15.42 16.90
N ARG B 76 -0.87 16.21 17.98
CA ARG B 76 -0.39 17.56 17.81
C ARG B 76 1.03 17.56 17.29
N LEU B 77 1.89 16.84 17.98
CA LEU B 77 3.27 16.78 17.55
C LEU B 77 3.43 15.95 16.27
N ALA B 78 2.71 14.82 16.19
CA ALA B 78 2.86 13.95 15.03
C ALA B 78 2.47 14.66 13.75
N ILE B 79 1.63 15.68 13.86
CA ILE B 79 1.38 16.55 12.74
C ILE B 79 2.58 17.43 12.47
N ALA B 80 3.03 18.16 13.49
CA ALA B 80 4.13 19.10 13.32
C ALA B 80 5.34 18.43 12.69
N LEU B 81 5.61 17.19 13.09
CA LEU B 81 6.76 16.48 12.58
C LEU B 81 6.57 16.06 11.13
N ALA B 82 5.37 15.63 10.77
CA ALA B 82 5.16 15.24 9.39
C ALA B 82 5.36 16.44 8.46
N GLN B 83 4.85 17.59 8.89
CA GLN B 83 5.05 18.83 8.14
C GLN B 83 6.51 19.15 7.94
N GLU B 84 7.39 18.65 8.79
CA GLU B 84 8.79 18.99 8.68
C GLU B 84 9.58 17.96 7.88
N GLY B 85 8.95 16.86 7.47
CA GLY B 85 9.59 15.89 6.62
C GLY B 85 9.62 14.50 7.20
N GLY B 86 9.41 14.38 8.51
CA GLY B 86 9.41 13.13 9.21
C GLY B 86 8.01 12.64 9.53
N ILE B 87 7.95 11.59 10.38
CA ILE B 87 6.70 10.91 10.75
C ILE B 87 6.61 10.79 12.28
N GLY B 88 5.42 11.10 12.86
CA GLY B 88 5.17 10.84 14.26
C GLY B 88 4.46 9.51 14.52
N PHE B 89 4.67 8.95 15.72
CA PHE B 89 4.09 7.67 16.12
C PHE B 89 3.26 7.83 17.37
N ILE B 90 1.94 7.81 17.19
CA ILE B 90 1.07 7.96 18.34
C ILE B 90 1.36 6.82 19.30
N HIS B 91 1.59 7.15 20.57
CA HIS B 91 1.82 6.15 21.58
C HIS B 91 0.52 5.40 21.89
N LYS B 92 0.69 4.22 22.46
CA LYS B 92 -0.37 3.26 22.71
C LYS B 92 -0.90 3.32 24.14
N ASN B 93 -0.45 4.28 24.94
CA ASN B 93 -0.97 4.40 26.29
C ASN B 93 -2.30 5.14 26.28
N MET B 94 -3.23 4.61 25.50
CA MET B 94 -4.53 5.23 25.33
C MET B 94 -5.47 4.24 24.66
N SER B 95 -6.77 4.55 24.78
CA SER B 95 -7.85 3.73 24.27
C SER B 95 -7.76 3.55 22.76
N ILE B 96 -8.34 2.45 22.30
CA ILE B 96 -8.38 2.19 20.87
C ILE B 96 -9.13 3.30 20.13
N GLU B 97 -10.33 3.65 20.61
CA GLU B 97 -11.15 4.65 19.93
C GLU B 97 -10.48 6.03 19.87
N ARG B 98 -9.52 6.32 20.75
CA ARG B 98 -8.84 7.60 20.75
C ARG B 98 -7.56 7.59 19.96
N GLN B 99 -6.78 6.51 20.09
CA GLN B 99 -5.59 6.38 19.28
C GLN B 99 -5.96 6.37 17.81
N ALA B 100 -6.99 5.62 17.44
CA ALA B 100 -7.44 5.64 16.05
C ALA B 100 -7.85 7.04 15.63
N GLU B 101 -8.42 7.82 16.54
CA GLU B 101 -8.77 9.19 16.20
C GLU B 101 -7.54 10.07 16.03
N GLU B 102 -6.56 9.91 16.93
CA GLU B 102 -5.32 10.67 16.80
C GLU B 102 -4.73 10.46 15.41
N VAL B 103 -4.76 9.22 14.93
CA VAL B 103 -4.33 8.91 13.58
C VAL B 103 -5.17 9.66 12.56
N ARG B 104 -6.48 9.67 12.77
CA ARG B 104 -7.38 10.41 11.87
C ARG B 104 -7.10 11.91 11.94
N ARG B 105 -6.84 12.44 13.14
CA ARG B 105 -6.49 13.85 13.26
C ARG B 105 -5.36 14.20 12.31
N VAL B 106 -4.36 13.32 12.22
CA VAL B 106 -3.22 13.60 11.36
C VAL B 106 -3.56 13.37 9.90
N LYS B 107 -4.16 12.22 9.58
CA LYS B 107 -4.40 11.91 8.19
C LYS B 107 -5.22 13.01 7.53
N LYS B 108 -6.18 13.56 8.24
CA LYS B 108 -7.09 14.55 7.68
C LYS B 108 -6.61 15.98 7.80
N HIS B 109 -5.46 16.23 8.41
CA HIS B 109 -5.07 17.61 8.71
C HIS B 109 -4.73 18.37 7.45
N GLU B 110 -5.52 19.39 7.14
CA GLU B 110 -5.18 20.44 6.19
C GLU B 110 -5.39 21.74 6.96
N SER B 111 -4.30 22.45 7.24
CA SER B 111 -4.36 23.54 8.21
C SER B 111 -5.15 24.74 7.70
N ALA B 112 -5.19 24.94 6.39
CA ALA B 112 -5.93 26.08 5.88
C ALA B 112 -7.43 25.87 5.93
N ILE B 113 -7.87 24.61 5.94
CA ILE B 113 -9.30 24.30 5.91
C ILE B 113 -9.84 24.49 7.32
N VAL B 114 -10.83 25.38 7.45
CA VAL B 114 -11.59 25.46 8.68
C VAL B 114 -12.47 24.21 8.71
N ARG B 115 -12.29 23.39 9.74
CA ARG B 115 -12.87 22.06 9.76
C ARG B 115 -14.17 21.97 10.54
N ASP B 116 -14.59 23.05 11.20
CA ASP B 116 -15.80 23.05 12.02
C ASP B 116 -16.38 24.45 12.09
N PRO B 117 -17.05 24.89 11.03
CA PRO B 117 -17.72 26.20 11.02
C PRO B 117 -19.16 26.14 11.51
N VAL B 118 -19.66 27.33 11.90
CA VAL B 118 -21.03 27.49 12.36
C VAL B 118 -21.99 27.36 11.18
N THR B 119 -22.99 26.51 11.32
CA THR B 119 -23.93 26.20 10.25
C THR B 119 -25.35 26.48 10.71
N VAL B 120 -26.29 26.34 9.77
CA VAL B 120 -27.73 26.42 10.03
C VAL B 120 -28.44 25.29 9.30
N THR B 121 -29.76 25.23 9.49
CA THR B 121 -30.64 24.25 8.91
C THR B 121 -31.82 24.94 8.24
N PRO B 122 -32.48 24.26 7.31
CA PRO B 122 -33.68 24.84 6.67
C PRO B 122 -34.79 25.17 7.64
N SER B 123 -34.88 24.45 8.77
CA SER B 123 -35.94 24.68 9.75
C SER B 123 -35.71 25.93 10.58
N THR B 124 -34.47 26.42 10.58
CA THR B 124 -34.09 27.54 11.44
C THR B 124 -34.83 28.81 11.05
N LYS B 125 -35.46 29.45 12.03
CA LYS B 125 -36.09 30.73 11.79
C LYS B 125 -35.05 31.68 11.24
N ILE B 126 -35.43 32.41 10.21
CA ILE B 126 -34.54 33.42 9.64
C ILE B 126 -34.06 34.39 10.71
N ILE B 127 -34.93 34.73 11.66
CA ILE B 127 -34.57 35.62 12.76
C ILE B 127 -33.39 35.06 13.54
N GLU B 128 -33.48 33.78 13.90
CA GLU B 128 -32.40 33.15 14.64
C GLU B 128 -31.11 33.17 13.86
N LEU B 129 -31.19 33.16 12.54
CA LEU B 129 -29.96 33.28 11.78
C LEU B 129 -29.35 34.65 12.01
N LEU B 130 -30.17 35.71 11.95
CA LEU B 130 -29.69 37.07 12.18
C LEU B 130 -29.10 37.25 13.55
N GLN B 131 -29.62 36.52 14.54
CA GLN B 131 -29.04 36.56 15.87
C GLN B 131 -27.61 36.07 15.84
N MET B 132 -27.38 34.93 15.20
CA MET B 132 -26.02 34.41 15.07
C MET B 132 -25.16 35.32 14.22
N ALA B 133 -25.75 35.98 13.23
CA ALA B 133 -25.00 36.90 12.40
C ALA B 133 -24.44 38.05 13.21
N ARG B 134 -25.17 38.49 14.25
CA ARG B 134 -24.78 39.65 15.04
C ARG B 134 -23.45 39.46 15.75
N GLU B 135 -22.91 38.24 15.80
CA GLU B 135 -21.58 38.07 16.36
C GLU B 135 -20.81 36.95 15.65
N TYR B 136 -21.15 36.68 14.40
CA TYR B 136 -20.39 35.74 13.58
C TYR B 136 -20.20 36.22 12.16
N GLY B 137 -20.84 37.31 11.76
CA GLY B 137 -20.62 37.90 10.46
C GLY B 137 -21.38 37.21 9.34
N PHE B 138 -21.62 37.99 8.30
CA PHE B 138 -22.28 37.55 7.06
C PHE B 138 -21.27 36.94 6.09
N SER B 139 -20.29 36.20 6.61
CA SER B 139 -19.33 35.53 5.74
C SER B 139 -19.97 34.39 4.96
N GLY B 140 -21.01 33.77 5.52
CA GLY B 140 -21.67 32.64 4.89
C GLY B 140 -22.07 31.56 5.88
N PHE B 141 -23.36 31.29 6.02
CA PHE B 141 -23.83 30.22 6.89
C PHE B 141 -24.22 28.97 6.10
N PRO B 142 -23.49 27.86 6.23
CA PRO B 142 -23.88 26.62 5.55
C PRO B 142 -25.17 26.03 6.09
N VAL B 143 -26.03 25.58 5.18
CA VAL B 143 -27.30 24.97 5.54
C VAL B 143 -27.18 23.46 5.42
N VAL B 144 -27.41 22.77 6.50
CA VAL B 144 -27.34 21.31 6.50
C VAL B 144 -28.63 20.81 7.11
N GLU B 145 -29.12 19.70 6.59
CA GLU B 145 -30.24 19.02 7.20
C GLU B 145 -29.63 17.72 7.70
N GLN B 146 -29.36 17.69 9.01
CA GLN B 146 -28.70 16.55 9.64
C GLN B 146 -27.35 16.31 9.01
N GLY B 147 -26.52 17.37 9.01
CA GLY B 147 -25.15 17.27 8.55
C GLY B 147 -25.02 17.26 7.05
N GLU B 148 -26.07 16.86 6.34
CA GLU B 148 -26.03 16.82 4.90
C GLU B 148 -26.20 18.25 4.40
N LEU B 149 -25.21 18.71 3.65
CA LEU B 149 -25.20 20.07 3.14
C LEU B 149 -26.28 20.26 2.08
N VAL B 150 -27.14 21.26 2.27
CA VAL B 150 -28.24 21.52 1.35
C VAL B 150 -28.10 22.85 0.60
N GLY B 151 -27.39 23.81 1.16
CA GLY B 151 -27.20 25.09 0.50
C GLY B 151 -26.48 26.03 1.43
N ILE B 152 -26.47 27.30 1.05
CA ILE B 152 -25.79 28.32 1.84
C ILE B 152 -26.55 29.61 1.70
N VAL B 153 -26.52 30.43 2.74
CA VAL B 153 -27.20 31.72 2.73
C VAL B 153 -26.15 32.81 2.81
N THR B 154 -26.19 33.75 1.87
CA THR B 154 -25.23 34.82 1.74
C THR B 154 -25.94 36.17 1.90
N GLY B 155 -25.14 37.24 2.02
CA GLY B 155 -25.71 38.55 2.21
C GLY B 155 -26.59 39.00 1.05
N ARG B 156 -26.26 38.57 -0.17
CA ARG B 156 -27.16 38.85 -1.27
C ARG B 156 -28.45 38.05 -1.13
N ASP B 157 -28.34 36.85 -0.54
CA ASP B 157 -29.53 36.04 -0.32
C ASP B 157 -30.42 36.68 0.71
N LEU B 158 -29.84 37.40 1.65
CA LEU B 158 -30.58 37.97 2.76
C LEU B 158 -31.07 39.38 2.53
N ARG B 159 -30.43 40.11 1.64
CA ARG B 159 -30.90 41.48 1.47
C ARG B 159 -32.15 41.52 0.64
N VAL B 160 -32.49 40.42 -0.04
CA VAL B 160 -33.74 40.40 -0.79
C VAL B 160 -34.85 40.45 0.24
N LYS B 161 -35.66 41.51 0.18
CA LYS B 161 -36.64 41.77 1.23
C LYS B 161 -37.98 41.07 1.07
N PRO B 162 -38.60 41.04 -0.15
CA PRO B 162 -39.95 40.46 -0.30
C PRO B 162 -40.31 39.19 0.46
N ASN B 163 -39.58 38.08 0.25
CA ASN B 163 -40.06 36.74 0.59
C ASN B 163 -40.78 36.66 1.94
N ALA B 164 -40.06 36.90 3.04
CA ALA B 164 -40.58 36.75 4.40
C ALA B 164 -41.13 35.33 4.61
N GLY B 165 -40.19 34.38 4.55
CA GLY B 165 -40.45 32.96 4.67
C GLY B 165 -39.92 32.32 5.93
N ASP B 166 -39.64 33.14 6.94
CA ASP B 166 -39.58 32.69 8.33
C ASP B 166 -38.42 31.75 8.59
N THR B 167 -38.20 30.77 7.72
CA THR B 167 -37.09 29.86 7.95
C THR B 167 -36.13 29.94 6.78
N VAL B 168 -34.97 29.34 7.01
CA VAL B 168 -33.86 29.43 6.09
C VAL B 168 -34.20 28.91 4.71
N ALA B 169 -34.99 27.85 4.63
CA ALA B 169 -35.19 27.15 3.36
C ALA B 169 -35.58 28.08 2.22
N ALA B 170 -36.30 29.17 2.52
CA ALA B 170 -36.83 30.03 1.46
C ALA B 170 -35.77 30.94 0.83
N ILE B 171 -34.73 31.29 1.57
CA ILE B 171 -33.78 32.30 1.15
C ILE B 171 -32.40 31.74 0.83
N MET B 172 -32.10 30.52 1.23
CA MET B 172 -30.76 29.98 1.07
C MET B 172 -30.47 29.81 -0.41
N THR B 173 -29.19 29.77 -0.72
CA THR B 173 -28.83 29.41 -2.06
C THR B 173 -28.97 27.90 -2.21
N PRO B 174 -29.59 27.45 -3.27
CA PRO B 174 -29.85 26.01 -3.42
C PRO B 174 -28.58 25.19 -3.59
N LYS B 175 -28.74 23.87 -3.70
CA LYS B 175 -27.60 23.00 -3.89
C LYS B 175 -26.83 23.31 -5.17
N ASP B 176 -27.49 23.84 -6.21
CA ASP B 176 -26.87 23.93 -7.53
C ASP B 176 -25.80 25.01 -7.62
N LYS B 177 -26.02 26.17 -7.00
CA LYS B 177 -25.06 27.27 -7.07
C LYS B 177 -24.04 27.19 -5.97
N LEU B 178 -23.90 26.02 -5.36
CA LEU B 178 -22.85 25.79 -4.40
C LEU B 178 -21.59 25.46 -5.20
N VAL B 179 -20.49 26.11 -4.87
CA VAL B 179 -19.19 25.80 -5.45
C VAL B 179 -18.47 24.97 -4.42
N THR B 180 -18.39 23.66 -4.64
CA THR B 180 -17.80 22.78 -3.65
C THR B 180 -16.70 21.94 -4.24
N ALA B 181 -15.79 21.53 -3.38
CA ALA B 181 -14.81 20.53 -3.69
C ALA B 181 -14.92 19.46 -2.61
N ARG B 182 -14.69 18.22 -2.99
CA ARG B 182 -14.65 17.19 -1.98
C ARG B 182 -13.30 17.26 -1.25
N GLU B 183 -13.30 16.85 0.01
CA GLU B 183 -12.11 16.94 0.87
C GLU B 183 -10.95 16.06 0.41
N GLY B 184 -9.74 16.48 0.80
CA GLY B 184 -8.51 15.86 0.37
C GLY B 184 -7.99 16.36 -0.95
N THR B 185 -8.73 17.24 -1.62
CA THR B 185 -8.24 17.91 -2.81
C THR B 185 -7.04 18.78 -2.48
N PRO B 186 -5.99 18.78 -3.32
CA PRO B 186 -4.86 19.68 -3.12
C PRO B 186 -5.23 21.15 -2.99
N LEU B 187 -4.34 21.92 -2.36
CA LEU B 187 -4.64 23.32 -2.08
C LEU B 187 -4.43 24.20 -3.30
N GLU B 188 -3.38 23.98 -4.08
CA GLU B 188 -3.24 24.80 -5.28
C GLU B 188 -4.38 24.54 -6.25
N GLU B 189 -4.90 23.32 -6.26
CA GLU B 189 -6.06 23.01 -7.09
C GLU B 189 -7.31 23.69 -6.56
N MET B 190 -7.52 23.67 -5.24
CA MET B 190 -8.66 24.39 -4.67
C MET B 190 -8.54 25.90 -4.89
N LYS B 191 -7.35 26.46 -4.65
CA LYS B 191 -7.13 27.87 -4.91
C LYS B 191 -7.53 28.26 -6.33
N ALA B 192 -7.19 27.42 -7.32
CA ALA B 192 -7.58 27.71 -8.71
C ALA B 192 -9.09 27.68 -8.88
N LYS B 193 -9.77 26.73 -8.24
CA LYS B 193 -11.22 26.68 -8.30
C LYS B 193 -11.84 27.92 -7.67
N LEU B 194 -11.20 28.49 -6.64
CA LEU B 194 -11.64 29.78 -6.13
C LEU B 194 -11.38 30.85 -7.16
N TYR B 195 -10.28 30.74 -7.89
CA TYR B 195 -9.95 31.73 -8.91
C TYR B 195 -10.95 31.67 -10.05
N GLU B 196 -11.19 30.48 -10.60
CA GLU B 196 -12.04 30.38 -11.77
C GLU B 196 -13.49 30.75 -11.47
N ASN B 197 -13.89 30.60 -10.22
CA ASN B 197 -15.27 30.88 -9.83
C ASN B 197 -15.46 32.23 -9.18
N ARG B 198 -14.41 33.05 -9.14
CA ARG B 198 -14.54 34.42 -8.67
C ARG B 198 -15.17 34.49 -7.29
N ILE B 199 -14.70 33.62 -6.40
CA ILE B 199 -15.17 33.60 -5.02
C ILE B 199 -14.00 33.59 -4.06
N GLU B 200 -14.28 33.99 -2.83
CA GLU B 200 -13.33 33.87 -1.73
C GLU B 200 -13.71 32.80 -0.73
N LYS B 201 -14.82 32.10 -0.92
CA LYS B 201 -15.19 31.05 0.00
C LYS B 201 -15.75 29.86 -0.76
N MET B 202 -15.31 28.67 -0.35
CA MET B 202 -15.70 27.43 -1.01
C MET B 202 -15.86 26.31 0.00
N LEU B 203 -17.00 25.61 -0.06
CA LEU B 203 -17.30 24.55 0.88
C LEU B 203 -16.64 23.24 0.48
N VAL B 204 -16.36 22.42 1.47
CA VAL B 204 -15.62 21.18 1.30
C VAL B 204 -16.52 20.04 1.73
N VAL B 205 -16.96 19.24 0.77
CA VAL B 205 -17.86 18.16 1.13
C VAL B 205 -17.11 16.86 1.02
N ASP B 206 -17.79 15.77 1.28
CA ASP B 206 -17.19 14.47 1.11
C ASP B 206 -17.93 13.68 0.04
N GLU B 207 -17.79 12.35 0.07
CA GLU B 207 -18.37 11.49 -0.97
C GLU B 207 -19.88 11.64 -1.04
N ASN B 208 -20.52 11.79 0.13
CA ASN B 208 -21.97 11.84 0.23
C ASN B 208 -22.46 13.26 0.38
N PHE B 209 -21.63 14.23 0.02
CA PHE B 209 -21.98 15.63 0.12
C PHE B 209 -22.32 16.05 1.54
N TYR B 210 -21.64 15.48 2.52
CA TYR B 210 -21.73 15.96 3.87
C TYR B 210 -20.64 17.00 4.07
N LEU B 211 -20.96 18.04 4.82
CA LEU B 211 -20.01 19.13 5.02
C LEU B 211 -18.80 18.69 5.82
N ARG B 212 -17.61 19.01 5.30
CA ARG B 212 -16.37 18.73 6.00
C ARG B 212 -15.64 20.00 6.44
N GLY B 213 -15.93 21.12 5.80
CA GLY B 213 -15.35 22.39 6.18
C GLY B 213 -15.52 23.40 5.06
N LEU B 214 -14.78 24.51 5.16
CA LEU B 214 -14.66 25.47 4.07
C LEU B 214 -13.27 26.07 4.10
N VAL B 215 -12.89 26.69 2.99
CA VAL B 215 -11.58 27.31 2.83
C VAL B 215 -11.72 28.66 2.15
N THR B 216 -10.92 29.63 2.59
CA THR B 216 -10.89 30.90 1.89
C THR B 216 -9.52 31.12 1.24
N PHE B 217 -9.55 31.95 0.20
CA PHE B 217 -8.33 32.39 -0.45
C PHE B 217 -7.44 33.09 0.56
N ARG B 218 -8.06 33.84 1.48
CA ARG B 218 -7.32 34.51 2.56
C ARG B 218 -6.57 33.50 3.41
N ASP B 219 -7.22 32.41 3.76
CA ASP B 219 -6.56 31.41 4.57
C ASP B 219 -5.46 30.70 3.79
N ILE B 220 -5.61 30.59 2.46
CA ILE B 220 -4.56 29.93 1.67
C ILE B 220 -3.34 30.84 1.52
N GLU B 221 -3.53 32.16 1.52
CA GLU B 221 -2.36 33.03 1.48
C GLU B 221 -1.62 32.97 2.81
N LYS B 222 -2.35 32.69 3.89
CA LYS B 222 -1.79 32.47 5.21
C LYS B 222 -1.19 31.08 5.37
N ALA B 223 -1.34 30.20 4.38
CA ALA B 223 -0.73 28.88 4.44
C ALA B 223 0.75 28.99 4.74
N GLU B 224 1.15 28.45 5.89
CA GLU B 224 2.53 28.56 6.37
C GLU B 224 3.59 28.03 5.42
N ARG B 225 3.20 27.18 4.47
CA ARG B 225 4.15 26.56 3.57
C ARG B 225 5.07 25.60 4.32
N LYS B 226 4.79 24.29 4.24
CA LYS B 226 5.69 23.30 4.80
C LYS B 226 6.22 22.51 3.62
N PRO B 227 7.21 23.07 2.93
CA PRO B 227 7.68 22.49 1.66
C PRO B 227 8.27 21.13 1.82
N ASN B 228 8.54 20.72 3.05
CA ASN B 228 9.17 19.45 3.29
C ASN B 228 8.23 18.47 3.95
N ALA B 229 6.93 18.77 3.95
CA ALA B 229 5.98 17.88 4.58
C ALA B 229 6.12 16.52 3.95
N CYS B 230 6.15 15.51 4.80
CA CYS B 230 6.15 14.14 4.34
C CYS B 230 4.71 13.74 4.11
N LYS B 231 4.31 13.62 2.85
CA LYS B 231 2.93 13.32 2.55
C LYS B 231 2.84 12.00 1.80
N ASP B 232 1.62 11.44 1.82
CA ASP B 232 1.37 10.14 1.22
C ASP B 232 1.07 10.33 -0.27
N GLU B 233 0.49 9.32 -0.90
CA GLU B 233 0.20 9.39 -2.32
C GLU B 233 -0.93 10.36 -2.64
N GLN B 234 -1.57 10.90 -1.62
CA GLN B 234 -2.70 11.80 -1.78
C GLN B 234 -2.51 13.09 -1.02
N GLY B 235 -1.30 13.41 -0.61
CA GLY B 235 -1.07 14.70 0.00
C GLY B 235 -1.60 14.80 1.40
N ARG B 236 -2.05 13.70 1.99
CA ARG B 236 -2.34 13.70 3.41
C ARG B 236 -1.08 13.43 4.22
N LEU B 237 -1.03 14.05 5.39
CA LEU B 237 0.09 13.80 6.27
C LEU B 237 0.19 12.32 6.58
N ARG B 238 1.41 11.88 6.72
CA ARG B 238 1.71 10.52 7.11
C ARG B 238 1.79 10.44 8.64
N VAL B 239 1.33 9.32 9.19
CA VAL B 239 1.38 9.10 10.63
C VAL B 239 1.60 7.60 10.88
N GLY B 240 2.37 7.31 11.93
CA GLY B 240 2.51 5.98 12.46
C GLY B 240 1.87 5.93 13.84
N ALA B 241 1.72 4.71 14.35
CA ALA B 241 1.14 4.49 15.67
C ALA B 241 1.62 3.16 16.21
N ALA B 242 1.76 3.08 17.54
CA ALA B 242 2.43 1.97 18.23
C ALA B 242 1.45 1.04 18.92
N VAL B 243 1.77 -0.26 18.90
CA VAL B 243 1.02 -1.31 19.61
C VAL B 243 2.03 -2.30 20.22
N GLY B 244 1.52 -3.18 21.10
CA GLY B 244 2.33 -4.22 21.71
C GLY B 244 2.27 -5.60 21.02
N ALA B 245 3.19 -6.49 21.44
CA ALA B 245 3.21 -7.88 20.97
C ALA B 245 2.39 -8.83 21.85
N GLY B 246 1.83 -8.35 22.95
CA GLY B 246 0.97 -9.17 23.77
C GLY B 246 -0.22 -9.65 22.96
N ALA B 247 -0.98 -10.56 23.56
CA ALA B 247 -2.24 -10.95 22.96
C ALA B 247 -3.30 -9.87 23.18
N GLY B 248 -4.26 -9.80 22.25
CA GLY B 248 -5.41 -8.93 22.38
C GLY B 248 -5.31 -7.58 21.69
N ASN B 249 -4.25 -7.36 20.92
CA ASN B 249 -4.07 -6.11 20.21
C ASN B 249 -4.70 -6.10 18.83
N GLU B 250 -5.16 -7.24 18.33
CA GLU B 250 -5.67 -7.26 16.97
C GLU B 250 -6.87 -6.35 16.81
N GLU B 251 -7.76 -6.30 17.81
CA GLU B 251 -8.90 -5.37 17.70
C GLU B 251 -8.38 -3.93 17.67
N ARG B 252 -7.31 -3.63 18.42
CA ARG B 252 -6.64 -2.33 18.33
C ARG B 252 -5.98 -2.15 16.97
N VAL B 253 -5.25 -3.17 16.52
CA VAL B 253 -4.65 -3.15 15.19
C VAL B 253 -5.70 -2.86 14.12
N ASP B 254 -6.80 -3.63 14.12
CA ASP B 254 -7.82 -3.44 13.10
C ASP B 254 -8.32 -2.01 13.09
N ALA B 255 -8.39 -1.41 14.27
CA ALA B 255 -8.92 -0.06 14.43
C ALA B 255 -8.00 0.99 13.84
N LEU B 256 -6.70 0.84 14.06
CA LEU B 256 -5.77 1.82 13.55
C LEU B 256 -5.69 1.74 12.03
N VAL B 257 -5.52 0.53 11.50
CA VAL B 257 -5.50 0.34 10.06
C VAL B 257 -6.76 0.93 9.46
N ALA B 258 -7.89 0.75 10.14
CA ALA B 258 -9.13 1.39 9.71
C ALA B 258 -8.95 2.91 9.67
N ALA B 259 -8.25 3.48 10.67
CA ALA B 259 -7.95 4.89 10.76
C ALA B 259 -6.94 5.37 9.70
N GLY B 260 -6.52 4.47 8.81
CA GLY B 260 -5.71 4.81 7.66
C GLY B 260 -4.26 5.03 7.96
N VAL B 261 -3.78 4.51 9.08
CA VAL B 261 -2.40 4.77 9.49
C VAL B 261 -1.43 4.28 8.42
N ASP B 262 -0.35 5.02 8.26
CA ASP B 262 0.57 4.67 7.18
C ASP B 262 1.43 3.51 7.61
N VAL B 263 1.93 3.56 8.83
CA VAL B 263 2.85 2.57 9.33
C VAL B 263 2.52 2.20 10.76
N LEU B 264 2.63 0.92 11.05
CA LEU B 264 2.36 0.37 12.37
C LEU B 264 3.65 0.08 13.12
N LEU B 265 3.73 0.55 14.36
CA LEU B 265 4.88 0.27 15.20
C LEU B 265 4.52 -0.83 16.19
N ILE B 266 5.12 -1.99 16.00
CA ILE B 266 5.01 -3.09 16.94
C ILE B 266 6.20 -2.98 17.90
N ASP B 267 5.94 -2.46 19.09
CA ASP B 267 7.01 -2.08 20.00
C ASP B 267 7.13 -3.07 21.14
N SER B 268 8.32 -3.65 21.24
CA SER B 268 8.68 -4.57 22.31
C SER B 268 10.04 -4.17 22.85
N SER B 269 10.31 -4.58 24.08
CA SER B 269 11.64 -4.43 24.65
C SER B 269 12.61 -5.55 24.25
N HIS B 270 12.13 -6.67 23.67
CA HIS B 270 12.98 -7.77 23.16
C HIS B 270 12.31 -8.20 21.86
N GLY B 271 12.72 -7.59 20.75
CA GLY B 271 12.17 -8.01 19.48
C GLY B 271 12.54 -9.43 19.12
N HIS B 272 13.64 -9.95 19.67
CA HIS B 272 14.07 -11.31 19.37
C HIS B 272 13.31 -12.40 20.18
N SER B 273 12.21 -12.04 20.86
CA SER B 273 11.36 -13.00 21.55
C SER B 273 10.45 -13.71 20.56
N GLU B 274 10.32 -15.05 20.69
CA GLU B 274 9.48 -15.79 19.75
C GLU B 274 8.02 -15.34 19.74
N GLY B 275 7.51 -14.85 20.87
CA GLY B 275 6.14 -14.35 20.90
C GLY B 275 5.97 -13.11 20.06
N VAL B 276 6.97 -12.24 20.08
CA VAL B 276 6.96 -11.09 19.18
C VAL B 276 6.98 -11.55 17.73
N LEU B 277 7.95 -12.41 17.37
CA LEU B 277 8.04 -12.88 16.00
C LEU B 277 6.74 -13.52 15.52
N GLN B 278 5.98 -14.16 16.41
CA GLN B 278 4.71 -14.75 15.98
C GLN B 278 3.67 -13.66 15.74
N ARG B 279 3.51 -12.75 16.70
CA ARG B 279 2.59 -11.62 16.54
C ARG B 279 2.86 -10.87 15.25
N ILE B 280 4.13 -10.74 14.86
CA ILE B 280 4.44 -10.09 13.60
C ILE B 280 3.99 -10.93 12.42
N ARG B 281 4.24 -12.24 12.48
CA ARG B 281 3.84 -13.10 11.37
C ARG B 281 2.34 -13.07 11.15
N GLU B 282 1.58 -13.00 12.24
CA GLU B 282 0.13 -12.98 12.13
C GLU B 282 -0.37 -11.69 11.51
N THR B 283 0.07 -10.57 12.06
CA THR B 283 -0.35 -9.28 11.53
C THR B 283 -0.01 -9.16 10.05
N ARG B 284 1.07 -9.83 9.65
CA ARG B 284 1.54 -9.83 8.28
C ARG B 284 0.64 -10.68 7.40
N ALA B 285 0.20 -11.85 7.88
CA ALA B 285 -0.74 -12.65 7.11
C ALA B 285 -2.09 -11.94 7.00
N LYS B 286 -2.50 -11.20 8.03
CA LYS B 286 -3.81 -10.55 8.00
C LYS B 286 -3.83 -9.34 7.09
N TYR B 287 -2.81 -8.48 7.17
CA TYR B 287 -2.71 -7.29 6.33
C TYR B 287 -1.43 -7.37 5.51
N PRO B 288 -1.45 -8.07 4.37
CA PRO B 288 -0.21 -8.27 3.59
C PRO B 288 0.47 -7.00 3.09
N ASP B 289 -0.22 -5.87 2.97
CA ASP B 289 0.38 -4.65 2.43
C ASP B 289 0.73 -3.61 3.48
N LEU B 290 0.46 -3.88 4.75
CA LEU B 290 0.69 -2.89 5.79
C LEU B 290 2.17 -2.72 6.09
N GLN B 291 2.62 -1.48 6.16
CA GLN B 291 4.00 -1.22 6.55
C GLN B 291 4.17 -1.44 8.06
N ILE B 292 5.05 -2.37 8.42
CA ILE B 292 5.26 -2.75 9.81
C ILE B 292 6.70 -2.49 10.21
N ILE B 293 6.87 -1.87 11.36
CA ILE B 293 8.16 -1.65 11.99
C ILE B 293 8.23 -2.54 13.22
N GLY B 294 9.24 -3.40 13.28
CA GLY B 294 9.48 -4.25 14.43
C GLY B 294 10.71 -3.84 15.22
N GLY B 295 10.62 -3.95 16.53
CA GLY B 295 11.74 -3.61 17.40
C GLY B 295 11.43 -4.03 18.82
N ASN B 296 12.48 -4.05 19.64
CA ASN B 296 13.85 -3.67 19.24
C ASN B 296 14.81 -4.86 19.19
N VAL B 297 15.82 -4.80 18.29
CA VAL B 297 16.95 -5.73 18.30
C VAL B 297 18.26 -4.95 18.34
N ALA B 298 19.37 -5.69 18.49
CA ALA B 298 20.72 -5.11 18.47
C ALA B 298 21.78 -6.08 17.91
N THR B 299 21.39 -7.04 17.07
CA THR B 299 22.28 -8.09 16.56
C THR B 299 21.98 -8.36 15.11
N ALA B 300 22.95 -8.96 14.42
CA ALA B 300 22.74 -9.42 13.05
C ALA B 300 21.64 -10.47 13.01
N ALA B 301 21.64 -11.38 13.98
CA ALA B 301 20.64 -12.44 13.98
C ALA B 301 19.25 -11.88 14.28
N GLY B 302 19.15 -10.97 15.23
CA GLY B 302 17.85 -10.40 15.52
C GLY B 302 17.28 -9.66 14.35
N ALA B 303 18.14 -9.12 13.50
CA ALA B 303 17.69 -8.35 12.35
C ALA B 303 17.20 -9.26 11.25
N ARG B 304 17.96 -10.32 10.94
CA ARG B 304 17.47 -11.31 9.99
C ARG B 304 16.16 -11.90 10.46
N ALA B 305 16.05 -12.11 11.77
CA ALA B 305 14.82 -12.68 12.31
C ALA B 305 13.62 -11.78 12.04
N LEU B 306 13.72 -10.50 12.39
CA LEU B 306 12.57 -9.62 12.23
C LEU B 306 12.18 -9.46 10.77
N ALA B 307 13.18 -9.41 9.90
CA ALA B 307 12.90 -9.27 8.48
C ALA B 307 12.21 -10.51 7.98
N GLU B 308 12.67 -11.69 8.41
CA GLU B 308 12.09 -12.95 7.97
C GLU B 308 10.64 -13.05 8.44
N ALA B 309 10.36 -12.62 9.67
CA ALA B 309 8.97 -12.56 10.16
C ALA B 309 8.14 -11.64 9.28
N GLY B 310 8.77 -10.67 8.63
CA GLY B 310 8.11 -9.84 7.63
C GLY B 310 8.14 -8.36 7.86
N CYS B 311 9.15 -7.83 8.54
CA CYS B 311 9.17 -6.41 8.81
C CYS B 311 9.49 -5.60 7.55
N SER B 312 8.94 -4.39 7.50
CA SER B 312 9.23 -3.44 6.44
C SER B 312 10.43 -2.59 6.80
N ALA B 313 10.62 -2.40 8.11
CA ALA B 313 11.80 -1.79 8.72
C ALA B 313 12.08 -2.50 10.05
N VAL B 314 13.32 -2.32 10.54
CA VAL B 314 13.80 -2.93 11.79
C VAL B 314 14.36 -1.82 12.67
N LYS B 315 13.91 -1.74 13.94
CA LYS B 315 14.38 -0.76 14.92
C LYS B 315 15.43 -1.33 15.86
N VAL B 316 16.53 -0.60 16.04
CA VAL B 316 17.72 -1.08 16.75
C VAL B 316 17.96 -0.21 17.98
N GLY B 317 18.12 -0.85 19.14
CA GLY B 317 18.57 -0.17 20.34
C GLY B 317 18.17 -0.84 21.64
N ILE B 318 19.06 -1.62 22.27
CA ILE B 318 18.76 -2.32 23.53
C ILE B 318 19.65 -1.80 24.65
N GLY B 319 19.10 -0.91 25.50
CA GLY B 319 19.84 -0.32 26.58
C GLY B 319 20.25 1.15 26.43
N PRO B 320 20.42 1.66 25.19
CA PRO B 320 20.89 3.04 25.04
C PRO B 320 19.89 4.12 25.42
N GLY B 321 18.63 3.78 25.67
CA GLY B 321 17.65 4.80 26.02
C GLY B 321 18.17 5.83 27.02
N SER B 322 17.74 7.09 26.88
CA SER B 322 18.17 8.13 27.81
C SER B 322 17.88 7.72 29.25
N ILE B 323 16.81 6.97 29.46
CA ILE B 323 16.39 6.47 30.76
C ILE B 323 16.20 4.95 30.69
N CYS B 324 17.07 4.26 29.94
CA CYS B 324 17.09 2.80 29.93
C CYS B 324 18.17 2.29 30.87
N THR B 325 17.67 1.72 31.94
CA THR B 325 18.35 1.06 33.01
C THR B 325 18.43 -0.44 32.74
N THR B 326 17.82 -0.84 31.62
CA THR B 326 17.93 -2.19 31.10
C THR B 326 19.31 -2.78 31.40
N ARG B 327 20.36 -2.11 30.92
CA ARG B 327 21.73 -2.60 31.12
C ARG B 327 22.08 -2.72 32.59
N ILE B 328 21.70 -1.74 33.41
CA ILE B 328 22.10 -1.78 34.81
C ILE B 328 21.29 -2.84 35.58
N VAL B 329 20.03 -3.07 35.18
CA VAL B 329 19.12 -3.99 35.86
C VAL B 329 19.27 -5.41 35.35
N THR B 330 19.37 -5.59 34.04
CA THR B 330 19.41 -6.93 33.45
C THR B 330 20.80 -7.32 33.00
N GLY B 331 21.73 -6.37 32.90
CA GLY B 331 23.03 -6.64 32.34
C GLY B 331 23.04 -6.82 30.84
N VAL B 332 21.88 -6.76 30.19
CA VAL B 332 21.81 -6.98 28.76
C VAL B 332 21.88 -5.61 28.09
N GLY B 333 22.52 -5.56 26.92
CA GLY B 333 22.60 -4.36 26.10
C GLY B 333 23.65 -4.54 25.02
N VAL B 334 23.66 -3.71 23.98
CA VAL B 334 24.76 -3.63 23.02
C VAL B 334 24.97 -2.16 22.65
N PRO B 335 26.21 -1.64 22.72
CA PRO B 335 26.47 -0.25 22.31
C PRO B 335 25.96 0.04 20.92
N GLN B 336 25.47 1.25 20.76
CA GLN B 336 24.52 1.52 19.70
C GLN B 336 25.19 1.49 18.33
N ILE B 337 26.43 1.98 18.24
CA ILE B 337 27.05 2.10 16.93
C ILE B 337 27.30 0.73 16.33
N THR B 338 27.80 -0.22 17.13
CA THR B 338 28.05 -1.57 16.66
C THR B 338 26.75 -2.28 16.27
N ALA B 339 25.69 -2.09 17.06
CA ALA B 339 24.42 -2.76 16.80
C ALA B 339 23.90 -2.42 15.42
N VAL B 340 23.91 -1.12 15.10
CA VAL B 340 23.40 -0.65 13.81
C VAL B 340 24.18 -1.28 12.64
N ALA B 341 25.51 -1.20 12.68
CA ALA B 341 26.30 -1.74 11.59
C ALA B 341 26.07 -3.24 11.46
N ASP B 342 25.96 -3.93 12.58
CA ASP B 342 25.71 -5.36 12.55
C ASP B 342 24.35 -5.67 11.97
N ALA B 343 23.34 -4.90 12.36
CA ALA B 343 22.02 -5.08 11.80
C ALA B 343 22.02 -4.70 10.33
N VAL B 344 22.64 -3.58 9.99
CA VAL B 344 22.69 -3.12 8.61
C VAL B 344 23.34 -4.16 7.72
N GLU B 345 24.52 -4.63 8.10
CA GLU B 345 25.23 -5.59 7.28
C GLU B 345 24.41 -6.85 7.03
N ALA B 346 23.63 -7.28 8.04
CA ALA B 346 22.85 -8.49 7.89
C ALA B 346 21.66 -8.29 6.97
N LEU B 347 21.09 -7.09 6.92
CA LEU B 347 19.95 -6.78 6.05
C LEU B 347 20.39 -6.25 4.71
N GLU B 348 21.63 -6.48 4.36
CA GLU B 348 22.13 -5.94 3.12
C GLU B 348 21.47 -6.66 1.96
N GLY B 349 20.86 -5.91 1.06
CA GLY B 349 20.20 -6.48 -0.09
C GLY B 349 18.71 -6.70 0.05
N THR B 350 18.16 -6.55 1.26
CA THR B 350 16.75 -6.85 1.49
C THR B 350 15.84 -5.63 1.29
N GLY B 351 16.42 -4.45 1.06
CA GLY B 351 15.62 -3.24 0.96
C GLY B 351 14.88 -2.90 2.21
N ILE B 352 15.26 -3.51 3.33
CA ILE B 352 14.64 -3.25 4.62
C ILE B 352 15.51 -2.28 5.38
N PRO B 353 15.05 -1.06 5.66
CA PRO B 353 15.85 -0.06 6.39
C PRO B 353 15.95 -0.34 7.89
N VAL B 354 17.02 0.19 8.51
CA VAL B 354 17.23 0.07 9.95
C VAL B 354 17.06 1.43 10.63
N ILE B 355 16.48 1.43 11.84
CA ILE B 355 16.20 2.63 12.63
C ILE B 355 17.02 2.60 13.91
N ALA B 356 17.76 3.69 14.16
CA ALA B 356 18.50 3.85 15.40
C ALA B 356 17.61 4.50 16.46
N ASP B 357 17.29 3.76 17.52
CA ASP B 357 16.34 4.21 18.52
C ASP B 357 16.96 4.39 19.89
N GLY B 358 16.93 5.61 20.38
CA GLY B 358 17.38 5.83 21.74
C GLY B 358 18.84 6.19 21.78
N GLY B 359 19.22 6.92 22.83
CA GLY B 359 20.61 7.24 23.09
C GLY B 359 21.16 8.42 22.33
N ILE B 360 20.31 9.12 21.61
CA ILE B 360 20.76 10.20 20.75
C ILE B 360 20.67 11.51 21.50
N ARG B 361 21.83 12.09 21.78
CA ARG B 361 21.95 13.32 22.55
C ARG B 361 22.10 14.54 21.64
N PHE B 362 23.01 14.51 20.68
CA PHE B 362 23.29 15.65 19.79
C PHE B 362 23.16 15.25 18.33
N SER B 363 23.27 16.25 17.46
CA SER B 363 23.16 15.98 16.03
C SER B 363 24.36 15.18 15.52
N GLY B 364 25.52 15.30 16.18
CA GLY B 364 26.64 14.46 15.82
C GLY B 364 26.26 13.00 15.97
N ASP B 365 25.48 12.68 17.00
CA ASP B 365 25.03 11.30 17.18
C ASP B 365 24.14 10.87 16.03
N ILE B 366 23.25 11.77 15.57
CA ILE B 366 22.50 11.51 14.35
C ILE B 366 23.44 11.22 13.19
N ALA B 367 24.45 12.08 13.02
CA ALA B 367 25.37 11.92 11.91
C ALA B 367 26.05 10.58 11.98
N LYS B 368 26.58 10.26 13.17
CA LYS B 368 27.31 9.01 13.36
C LYS B 368 26.41 7.81 13.12
N ALA B 369 25.17 7.87 13.61
CA ALA B 369 24.24 6.76 13.44
C ALA B 369 24.08 6.36 11.98
N ILE B 370 23.79 7.33 11.12
CA ILE B 370 23.55 7.09 9.70
C ILE B 370 24.78 6.54 8.99
N ALA B 371 25.96 7.10 9.28
CA ALA B 371 27.16 6.57 8.65
C ALA B 371 27.46 5.14 9.10
N ALA B 372 26.95 4.72 10.27
CA ALA B 372 26.97 3.33 10.72
C ALA B 372 26.03 2.43 9.91
N GLY B 373 25.12 3.02 9.14
CA GLY B 373 24.27 2.26 8.26
C GLY B 373 22.79 2.58 8.40
N ALA B 374 22.41 3.26 9.48
CA ALA B 374 21.00 3.53 9.77
C ALA B 374 20.38 4.45 8.73
N SER B 375 19.10 4.23 8.43
CA SER B 375 18.39 5.08 7.47
C SER B 375 17.65 6.23 8.12
N ALA B 376 17.24 6.09 9.38
CA ALA B 376 16.67 7.18 10.15
C ALA B 376 16.84 6.85 11.63
N VAL B 377 16.49 7.81 12.47
CA VAL B 377 16.64 7.69 13.91
C VAL B 377 15.34 8.00 14.64
N MET B 378 15.17 7.42 15.81
CA MET B 378 14.04 7.73 16.67
C MET B 378 14.55 8.41 17.95
N VAL B 379 13.85 9.49 18.34
CA VAL B 379 14.22 10.34 19.48
C VAL B 379 13.05 10.46 20.44
N GLY B 380 13.35 10.52 21.74
CA GLY B 380 12.28 10.75 22.69
C GLY B 380 12.54 11.99 23.49
N SER B 381 13.61 11.94 24.27
CA SER B 381 13.92 13.03 25.20
C SER B 381 14.10 14.33 24.46
N MET B 382 14.76 14.28 23.31
CA MET B 382 15.01 15.48 22.53
C MET B 382 13.74 16.23 22.15
N LEU B 383 12.59 15.54 22.06
CA LEU B 383 11.34 16.16 21.65
C LEU B 383 10.39 16.50 22.80
N ALA B 384 10.50 15.80 23.91
CA ALA B 384 9.62 16.07 25.04
C ALA B 384 9.83 17.50 25.50
N GLY B 385 8.73 18.22 25.69
CA GLY B 385 8.77 19.60 26.09
C GLY B 385 8.57 20.58 24.95
N THR B 386 8.63 20.15 23.70
CA THR B 386 8.24 21.03 22.61
C THR B 386 6.79 21.45 22.77
N GLU B 387 6.51 22.66 22.30
CA GLU B 387 5.15 23.17 22.28
C GLU B 387 4.15 22.09 21.89
N GLU B 388 4.45 21.39 20.80
CA GLU B 388 3.57 20.40 20.20
C GLU B 388 3.52 19.07 20.94
N SER B 389 4.42 18.80 21.89
CA SER B 389 4.38 17.52 22.58
C SER B 389 3.20 17.48 23.55
N PRO B 390 2.84 16.28 24.01
CA PRO B 390 1.77 16.19 25.00
C PRO B 390 2.14 16.87 26.31
N GLY B 391 1.12 17.07 27.12
CA GLY B 391 1.28 17.81 28.35
C GLY B 391 0.88 19.26 28.15
N GLU B 392 0.58 19.93 29.25
CA GLU B 392 0.18 21.33 29.21
C GLU B 392 1.32 22.14 29.79
N ILE B 393 1.51 23.34 29.27
CA ILE B 393 2.59 24.22 29.69
C ILE B 393 2.29 24.85 31.05
N GLU B 394 3.34 25.08 31.85
CA GLU B 394 3.15 25.72 33.15
C GLU B 394 4.33 26.62 33.54
N LEU B 395 4.02 27.77 34.17
CA LEU B 395 5.03 28.63 34.77
C LEU B 395 5.31 28.19 36.20
N TYR B 396 6.57 27.92 36.49
CA TYR B 396 6.93 27.42 37.80
C TYR B 396 8.31 27.88 38.28
N ARG B 399 11.26 29.47 35.52
CA ARG B 399 11.52 28.74 34.29
C ARG B 399 10.26 28.12 33.74
N SER B 400 10.28 27.80 32.44
CA SER B 400 9.11 27.28 31.75
C SER B 400 9.15 25.75 31.69
N TYR B 401 8.01 25.12 32.04
CA TYR B 401 7.90 23.67 32.01
C TYR B 401 6.54 23.23 31.46
N LYS B 402 6.46 21.97 31.02
CA LYS B 402 5.23 21.33 30.54
C LYS B 402 4.68 20.42 31.62
N SER B 403 3.51 20.74 32.15
CA SER B 403 2.91 19.90 33.18
C SER B 403 2.00 18.84 32.57
N VAL B 440 8.53 19.02 32.41
CA VAL B 440 9.80 19.08 31.70
C VAL B 440 9.99 20.46 31.10
N ALA B 441 11.25 20.83 30.79
CA ALA B 441 11.59 22.16 30.30
C ALA B 441 11.09 22.39 28.88
N TYR B 442 10.36 23.49 28.68
CA TYR B 442 9.83 23.88 27.37
C TYR B 442 10.95 24.26 26.41
N LYS B 443 10.98 23.59 25.25
CA LYS B 443 12.01 23.79 24.26
C LYS B 443 11.53 24.62 23.07
N GLY B 444 10.35 25.21 23.14
CA GLY B 444 9.82 25.98 22.03
C GLY B 444 9.26 25.10 20.93
N ARG B 445 9.02 25.75 19.81
CA ARG B 445 8.38 25.05 18.72
C ARG B 445 9.28 23.98 18.14
N LEU B 446 8.64 22.87 17.76
CA LEU B 446 9.34 21.76 17.15
C LEU B 446 10.07 22.19 15.89
N LYS B 447 9.45 23.07 15.10
CA LYS B 447 10.08 23.49 13.85
C LYS B 447 11.50 23.93 14.11
N GLU B 448 11.71 24.57 15.26
CA GLU B 448 13.02 25.13 15.57
C GLU B 448 13.99 24.04 15.96
N ILE B 449 13.54 23.07 16.75
CA ILE B 449 14.44 21.99 17.18
C ILE B 449 15.02 21.34 15.95
N ILE B 450 14.15 21.06 14.99
CA ILE B 450 14.54 20.32 13.81
C ILE B 450 15.47 21.15 12.94
N HIS B 451 15.21 22.45 12.82
CA HIS B 451 16.10 23.25 12.00
C HIS B 451 17.51 23.22 12.56
N GLN B 452 17.65 23.32 13.88
CA GLN B 452 18.98 23.19 14.47
C GLN B 452 19.57 21.80 14.27
N GLN B 453 18.75 20.78 14.49
CA GLN B 453 19.31 19.43 14.41
C GLN B 453 19.68 19.11 12.98
N MET B 454 18.82 19.44 12.01
CA MET B 454 19.21 19.18 10.63
C MET B 454 20.31 20.14 10.18
N GLY B 455 20.36 21.33 10.77
CA GLY B 455 21.55 22.17 10.61
C GLY B 455 22.84 21.42 10.89
N GLY B 456 22.90 20.71 12.03
CA GLY B 456 24.10 19.96 12.36
C GLY B 456 24.39 18.87 11.36
N LEU B 457 23.38 18.05 11.05
CA LEU B 457 23.54 17.03 10.03
C LEU B 457 23.98 17.61 8.70
N ARG B 458 23.36 18.72 8.27
CA ARG B 458 23.75 19.31 7.00
C ARG B 458 25.22 19.70 7.04
N SER B 459 25.64 20.37 8.11
CA SER B 459 27.07 20.64 8.27
C SER B 459 27.87 19.37 8.17
N CYS B 460 27.40 18.30 8.79
CA CYS B 460 28.19 17.09 8.76
C CYS B 460 28.33 16.57 7.33
N MET B 461 27.24 16.54 6.56
CA MET B 461 27.33 15.98 5.20
C MET B 461 28.23 16.82 4.32
N GLY B 462 28.26 18.14 4.54
CA GLY B 462 29.20 18.97 3.83
C GLY B 462 30.63 18.60 4.14
N LEU B 463 30.90 18.29 5.40
CA LEU B 463 32.25 17.94 5.82
C LEU B 463 32.70 16.62 5.26
N THR B 464 31.77 15.69 5.10
CA THR B 464 32.10 14.34 4.75
C THR B 464 31.97 14.06 3.26
N GLY B 465 31.53 15.04 2.48
CA GLY B 465 31.41 14.86 1.03
C GLY B 465 30.31 13.90 0.63
N CYS B 466 29.18 13.93 1.32
CA CYS B 466 28.07 13.04 1.06
C CYS B 466 26.85 13.90 0.75
N GLY B 467 26.38 13.85 -0.49
CA GLY B 467 25.21 14.62 -0.88
C GLY B 467 23.87 14.03 -0.46
N THR B 468 23.81 12.73 -0.25
CA THR B 468 22.54 12.09 0.07
C THR B 468 22.69 11.32 1.35
N ILE B 469 21.55 11.12 2.00
CA ILE B 469 21.50 10.25 3.15
C ILE B 469 22.09 8.89 2.81
N ASP B 470 21.69 8.34 1.65
CA ASP B 470 22.20 7.04 1.20
C ASP B 470 23.70 7.09 0.97
N GLU B 471 24.23 8.23 0.52
CA GLU B 471 25.68 8.36 0.41
C GLU B 471 26.36 8.45 1.77
N LEU B 472 25.74 9.15 2.72
CA LEU B 472 26.32 9.20 4.05
C LEU B 472 26.39 7.80 4.67
N ARG B 473 25.41 6.95 4.40
CA ARG B 473 25.35 5.62 4.99
C ARG B 473 26.42 4.67 4.47
N THR B 474 27.10 5.02 3.40
CA THR B 474 27.88 4.03 2.68
C THR B 474 29.33 4.45 2.46
N LYS B 475 29.56 5.75 2.36
CA LYS B 475 30.87 6.26 2.01
C LYS B 475 31.65 6.78 3.21
N ALA B 476 30.97 7.35 4.20
CA ALA B 476 31.62 8.00 5.32
C ALA B 476 32.42 6.99 6.16
N GLU B 477 33.60 7.43 6.61
CA GLU B 477 34.52 6.63 7.43
C GLU B 477 34.66 7.16 8.85
N PHE B 478 35.10 6.27 9.74
CA PHE B 478 35.25 6.61 11.14
C PHE B 478 36.69 6.51 11.55
N VAL B 479 36.98 7.17 12.64
CA VAL B 479 38.16 6.86 13.43
C VAL B 479 37.75 6.41 14.81
N ARG B 480 38.46 5.43 15.32
CA ARG B 480 38.29 5.05 16.70
C ARG B 480 39.14 5.96 17.59
N ILE B 481 38.57 6.41 18.71
CA ILE B 481 39.21 7.36 19.62
C ILE B 481 39.03 6.86 21.04
N SER B 482 39.82 7.44 21.96
CA SER B 482 39.67 7.17 23.38
C SER B 482 38.83 8.24 24.07
N GLY B 483 38.69 8.10 25.39
CA GLY B 483 37.95 9.09 26.17
C GLY B 483 38.68 10.40 26.27
N ALA B 484 40.01 10.35 26.37
CA ALA B 484 40.85 11.54 26.30
C ALA B 484 40.75 12.21 24.92
N MET C 21 25.18 63.31 68.28
CA MET C 21 25.62 63.27 66.88
C MET C 21 25.01 62.12 66.12
N LEU C 22 25.82 61.54 65.19
CA LEU C 22 25.44 60.40 64.35
C LEU C 22 24.02 60.53 63.83
N ARG C 23 23.85 61.17 62.68
CA ARG C 23 22.52 61.59 62.27
C ARG C 23 21.82 60.36 61.71
N ILE C 24 21.00 59.72 62.51
CA ILE C 24 20.28 58.52 62.10
C ILE C 24 18.80 58.85 62.19
N ALA C 25 18.15 58.96 61.03
CA ALA C 25 16.80 59.53 60.98
C ALA C 25 15.81 58.62 61.71
N LYS C 26 15.83 57.32 61.39
CA LYS C 26 14.93 56.34 62.00
C LYS C 26 15.33 54.92 61.65
N GLU C 27 14.35 54.03 61.59
CA GLU C 27 14.55 52.70 61.05
C GLU C 27 13.67 52.52 59.82
N ALA C 28 14.18 51.76 58.85
CA ALA C 28 13.50 51.61 57.56
C ALA C 28 13.26 50.14 57.23
N LEU C 29 12.15 49.87 56.52
CA LEU C 29 11.69 48.51 56.27
C LEU C 29 11.56 48.23 54.76
N THR C 30 11.86 46.99 54.38
CA THR C 30 11.68 46.47 53.03
C THR C 30 10.58 45.42 53.10
N PHE C 31 10.47 44.58 52.06
CA PHE C 31 9.38 43.60 52.02
C PHE C 31 9.60 42.46 52.98
N ASP C 32 10.85 42.07 53.18
CA ASP C 32 11.04 40.87 53.97
C ASP C 32 10.98 41.13 55.45
N ASP C 33 10.66 42.34 55.85
CA ASP C 33 10.57 42.71 57.26
C ASP C 33 9.14 42.62 57.80
N VAL C 34 8.15 42.46 56.93
CA VAL C 34 6.74 42.63 57.30
C VAL C 34 5.89 41.55 56.67
N LEU C 35 4.68 41.40 57.22
CA LEU C 35 3.65 40.52 56.68
C LEU C 35 2.30 41.18 56.89
N LEU C 36 1.38 40.97 55.95
CA LEU C 36 0.07 41.57 56.05
C LEU C 36 -0.86 40.78 56.94
N VAL C 37 -1.67 41.50 57.69
CA VAL C 37 -2.56 40.92 58.70
C VAL C 37 -3.89 40.65 58.04
N PRO C 38 -4.43 39.43 58.17
CA PRO C 38 -5.75 39.13 57.60
C PRO C 38 -6.87 39.56 58.54
N ALA C 39 -8.07 39.62 57.99
CA ALA C 39 -9.15 40.26 58.69
C ALA C 39 -10.49 39.74 58.21
N HIS C 40 -11.53 40.16 58.92
CA HIS C 40 -12.89 39.88 58.49
C HIS C 40 -13.05 40.35 57.07
N SER C 41 -13.43 39.41 56.21
CA SER C 41 -13.40 39.63 54.78
C SER C 41 -14.71 39.11 54.20
N THR C 42 -15.55 40.04 53.76
CA THR C 42 -16.70 39.74 52.91
C THR C 42 -16.33 39.80 51.44
N VAL C 43 -15.04 39.61 51.15
CA VAL C 43 -14.45 39.84 49.85
C VAL C 43 -14.02 38.49 49.30
N LEU C 44 -14.63 38.08 48.22
CA LEU C 44 -14.05 36.95 47.51
C LEU C 44 -13.01 37.45 46.53
N PRO C 45 -11.94 36.68 46.31
CA PRO C 45 -10.85 37.21 45.47
C PRO C 45 -11.30 37.51 44.06
N ASN C 46 -12.06 36.63 43.43
CA ASN C 46 -12.57 36.91 42.09
C ASN C 46 -13.49 38.12 42.03
N THR C 47 -13.95 38.65 43.15
CA THR C 47 -14.78 39.85 43.13
C THR C 47 -14.00 41.12 43.40
N ALA C 48 -12.69 41.03 43.62
CA ALA C 48 -11.91 42.18 44.01
C ALA C 48 -11.67 43.06 42.79
N ASP C 49 -11.54 44.36 43.04
CA ASP C 49 -11.64 45.40 42.02
C ASP C 49 -10.26 46.04 41.88
N LEU C 50 -9.44 45.45 41.02
CA LEU C 50 -8.04 45.80 40.87
C LEU C 50 -7.83 47.14 40.19
N SER C 51 -8.88 47.90 39.91
CA SER C 51 -8.68 49.18 39.28
C SER C 51 -8.07 50.16 40.27
N THR C 52 -7.40 51.16 39.73
CA THR C 52 -6.59 52.06 40.51
C THR C 52 -6.32 53.31 39.72
N GLN C 53 -6.36 54.46 40.39
CA GLN C 53 -6.05 55.73 39.75
C GLN C 53 -4.55 55.96 39.69
N LEU C 54 -3.98 55.73 38.52
CA LEU C 54 -2.58 56.07 38.31
C LEU C 54 -2.36 57.59 38.38
N THR C 55 -3.23 58.38 37.74
CA THR C 55 -3.20 59.82 37.97
C THR C 55 -4.64 60.25 38.16
N LYS C 56 -4.87 61.55 38.31
CA LYS C 56 -6.24 62.03 38.41
C LYS C 56 -7.03 61.62 37.18
N THR C 57 -6.40 61.63 36.01
CA THR C 57 -7.13 61.45 34.75
C THR C 57 -7.03 60.04 34.17
N ILE C 58 -6.08 59.22 34.63
CA ILE C 58 -5.87 57.88 34.09
C ILE C 58 -6.10 56.86 35.20
N ARG C 59 -7.07 55.96 34.97
CA ARG C 59 -7.32 54.88 35.90
C ARG C 59 -6.83 53.59 35.24
N LEU C 60 -6.12 52.78 36.02
CA LEU C 60 -5.60 51.49 35.57
C LEU C 60 -6.56 50.40 35.97
N ASN C 61 -6.60 49.34 35.18
CA ASN C 61 -7.45 48.23 35.54
C ASN C 61 -6.71 47.23 36.41
N ILE C 62 -5.39 47.13 36.23
CA ILE C 62 -4.55 46.39 37.15
C ILE C 62 -3.44 47.35 37.54
N PRO C 63 -2.95 47.26 38.77
CA PRO C 63 -2.02 48.26 39.31
C PRO C 63 -0.57 47.97 38.95
N MET C 64 -0.29 47.88 37.65
CA MET C 64 1.00 47.36 37.23
C MET C 64 1.57 48.11 36.03
N LEU C 65 2.87 48.43 36.11
CA LEU C 65 3.59 49.14 35.06
C LEU C 65 4.92 48.45 34.79
N SER C 66 5.30 48.39 33.52
CA SER C 66 6.53 47.70 33.14
C SER C 66 7.69 48.67 33.23
N ALA C 67 8.79 48.20 33.83
CA ALA C 67 10.02 48.98 33.85
C ALA C 67 10.41 49.37 32.44
N ALA C 68 10.78 50.63 32.29
CA ALA C 68 11.26 51.12 31.00
C ALA C 68 12.72 50.71 30.82
N MET C 69 12.93 49.39 30.84
CA MET C 69 14.23 48.80 30.55
C MET C 69 14.16 48.18 29.17
N ASP C 70 15.24 48.36 28.40
CA ASP C 70 15.27 47.87 27.03
C ASP C 70 15.18 46.36 26.95
N THR C 71 15.28 45.68 28.09
CA THR C 71 15.02 44.26 28.16
C THR C 71 13.62 43.98 28.67
N VAL C 72 12.83 45.03 28.91
CA VAL C 72 11.50 44.86 29.47
C VAL C 72 10.49 45.35 28.44
N THR C 73 10.55 46.62 28.06
CA THR C 73 9.40 47.26 27.46
C THR C 73 9.72 47.79 26.07
N GLU C 74 8.99 47.29 25.08
CA GLU C 74 8.89 47.93 23.78
C GLU C 74 7.43 47.88 23.37
N ALA C 75 7.12 48.41 22.18
CA ALA C 75 5.71 48.53 21.79
C ALA C 75 5.00 47.19 21.91
N ARG C 76 5.70 46.11 21.55
CA ARG C 76 5.09 44.80 21.64
C ARG C 76 4.61 44.53 23.04
N LEU C 77 5.51 44.66 24.02
CA LEU C 77 5.13 44.41 25.40
C LEU C 77 4.07 45.39 25.87
N ALA C 78 4.30 46.70 25.67
CA ALA C 78 3.35 47.70 26.16
C ALA C 78 1.95 47.45 25.64
N ILE C 79 1.84 46.92 24.41
CA ILE C 79 0.55 46.48 23.90
C ILE C 79 -0.03 45.42 24.82
N ALA C 80 0.72 44.33 25.02
CA ALA C 80 0.21 43.21 25.80
C ALA C 80 -0.08 43.60 27.24
N LEU C 81 0.73 44.48 27.82
CA LEU C 81 0.44 44.97 29.16
C LEU C 81 -0.80 45.84 29.19
N ALA C 82 -0.90 46.82 28.29
CA ALA C 82 -2.14 47.56 28.19
C ALA C 82 -3.31 46.61 28.06
N GLN C 83 -3.18 45.57 27.24
CA GLN C 83 -4.29 44.66 27.02
C GLN C 83 -4.74 43.99 28.31
N GLU C 84 -3.88 43.88 29.30
CA GLU C 84 -4.25 43.27 30.57
C GLU C 84 -4.73 44.28 31.60
N GLY C 85 -4.51 45.58 31.36
CA GLY C 85 -5.02 46.62 32.25
C GLY C 85 -3.93 47.51 32.81
N GLY C 86 -2.69 47.17 32.46
CA GLY C 86 -1.54 47.95 32.85
C GLY C 86 -1.13 48.90 31.74
N ILE C 87 0.00 49.55 31.99
CA ILE C 87 0.63 50.45 31.03
C ILE C 87 2.11 50.10 30.97
N GLY C 88 2.65 50.05 29.76
CA GLY C 88 4.05 49.78 29.53
C GLY C 88 4.77 51.05 29.13
N PHE C 89 6.00 51.21 29.62
CA PHE C 89 6.78 52.42 29.38
C PHE C 89 7.89 52.12 28.39
N ILE C 90 7.77 52.64 27.18
CA ILE C 90 8.81 52.46 26.18
C ILE C 90 10.06 53.17 26.68
N HIS C 91 11.19 52.48 26.60
CA HIS C 91 12.45 53.05 27.06
C HIS C 91 12.99 54.08 26.08
N LYS C 92 13.84 54.97 26.60
CA LYS C 92 14.37 56.13 25.87
C LYS C 92 15.70 55.84 25.21
N ASN C 93 16.10 54.58 25.12
CA ASN C 93 17.41 54.26 24.58
C ASN C 93 17.25 53.93 23.08
N MET C 94 16.78 54.93 22.33
CA MET C 94 16.52 54.86 20.89
C MET C 94 16.24 56.26 20.34
N SER C 95 16.45 56.42 19.03
CA SER C 95 16.30 57.72 18.40
C SER C 95 14.87 58.25 18.53
N ILE C 96 14.77 59.59 18.65
CA ILE C 96 13.47 60.26 18.74
C ILE C 96 12.56 59.77 17.62
N GLU C 97 13.06 59.77 16.39
CA GLU C 97 12.27 59.32 15.23
C GLU C 97 11.74 57.90 15.41
N ARG C 98 12.47 57.05 16.13
CA ARG C 98 12.03 55.66 16.30
C ARG C 98 11.14 55.46 17.52
N GLN C 99 11.40 56.20 18.59
CA GLN C 99 10.56 56.10 19.77
C GLN C 99 9.16 56.65 19.49
N ALA C 100 9.06 57.79 18.78
CA ALA C 100 7.76 58.28 18.35
C ALA C 100 6.97 57.18 17.67
N GLU C 101 7.65 56.39 16.82
CA GLU C 101 6.98 55.37 16.03
C GLU C 101 6.33 54.30 16.91
N GLU C 102 6.89 54.06 18.10
CA GLU C 102 6.36 53.03 18.98
C GLU C 102 5.03 53.47 19.56
N VAL C 103 5.01 54.67 20.15
CA VAL C 103 3.78 55.23 20.68
C VAL C 103 2.65 55.05 19.67
N ARG C 104 2.81 55.65 18.49
CA ARG C 104 1.84 55.56 17.41
C ARG C 104 1.34 54.13 17.24
N ARG C 105 2.28 53.20 17.09
CA ARG C 105 1.93 51.80 16.94
C ARG C 105 0.96 51.35 18.03
N VAL C 106 1.33 51.59 19.29
CA VAL C 106 0.45 51.23 20.40
C VAL C 106 -0.89 51.93 20.27
N LYS C 107 -0.85 53.19 19.87
CA LYS C 107 -2.09 53.94 19.75
C LYS C 107 -2.96 53.36 18.64
N LYS C 108 -2.37 53.19 17.45
CA LYS C 108 -3.06 52.65 16.29
C LYS C 108 -2.89 51.12 16.24
N HIS C 109 -3.44 50.46 17.25
CA HIS C 109 -3.44 49.02 17.24
C HIS C 109 -4.78 48.43 16.85
N GLU C 110 -5.80 49.27 16.67
CA GLU C 110 -7.12 48.78 16.35
C GLU C 110 -7.69 49.56 15.17
N LYS C 125 -7.33 49.28 -15.37
CA LYS C 125 -8.01 48.69 -16.52
C LYS C 125 -8.83 47.49 -16.11
N ILE C 126 -9.52 46.91 -17.10
CA ILE C 126 -10.56 45.96 -16.79
C ILE C 126 -9.95 44.56 -16.64
N ILE C 127 -9.51 43.95 -17.75
CA ILE C 127 -9.03 42.57 -17.72
C ILE C 127 -7.82 42.39 -16.78
N GLU C 128 -7.15 43.48 -16.39
CA GLU C 128 -5.80 43.38 -15.86
C GLU C 128 -5.72 42.74 -14.47
N LEU C 129 -6.74 42.89 -13.62
CA LEU C 129 -6.62 42.52 -12.21
C LEU C 129 -7.12 41.11 -11.86
N LEU C 130 -7.20 40.22 -12.86
CA LEU C 130 -7.37 38.80 -12.60
C LEU C 130 -6.05 38.18 -12.15
N GLN C 131 -4.98 38.51 -12.86
CA GLN C 131 -3.63 38.12 -12.46
C GLN C 131 -3.27 38.65 -11.08
N MET C 132 -3.94 39.71 -10.63
CA MET C 132 -3.70 40.19 -9.27
C MET C 132 -4.41 39.33 -8.23
N ALA C 133 -5.64 38.91 -8.54
CA ALA C 133 -6.41 38.09 -7.62
C ALA C 133 -5.69 36.81 -7.25
N ARG C 134 -4.74 36.35 -8.09
CA ARG C 134 -3.98 35.15 -7.77
C ARG C 134 -3.14 35.32 -6.50
N GLU C 135 -2.78 36.55 -6.15
CA GLU C 135 -2.11 36.85 -4.89
C GLU C 135 -2.83 37.96 -4.14
N TYR C 136 -4.15 38.05 -4.34
CA TYR C 136 -4.96 39.06 -3.66
C TYR C 136 -6.34 38.52 -3.29
N GLY C 137 -6.84 37.55 -4.05
CA GLY C 137 -8.16 37.01 -3.79
C GLY C 137 -9.26 37.80 -4.48
N PHE C 138 -10.50 37.53 -4.09
CA PHE C 138 -11.69 38.14 -4.70
C PHE C 138 -12.54 38.83 -3.63
N SER C 139 -12.12 40.02 -3.22
CA SER C 139 -12.89 40.78 -2.24
C SER C 139 -12.99 42.25 -2.63
N PRO C 186 -16.13 56.37 14.93
CA PRO C 186 -17.35 56.03 15.68
C PRO C 186 -17.59 54.52 15.64
N LEU C 187 -16.79 53.75 16.38
CA LEU C 187 -16.48 52.38 15.97
C LEU C 187 -17.72 51.48 15.97
N GLU C 188 -18.33 51.27 17.13
CA GLU C 188 -19.47 50.35 17.15
C GLU C 188 -20.62 50.85 16.29
N GLU C 189 -20.72 52.16 16.08
CA GLU C 189 -21.67 52.70 15.11
C GLU C 189 -21.28 52.31 13.67
N MET C 190 -20.12 51.66 13.49
CA MET C 190 -19.70 51.10 12.22
C MET C 190 -19.85 49.59 12.19
N LYS C 191 -19.38 48.89 13.23
CA LYS C 191 -19.79 47.50 13.42
C LYS C 191 -21.31 47.34 13.30
N ALA C 192 -22.05 48.41 13.60
CA ALA C 192 -23.48 48.44 13.37
C ALA C 192 -23.83 48.41 11.89
N LYS C 193 -23.46 49.48 11.17
CA LYS C 193 -23.78 49.59 9.75
C LYS C 193 -23.49 48.29 9.01
N LEU C 194 -22.34 47.66 9.28
CA LEU C 194 -22.03 46.39 8.65
C LEU C 194 -23.17 45.39 8.83
N TYR C 195 -23.58 45.19 10.07
CA TYR C 195 -24.72 44.30 10.31
C TYR C 195 -25.93 44.80 9.55
N GLU C 196 -26.36 46.04 9.83
CA GLU C 196 -27.59 46.54 9.24
C GLU C 196 -27.57 46.46 7.72
N ASN C 197 -26.38 46.45 7.14
CA ASN C 197 -26.26 46.38 5.71
C ASN C 197 -25.80 45.02 5.22
N ARG C 198 -25.66 44.04 6.11
CA ARG C 198 -25.50 42.65 5.72
C ARG C 198 -24.21 42.46 4.94
N ILE C 199 -23.15 43.09 5.42
CA ILE C 199 -21.89 43.02 4.72
C ILE C 199 -20.80 42.75 5.73
N GLU C 200 -19.65 42.37 5.21
CA GLU C 200 -18.48 41.99 5.97
C GLU C 200 -17.38 43.06 5.97
N LYS C 201 -17.57 44.18 5.26
CA LYS C 201 -16.58 45.26 5.28
C LYS C 201 -17.23 46.54 4.78
N MET C 202 -16.82 47.66 5.37
CA MET C 202 -17.21 48.98 4.87
C MET C 202 -15.95 49.80 4.62
N LEU C 203 -16.11 51.09 4.37
CA LEU C 203 -14.97 51.97 4.06
C LEU C 203 -15.06 53.36 4.74
N GLU C 224 -10.90 44.02 18.93
CA GLU C 224 -10.67 42.65 19.37
C GLU C 224 -11.20 42.50 20.80
N ARG C 225 -10.86 41.41 21.47
CA ARG C 225 -11.41 41.12 22.80
C ARG C 225 -10.34 40.97 23.86
N LYS C 226 -10.11 42.06 24.57
CA LYS C 226 -9.47 42.12 25.87
C LYS C 226 -10.31 43.11 26.66
N PRO C 227 -11.10 42.62 27.63
CA PRO C 227 -12.06 43.48 28.32
C PRO C 227 -11.50 44.37 29.42
N ASN C 228 -10.32 44.06 29.94
CA ASN C 228 -9.72 44.87 31.01
C ASN C 228 -8.66 45.81 30.48
N ALA C 229 -8.60 46.02 29.17
CA ALA C 229 -7.51 46.78 28.60
C ALA C 229 -7.61 48.24 29.00
N CYS C 230 -6.44 48.85 29.17
CA CYS C 230 -6.35 50.25 29.55
C CYS C 230 -6.33 51.09 28.27
N LYS C 231 -7.39 51.83 28.05
CA LYS C 231 -7.47 52.64 26.86
C LYS C 231 -7.80 54.07 27.21
N ASP C 232 -7.44 54.95 26.29
CA ASP C 232 -7.77 56.36 26.37
C ASP C 232 -9.24 56.56 26.04
N GLU C 233 -9.76 57.73 26.39
CA GLU C 233 -11.16 58.04 26.12
C GLU C 233 -11.35 58.24 24.63
N GLN C 234 -10.58 57.48 23.86
CA GLN C 234 -10.77 57.39 22.42
C GLN C 234 -10.51 55.98 21.90
N GLY C 235 -10.53 54.97 22.77
CA GLY C 235 -10.41 53.61 22.36
C GLY C 235 -9.03 53.15 21.97
N ARG C 236 -8.05 54.05 21.93
CA ARG C 236 -6.71 53.59 21.68
C ARG C 236 -6.11 53.10 22.98
N LEU C 237 -5.28 52.07 22.87
CA LEU C 237 -4.56 51.62 24.04
C LEU C 237 -3.80 52.79 24.65
N ARG C 238 -3.47 52.65 25.93
CA ARG C 238 -2.65 53.64 26.60
C ARG C 238 -1.17 53.25 26.56
N VAL C 239 -0.31 54.28 26.48
CA VAL C 239 1.11 54.12 26.23
C VAL C 239 1.86 55.17 27.04
N GLY C 240 2.97 54.73 27.65
CA GLY C 240 3.92 55.65 28.24
C GLY C 240 5.28 55.49 27.60
N ALA C 241 6.09 56.55 27.71
CA ALA C 241 7.48 56.51 27.25
C ALA C 241 8.32 57.39 28.16
N ALA C 242 9.63 57.13 28.21
CA ALA C 242 10.56 57.79 29.12
C ALA C 242 11.49 58.78 28.41
N VAL C 243 11.98 59.78 29.16
CA VAL C 243 13.00 60.71 28.70
C VAL C 243 13.92 61.07 29.88
N GLY C 244 15.12 61.59 29.57
CA GLY C 244 16.06 62.00 30.61
C GLY C 244 15.82 63.41 31.12
N ALA C 245 16.43 63.73 32.27
CA ALA C 245 16.28 65.01 32.96
C ALA C 245 17.45 65.96 32.72
N GLY C 246 18.33 65.65 31.78
CA GLY C 246 19.36 66.56 31.35
C GLY C 246 18.87 67.52 30.30
N ALA C 247 19.73 67.83 29.34
CA ALA C 247 19.38 68.72 28.26
C ALA C 247 19.23 67.96 26.95
N GLY C 248 18.68 68.66 25.95
CA GLY C 248 18.47 68.07 24.64
C GLY C 248 17.18 67.29 24.52
N ASN C 249 16.27 67.46 25.46
CA ASN C 249 15.11 66.62 25.50
C ASN C 249 13.84 67.36 25.14
N GLU C 250 13.87 68.71 25.15
CA GLU C 250 12.79 69.49 24.58
C GLU C 250 12.36 68.83 23.30
N GLU C 251 13.33 68.56 22.44
CA GLU C 251 13.03 67.95 21.16
C GLU C 251 12.36 66.59 21.32
N ARG C 252 12.94 65.75 22.16
CA ARG C 252 12.42 64.39 22.27
C ARG C 252 11.02 64.38 22.85
N VAL C 253 10.81 65.11 23.94
CA VAL C 253 9.47 65.22 24.52
C VAL C 253 8.46 65.64 23.46
N ASP C 254 8.84 66.63 22.64
CA ASP C 254 7.89 67.22 21.70
C ASP C 254 7.40 66.17 20.71
N ALA C 255 8.28 65.23 20.33
CA ALA C 255 7.95 64.16 19.40
C ALA C 255 7.19 62.99 20.05
N LEU C 256 7.26 62.89 21.37
CA LEU C 256 6.52 61.85 22.07
C LEU C 256 5.07 62.23 22.24
N VAL C 257 4.83 63.36 22.89
CA VAL C 257 3.51 63.96 22.89
C VAL C 257 2.96 64.01 21.47
N ALA C 258 3.85 64.15 20.48
CA ALA C 258 3.43 64.17 19.09
C ALA C 258 2.72 62.88 18.69
N ALA C 259 3.35 61.73 18.97
CA ALA C 259 2.77 60.43 18.65
C ALA C 259 1.57 60.08 19.51
N GLY C 260 1.18 60.94 20.45
CA GLY C 260 0.00 60.71 21.26
C GLY C 260 0.27 59.88 22.49
N VAL C 261 1.47 60.01 23.06
CA VAL C 261 1.76 59.24 24.26
C VAL C 261 0.87 59.72 25.39
N ASP C 262 0.27 58.77 26.10
CA ASP C 262 -0.59 59.15 27.21
C ASP C 262 0.21 59.74 28.36
N VAL C 263 1.29 59.08 28.74
CA VAL C 263 2.04 59.45 29.93
C VAL C 263 3.52 59.55 29.60
N LEU C 264 4.16 60.60 30.11
CA LEU C 264 5.59 60.83 29.92
C LEU C 264 6.33 60.64 31.23
N LEU C 265 7.33 59.76 31.22
CA LEU C 265 8.15 59.48 32.40
C LEU C 265 9.48 60.19 32.25
N ILE C 266 9.86 60.95 33.27
CA ILE C 266 11.18 61.58 33.36
C ILE C 266 11.96 60.78 34.40
N ASP C 267 12.66 59.71 33.99
CA ASP C 267 13.36 58.82 34.94
C ASP C 267 14.79 59.31 35.19
N SER C 268 15.04 59.71 36.44
CA SER C 268 16.35 60.12 36.92
C SER C 268 16.82 59.17 38.01
N SER C 269 18.13 59.21 38.24
CA SER C 269 18.75 58.50 39.36
C SER C 269 18.57 59.25 40.68
N HIS C 270 18.37 60.57 40.67
CA HIS C 270 18.10 61.33 41.90
C HIS C 270 16.97 62.30 41.54
N GLY C 271 15.74 61.90 41.87
CA GLY C 271 14.60 62.74 41.55
C GLY C 271 14.57 64.03 42.35
N HIS C 272 15.24 64.06 43.49
CA HIS C 272 15.34 65.27 44.28
C HIS C 272 16.46 66.18 43.82
N SER C 273 17.07 65.90 42.68
CA SER C 273 18.08 66.79 42.15
C SER C 273 17.41 68.07 41.64
N GLU C 274 18.00 69.22 41.96
CA GLU C 274 17.41 70.49 41.55
C GLU C 274 17.27 70.58 40.04
N GLY C 275 18.29 70.12 39.32
CA GLY C 275 18.21 70.11 37.87
C GLY C 275 17.03 69.32 37.36
N VAL C 276 16.66 68.25 38.06
CA VAL C 276 15.53 67.43 37.64
C VAL C 276 14.23 68.21 37.86
N LEU C 277 14.04 68.71 39.08
CA LEU C 277 12.90 69.55 39.43
C LEU C 277 12.67 70.65 38.39
N GLN C 278 13.75 71.18 37.82
CA GLN C 278 13.66 72.14 36.74
C GLN C 278 12.98 71.54 35.51
N ARG C 279 13.62 70.54 34.89
CA ARG C 279 13.09 69.92 33.69
C ARG C 279 11.63 69.56 33.83
N ILE C 280 11.16 69.40 35.05
CA ILE C 280 9.73 69.24 35.26
C ILE C 280 9.03 70.57 35.03
N ARG C 281 9.29 71.55 35.90
CA ARG C 281 8.52 72.77 35.89
C ARG C 281 8.45 73.38 34.50
N GLU C 282 9.48 73.11 33.69
CA GLU C 282 9.53 73.54 32.30
C GLU C 282 8.52 72.79 31.45
N THR C 283 8.55 71.47 31.53
CA THR C 283 7.66 70.68 30.70
C THR C 283 6.20 70.96 31.08
N ARG C 284 5.93 71.00 32.37
CA ARG C 284 4.62 71.33 32.88
C ARG C 284 4.17 72.72 32.45
N ALA C 285 5.11 73.64 32.28
CA ALA C 285 4.76 74.92 31.70
C ALA C 285 4.39 74.77 30.23
N LYS C 286 5.18 74.02 29.45
CA LYS C 286 4.90 73.91 28.02
C LYS C 286 3.63 73.11 27.75
N TYR C 287 3.41 72.03 28.50
CA TYR C 287 2.28 71.13 28.30
C TYR C 287 1.48 71.15 29.58
N PRO C 288 0.63 72.15 29.79
CA PRO C 288 -0.12 72.22 31.05
C PRO C 288 -0.83 70.91 31.38
N ASP C 289 -1.28 70.17 30.37
CA ASP C 289 -2.13 68.99 30.56
C ASP C 289 -1.43 67.67 30.42
N LEU C 290 -0.22 67.62 29.87
CA LEU C 290 0.42 66.33 29.69
C LEU C 290 0.59 65.66 31.04
N GLN C 291 0.34 64.35 31.09
CA GLN C 291 0.53 63.58 32.31
C GLN C 291 1.99 63.16 32.47
N ILE C 292 2.54 63.44 33.66
CA ILE C 292 3.97 63.38 33.93
C ILE C 292 4.23 62.60 35.22
N ILE C 293 5.20 61.68 35.17
CA ILE C 293 5.65 60.88 36.30
C ILE C 293 7.10 61.25 36.61
N GLY C 294 7.45 61.35 37.91
CA GLY C 294 8.81 61.67 38.32
C GLY C 294 9.49 60.74 39.30
N GLY C 295 10.74 60.34 39.02
CA GLY C 295 11.43 59.37 39.85
C GLY C 295 12.94 59.47 39.77
N ASN C 296 13.59 58.83 40.73
CA ASN C 296 12.86 58.22 41.82
C ASN C 296 13.26 58.99 43.06
N VAL C 297 12.42 58.91 44.08
CA VAL C 297 12.76 59.41 45.40
C VAL C 297 12.56 58.29 46.42
N ALA C 298 12.75 58.64 47.69
CA ALA C 298 12.47 57.69 48.76
C ALA C 298 12.16 58.39 50.08
N THR C 299 12.03 59.72 50.08
CA THR C 299 11.76 60.51 51.26
C THR C 299 10.43 61.23 51.11
N ALA C 300 9.76 61.49 52.22
CA ALA C 300 8.52 62.27 52.15
C ALA C 300 8.78 63.65 51.56
N ALA C 301 9.96 64.22 51.83
CA ALA C 301 10.25 65.57 51.37
C ALA C 301 10.67 65.61 49.90
N GLY C 302 11.34 64.58 49.41
CA GLY C 302 11.60 64.50 47.98
C GLY C 302 10.33 64.36 47.16
N ALA C 303 9.25 63.90 47.76
CA ALA C 303 7.96 63.75 47.10
C ALA C 303 7.21 65.08 47.00
N ARG C 304 7.00 65.77 48.13
CA ARG C 304 6.50 67.14 48.08
CA ARG C 304 6.50 67.13 48.07
C ARG C 304 7.29 67.98 47.08
N ALA C 305 8.62 67.79 47.07
CA ALA C 305 9.46 68.46 46.09
C ALA C 305 9.01 68.15 44.67
N LEU C 306 8.76 66.87 44.38
CA LEU C 306 8.35 66.49 43.03
C LEU C 306 6.96 67.00 42.69
N ALA C 307 6.01 66.89 43.61
CA ALA C 307 4.67 67.35 43.28
C ALA C 307 4.63 68.86 43.19
N GLU C 308 5.29 69.56 44.09
CA GLU C 308 5.27 71.01 44.02
C GLU C 308 6.02 71.53 42.81
N ALA C 309 6.77 70.65 42.12
CA ALA C 309 7.26 70.94 40.78
C ALA C 309 6.21 70.63 39.73
N GLY C 310 5.14 69.95 40.11
CA GLY C 310 4.05 69.69 39.21
C GLY C 310 3.94 68.28 38.67
N CYS C 311 4.25 67.27 39.45
CA CYS C 311 4.09 65.93 38.92
C CYS C 311 2.64 65.47 39.03
N SER C 312 2.28 64.51 38.17
CA SER C 312 1.01 63.81 38.27
C SER C 312 1.09 62.57 39.14
N ALA C 313 2.28 61.98 39.25
CA ALA C 313 2.53 60.82 40.08
C ALA C 313 4.01 60.78 40.38
N VAL C 314 4.37 60.16 41.50
CA VAL C 314 5.74 60.17 42.01
C VAL C 314 6.23 58.73 42.11
N LYS C 315 7.34 58.43 41.44
CA LYS C 315 7.95 57.11 41.51
C LYS C 315 8.94 57.02 42.66
N VAL C 316 8.87 55.91 43.38
CA VAL C 316 9.65 55.69 44.59
C VAL C 316 10.49 54.45 44.37
N GLY C 317 11.78 54.54 44.70
CA GLY C 317 12.64 53.37 44.61
C GLY C 317 14.09 53.74 44.39
N ILE C 318 14.83 53.87 45.49
CA ILE C 318 16.23 54.22 45.44
C ILE C 318 16.94 53.16 46.28
N GLY C 319 17.80 52.37 45.64
CA GLY C 319 18.41 51.24 46.33
C GLY C 319 17.97 49.85 45.88
N PRO C 320 16.68 49.52 46.04
CA PRO C 320 16.21 48.20 45.59
C PRO C 320 16.19 48.10 44.07
N GLY C 321 16.20 46.85 43.60
CA GLY C 321 16.39 46.54 42.19
C GLY C 321 17.85 46.51 41.77
N THR C 325 22.30 48.27 42.29
CA THR C 325 23.44 48.19 43.23
C THR C 325 23.90 49.58 43.62
N THR C 326 22.94 50.45 43.88
CA THR C 326 23.24 51.81 44.30
C THR C 326 23.91 51.83 45.66
N ARG C 327 23.58 50.86 46.50
CA ARG C 327 24.03 50.83 47.87
C ARG C 327 25.51 50.44 47.97
N ILE C 328 25.94 49.46 47.17
CA ILE C 328 27.35 49.06 47.18
C ILE C 328 28.24 50.23 46.76
N VAL C 329 27.81 50.96 45.74
CA VAL C 329 28.63 51.98 45.09
C VAL C 329 28.71 53.23 45.97
N THR C 330 27.56 53.83 46.26
CA THR C 330 27.51 55.10 46.99
C THR C 330 27.13 54.96 48.46
N GLY C 331 26.40 53.91 48.83
CA GLY C 331 25.87 53.80 50.17
C GLY C 331 24.58 54.53 50.42
N VAL C 332 23.76 54.73 49.39
CA VAL C 332 22.50 55.45 49.50
C VAL C 332 21.38 54.46 49.14
N GLY C 333 20.20 54.67 49.73
CA GLY C 333 19.03 53.87 49.42
C GLY C 333 18.02 53.95 50.55
N VAL C 334 16.80 53.50 50.26
CA VAL C 334 15.81 53.24 51.31
C VAL C 334 14.99 51.98 51.03
N PRO C 335 14.86 51.09 52.01
CA PRO C 335 14.08 49.88 51.81
C PRO C 335 12.65 50.26 51.50
N GLN C 336 12.11 49.57 50.51
CA GLN C 336 11.00 50.14 49.79
C GLN C 336 9.84 50.46 50.71
N ILE C 337 9.54 49.58 51.65
CA ILE C 337 8.32 49.74 52.44
C ILE C 337 8.33 51.07 53.17
N THR C 338 9.41 51.34 53.90
CA THR C 338 9.51 52.64 54.53
C THR C 338 9.52 53.74 53.49
N ALA C 339 10.30 53.55 52.41
CA ALA C 339 10.41 54.55 51.35
C ALA C 339 9.04 55.03 50.90
N VAL C 340 8.09 54.11 50.75
CA VAL C 340 6.82 54.38 50.10
C VAL C 340 5.83 55.01 51.07
N ALA C 341 5.68 54.46 52.27
CA ALA C 341 4.76 55.04 53.24
C ALA C 341 5.12 56.47 53.55
N ASP C 342 6.41 56.80 53.44
CA ASP C 342 6.84 58.17 53.68
C ASP C 342 6.35 59.06 52.56
N ALA C 343 6.70 58.68 51.33
CA ALA C 343 6.19 59.33 50.15
C ALA C 343 4.69 59.53 50.24
N VAL C 344 3.96 58.48 50.59
CA VAL C 344 2.52 58.57 50.66
C VAL C 344 2.09 59.52 51.78
N GLU C 345 2.72 59.40 52.95
CA GLU C 345 2.37 60.28 54.06
C GLU C 345 2.48 61.74 53.64
N ALA C 346 3.51 62.07 52.86
CA ALA C 346 3.64 63.45 52.43
C ALA C 346 2.59 63.83 51.41
N LEU C 347 2.08 62.86 50.64
CA LEU C 347 1.19 63.13 49.52
C LEU C 347 -0.24 62.69 49.81
N GLU C 348 -0.64 62.78 51.06
CA GLU C 348 -2.00 62.44 51.42
C GLU C 348 -2.93 63.49 50.87
N GLY C 349 -4.06 63.04 50.32
CA GLY C 349 -5.12 63.91 49.86
C GLY C 349 -4.76 64.89 48.77
N THR C 350 -3.50 64.93 48.34
CA THR C 350 -3.22 65.60 47.08
C THR C 350 -3.64 64.75 45.91
N GLY C 351 -4.04 63.51 46.19
CA GLY C 351 -4.51 62.59 45.16
C GLY C 351 -3.46 62.44 44.09
N ILE C 352 -2.20 62.67 44.48
CA ILE C 352 -1.04 62.41 43.63
C ILE C 352 -0.49 61.05 44.03
N PRO C 353 -0.63 60.02 43.19
CA PRO C 353 -0.30 58.65 43.58
C PRO C 353 1.21 58.39 43.65
N VAL C 354 1.56 57.32 44.36
CA VAL C 354 2.94 56.87 44.56
C VAL C 354 3.14 55.54 43.85
N ILE C 355 4.28 55.36 43.20
CA ILE C 355 4.60 54.11 42.52
C ILE C 355 5.79 53.44 43.19
N ALA C 356 5.66 52.16 43.47
CA ALA C 356 6.77 51.39 44.02
C ALA C 356 7.62 50.85 42.88
N ASP C 357 8.88 51.27 42.80
CA ASP C 357 9.72 50.93 41.66
C ASP C 357 10.88 50.01 42.03
N GLY C 358 10.86 48.81 41.46
CA GLY C 358 11.95 47.87 41.59
C GLY C 358 11.85 47.09 42.88
N GLY C 359 12.62 46.01 42.98
CA GLY C 359 12.71 45.26 44.21
C GLY C 359 11.65 44.21 44.37
N ILE C 360 10.64 44.23 43.55
CA ILE C 360 9.58 43.25 43.67
C ILE C 360 10.03 41.95 43.04
N ARG C 361 9.68 40.86 43.72
CA ARG C 361 10.08 39.51 43.35
C ARG C 361 8.84 38.63 43.27
N PHE C 362 7.92 38.77 44.23
CA PHE C 362 6.71 37.95 44.26
C PHE C 362 5.45 38.79 44.34
N SER C 363 4.33 38.13 44.05
CA SER C 363 3.02 38.73 44.27
C SER C 363 2.85 39.15 45.73
N GLY C 364 3.41 38.38 46.66
CA GLY C 364 3.48 38.84 48.04
C GLY C 364 3.96 40.27 48.15
N ASP C 365 5.07 40.60 47.46
CA ASP C 365 5.65 41.93 47.57
C ASP C 365 4.77 43.01 46.98
N ILE C 366 4.15 42.73 45.83
CA ILE C 366 3.24 43.69 45.23
C ILE C 366 2.24 44.15 46.26
N ALA C 367 1.63 43.20 46.98
CA ALA C 367 0.61 43.50 47.97
C ALA C 367 1.15 44.39 49.06
N LYS C 368 2.32 44.02 49.56
CA LYS C 368 3.01 44.82 50.56
C LYS C 368 3.27 46.23 50.03
N ALA C 369 3.75 46.33 48.80
CA ALA C 369 3.95 47.65 48.21
C ALA C 369 2.67 48.49 48.30
N ILE C 370 1.56 47.94 47.84
CA ILE C 370 0.33 48.71 47.76
C ILE C 370 -0.18 49.06 49.14
N ALA C 371 -0.18 48.08 50.05
CA ALA C 371 -0.71 48.38 51.36
C ALA C 371 0.12 49.43 52.07
N ALA C 372 1.42 49.53 51.77
CA ALA C 372 2.21 50.64 52.27
C ALA C 372 1.71 51.97 51.72
N GLY C 373 1.04 51.96 50.57
CA GLY C 373 0.37 53.16 50.11
C GLY C 373 0.53 53.42 48.63
N ALA C 374 1.42 52.69 47.96
CA ALA C 374 1.57 52.88 46.53
C ALA C 374 0.26 52.53 45.80
N SER C 375 -0.06 53.30 44.75
CA SER C 375 -1.28 53.07 43.97
C SER C 375 -1.05 52.17 42.75
N ALA C 376 0.19 51.73 42.51
CA ALA C 376 0.57 50.74 41.50
C ALA C 376 2.06 50.50 41.68
N VAL C 377 2.57 49.44 41.05
CA VAL C 377 3.96 49.02 41.17
C VAL C 377 4.61 48.90 39.80
N MET C 378 5.92 49.16 39.75
CA MET C 378 6.69 48.99 38.54
C MET C 378 7.77 47.91 38.72
N VAL C 379 7.84 47.02 37.73
CA VAL C 379 8.63 45.80 37.81
C VAL C 379 9.60 45.69 36.64
N GLY C 380 10.81 45.25 36.93
CA GLY C 380 11.74 44.99 35.85
C GLY C 380 11.90 43.51 35.63
N SER C 381 12.61 42.89 36.56
CA SER C 381 13.02 41.50 36.41
C SER C 381 11.84 40.58 36.18
N MET C 382 10.67 40.95 36.70
CA MET C 382 9.55 40.03 36.68
C MET C 382 9.00 39.82 35.26
N LEU C 383 9.31 40.73 34.34
CA LEU C 383 8.83 40.65 32.96
C LEU C 383 9.89 40.43 31.91
N ALA C 384 11.15 40.72 32.19
CA ALA C 384 12.23 40.34 31.29
C ALA C 384 12.13 38.85 31.04
N GLY C 385 12.09 38.47 29.77
CA GLY C 385 12.10 37.07 29.40
C GLY C 385 10.78 36.52 28.90
N THR C 386 9.73 37.34 28.89
CA THR C 386 8.48 36.84 28.36
C THR C 386 8.55 36.77 26.83
N GLU C 387 7.52 36.16 26.25
CA GLU C 387 7.40 36.15 24.79
C GLU C 387 7.43 37.59 24.26
N GLU C 388 6.66 38.49 24.91
CA GLU C 388 6.42 39.85 24.44
C GLU C 388 7.54 40.83 24.77
N SER C 389 8.41 40.50 25.72
CA SER C 389 9.52 41.36 26.05
C SER C 389 10.48 41.41 24.87
N PRO C 390 11.34 42.44 24.83
CA PRO C 390 12.30 42.57 23.73
C PRO C 390 13.27 41.40 23.61
N GLY C 391 13.58 41.06 22.36
CA GLY C 391 14.46 39.95 22.02
C GLY C 391 13.69 38.82 21.35
N GLU C 392 14.45 37.94 20.67
CA GLU C 392 13.89 36.77 20.02
C GLU C 392 14.30 35.47 20.71
N ILE C 393 13.37 34.52 20.71
CA ILE C 393 13.55 33.26 21.41
C ILE C 393 14.62 32.43 20.68
N GLU C 394 15.71 32.15 21.39
CA GLU C 394 16.78 31.26 20.94
C GLU C 394 16.95 30.14 21.94
N LEU C 395 17.12 28.92 21.43
CA LEU C 395 17.29 27.75 22.30
C LEU C 395 18.71 27.66 22.81
N TYR C 396 18.84 27.16 24.04
CA TYR C 396 20.16 26.95 24.58
C TYR C 396 20.07 25.82 25.61
N GLN C 397 20.88 24.79 25.41
CA GLN C 397 21.03 23.72 26.38
C GLN C 397 19.68 23.05 26.68
N SER C 400 15.51 26.78 25.92
CA SER C 400 14.67 27.78 25.27
C SER C 400 14.64 29.10 26.05
N TYR C 401 15.45 30.07 25.60
CA TYR C 401 15.64 31.38 26.25
C TYR C 401 15.33 32.50 25.27
N LYS C 402 15.53 33.73 25.70
CA LYS C 402 15.35 34.90 24.83
C LYS C 402 16.71 35.38 24.37
N SER C 403 17.04 35.10 23.11
CA SER C 403 18.19 35.76 22.50
C SER C 403 17.90 37.24 22.41
N TYR C 404 18.81 38.05 22.92
CA TYR C 404 18.76 39.47 22.68
C TYR C 404 19.50 39.79 21.40
N VAL C 440 18.43 35.57 28.89
CA VAL C 440 17.76 35.44 30.18
C VAL C 440 16.82 34.24 30.17
N ALA C 441 16.15 34.00 31.30
CA ALA C 441 15.24 32.87 31.48
C ALA C 441 13.90 33.15 30.80
N TYR C 442 13.61 32.40 29.73
CA TYR C 442 12.37 32.61 28.97
C TYR C 442 11.15 32.31 29.83
N LYS C 443 10.27 33.30 29.91
CA LYS C 443 9.12 33.27 30.81
C LYS C 443 7.81 33.03 30.09
N GLY C 444 7.76 33.16 28.77
CA GLY C 444 6.55 32.84 28.05
C GLY C 444 5.63 34.04 27.90
N ARG C 445 4.34 33.77 27.80
CA ARG C 445 3.38 34.83 27.53
C ARG C 445 3.19 35.68 28.80
N LEU C 446 3.26 36.99 28.61
CA LEU C 446 3.00 37.97 29.65
C LEU C 446 1.63 37.77 30.29
N LYS C 447 0.64 37.38 29.48
CA LYS C 447 -0.71 37.22 29.99
C LYS C 447 -0.69 36.39 31.26
N GLU C 448 0.07 35.31 31.22
CA GLU C 448 0.10 34.36 32.32
C GLU C 448 0.74 34.96 33.56
N ILE C 449 1.92 35.56 33.40
CA ILE C 449 2.61 36.12 34.56
C ILE C 449 1.70 37.10 35.28
N ILE C 450 1.02 37.94 34.51
CA ILE C 450 0.06 38.86 35.11
C ILE C 450 -0.99 38.09 35.88
N HIS C 451 -1.70 37.19 35.20
CA HIS C 451 -2.74 36.44 35.87
C HIS C 451 -2.19 35.79 37.13
N GLN C 452 -0.97 35.26 37.06
CA GLN C 452 -0.30 34.71 38.23
C GLN C 452 -0.24 35.73 39.35
N GLN C 453 0.49 36.81 39.13
CA GLN C 453 0.69 37.79 40.18
C GLN C 453 -0.66 38.28 40.70
N MET C 454 -1.56 38.63 39.79
CA MET C 454 -2.86 39.16 40.17
C MET C 454 -3.70 38.13 40.90
N GLY C 455 -3.44 36.86 40.68
CA GLY C 455 -4.05 35.85 41.49
C GLY C 455 -3.66 36.05 42.93
N GLY C 456 -2.35 36.04 43.19
CA GLY C 456 -1.87 36.19 44.55
C GLY C 456 -2.37 37.48 45.18
N LEU C 457 -2.35 38.55 44.41
CA LEU C 457 -2.90 39.82 44.87
C LEU C 457 -4.35 39.69 45.31
N ARG C 458 -5.22 39.15 44.44
CA ARG C 458 -6.59 38.93 44.86
C ARG C 458 -6.65 38.17 46.18
N SER C 459 -6.02 36.98 46.24
CA SER C 459 -6.06 36.15 47.45
C SER C 459 -5.76 36.96 48.68
N CYS C 460 -4.64 37.69 48.64
CA CYS C 460 -4.33 38.69 49.65
C CYS C 460 -5.52 39.57 49.97
N MET C 461 -6.14 40.17 48.95
CA MET C 461 -7.30 41.01 49.23
C MET C 461 -8.42 40.22 49.86
N GLY C 462 -8.65 39.00 49.37
CA GLY C 462 -9.57 38.10 50.05
C GLY C 462 -9.20 37.93 51.50
N LEU C 463 -7.93 37.63 51.77
CA LEU C 463 -7.48 37.49 53.15
C LEU C 463 -7.77 38.74 53.95
N THR C 464 -7.62 39.89 53.33
CA THR C 464 -7.54 41.14 54.05
C THR C 464 -8.87 41.87 54.11
N GLY C 465 -9.93 41.28 53.57
CA GLY C 465 -11.18 41.98 53.62
C GLY C 465 -11.18 43.26 52.81
N CYS C 466 -10.15 43.49 51.99
CA CYS C 466 -10.10 44.65 51.12
C CYS C 466 -10.60 44.27 49.74
N GLY C 467 -11.56 45.05 49.23
CA GLY C 467 -12.17 44.82 47.93
C GLY C 467 -11.75 45.77 46.82
N THR C 468 -11.46 47.03 47.16
CA THR C 468 -10.91 47.97 46.20
C THR C 468 -9.42 48.14 46.46
N ILE C 469 -8.74 48.62 45.44
CA ILE C 469 -7.33 48.89 45.60
C ILE C 469 -7.14 49.95 46.70
N ASP C 470 -7.92 51.04 46.63
CA ASP C 470 -7.83 52.17 47.53
C ASP C 470 -8.30 51.81 48.93
N GLU C 471 -8.80 50.60 49.15
CA GLU C 471 -9.08 50.05 50.46
C GLU C 471 -7.85 49.35 51.03
N LEU C 472 -7.17 48.59 50.19
CA LEU C 472 -5.98 47.88 50.66
C LEU C 472 -4.84 48.84 50.98
N ARG C 473 -4.72 49.95 50.26
CA ARG C 473 -3.68 50.90 50.56
C ARG C 473 -3.95 51.67 51.81
N THR C 474 -5.18 51.66 52.26
CA THR C 474 -5.60 52.57 53.30
C THR C 474 -6.05 51.89 54.57
N LYS C 475 -6.64 50.71 54.48
CA LYS C 475 -7.15 50.04 55.66
C LYS C 475 -6.23 48.93 56.17
N ALA C 476 -5.46 48.30 55.29
CA ALA C 476 -4.75 47.08 55.66
C ALA C 476 -3.64 47.36 56.68
N GLU C 477 -3.32 46.35 57.48
CA GLU C 477 -2.36 46.49 58.56
C GLU C 477 -1.22 45.50 58.45
N PHE C 478 -0.05 45.96 58.86
CA PHE C 478 1.17 45.19 58.80
C PHE C 478 1.49 44.63 60.17
N VAL C 479 2.29 43.58 60.14
CA VAL C 479 3.00 43.15 61.31
C VAL C 479 4.48 43.10 60.94
N ARG C 480 5.32 43.04 61.98
CA ARG C 480 6.76 43.12 61.81
C ARG C 480 7.40 41.84 62.29
N ILE C 481 8.21 41.24 61.42
CA ILE C 481 8.78 39.91 61.66
C ILE C 481 10.30 39.99 61.67
N SER C 482 10.92 38.89 62.10
CA SER C 482 12.36 38.83 62.37
C SER C 482 13.12 38.07 61.28
N GLY C 483 14.45 38.01 61.46
CA GLY C 483 15.29 37.21 60.57
C GLY C 483 14.80 35.77 60.45
N ALA C 484 14.42 35.16 61.59
CA ALA C 484 13.73 33.87 61.61
C ALA C 484 12.36 33.98 60.92
N MET D 21 -15.60 -39.48 -79.82
CA MET D 21 -15.96 -40.44 -78.78
C MET D 21 -15.60 -39.97 -77.37
N LEU D 22 -16.46 -40.31 -76.41
CA LEU D 22 -16.29 -39.88 -75.02
C LEU D 22 -15.08 -40.55 -74.37
N ARG D 23 -14.12 -39.72 -73.97
CA ARG D 23 -12.81 -40.20 -73.54
C ARG D 23 -12.79 -40.39 -72.02
N ILE D 24 -13.19 -41.57 -71.56
CA ILE D 24 -13.19 -41.92 -70.14
C ILE D 24 -12.08 -42.91 -69.87
N ALA D 25 -11.07 -42.46 -69.12
CA ALA D 25 -9.90 -43.30 -68.85
C ALA D 25 -10.28 -44.58 -68.11
N LYS D 26 -11.12 -44.45 -67.09
CA LYS D 26 -11.42 -45.57 -66.20
C LYS D 26 -12.50 -45.15 -65.22
N GLU D 27 -12.81 -46.07 -64.33
CA GLU D 27 -13.63 -45.80 -63.16
C GLU D 27 -12.74 -45.47 -61.96
N ALA D 28 -13.20 -44.53 -61.12
CA ALA D 28 -12.37 -43.98 -60.05
C ALA D 28 -13.09 -43.90 -58.70
N LEU D 29 -12.40 -44.31 -57.62
CA LEU D 29 -13.00 -44.53 -56.31
C LEU D 29 -12.48 -43.60 -55.22
N THR D 30 -13.37 -43.22 -54.30
CA THR D 30 -13.04 -42.43 -53.13
C THR D 30 -13.19 -43.30 -51.90
N PHE D 31 -13.02 -42.68 -50.73
CA PHE D 31 -13.12 -43.41 -49.46
C PHE D 31 -14.46 -44.08 -49.29
N ASP D 32 -15.52 -43.35 -49.53
CA ASP D 32 -16.84 -43.89 -49.24
C ASP D 32 -17.23 -45.02 -50.17
N ASP D 33 -16.36 -45.45 -51.08
CA ASP D 33 -16.68 -46.48 -52.08
C ASP D 33 -16.22 -47.86 -51.67
N VAL D 34 -15.39 -47.96 -50.67
CA VAL D 34 -14.72 -49.20 -50.35
C VAL D 34 -14.74 -49.40 -48.84
N LEU D 35 -14.73 -50.66 -48.44
CA LEU D 35 -14.46 -51.04 -47.08
C LEU D 35 -13.33 -52.03 -47.10
N LEU D 36 -12.61 -52.08 -45.99
CA LEU D 36 -11.51 -53.01 -45.81
C LEU D 36 -12.05 -54.35 -45.34
N VAL D 37 -11.57 -55.40 -45.97
CA VAL D 37 -12.01 -56.75 -45.61
C VAL D 37 -11.24 -57.18 -44.37
N PRO D 38 -11.92 -57.68 -43.35
CA PRO D 38 -11.23 -58.18 -42.16
C PRO D 38 -10.61 -59.54 -42.44
N ALA D 39 -9.49 -59.82 -41.79
CA ALA D 39 -8.71 -61.00 -42.09
C ALA D 39 -8.41 -61.77 -40.82
N HIS D 40 -7.87 -62.99 -41.00
CA HIS D 40 -7.19 -63.66 -39.91
C HIS D 40 -6.17 -62.73 -39.30
N SER D 41 -5.99 -62.81 -37.98
CA SER D 41 -5.18 -61.81 -37.32
C SER D 41 -4.59 -62.33 -36.02
N THR D 42 -3.27 -62.20 -35.90
CA THR D 42 -2.54 -62.39 -34.64
C THR D 42 -2.10 -61.04 -34.09
N VAL D 43 -2.82 -59.97 -34.43
CA VAL D 43 -2.41 -58.59 -34.20
C VAL D 43 -3.25 -58.01 -33.08
N LEU D 44 -2.60 -57.63 -31.96
CA LEU D 44 -3.34 -56.84 -30.98
C LEU D 44 -3.25 -55.35 -31.30
N PRO D 45 -4.34 -54.60 -31.12
CA PRO D 45 -4.29 -53.17 -31.49
C PRO D 45 -3.24 -52.36 -30.75
N ASN D 46 -3.08 -52.55 -29.44
CA ASN D 46 -2.06 -51.77 -28.74
C ASN D 46 -0.64 -52.22 -29.04
N THR D 47 -0.46 -53.28 -29.82
CA THR D 47 0.86 -53.78 -30.18
C THR D 47 1.16 -53.59 -31.66
N ALA D 48 0.37 -52.78 -32.35
CA ALA D 48 0.59 -52.63 -33.77
C ALA D 48 1.73 -51.65 -33.98
N ASP D 49 2.50 -51.88 -35.03
CA ASP D 49 3.65 -51.03 -35.33
C ASP D 49 3.20 -49.90 -36.24
N LEU D 50 3.02 -48.73 -35.65
CA LEU D 50 2.51 -47.61 -36.40
C LEU D 50 3.57 -46.89 -37.20
N SER D 51 4.83 -47.30 -37.11
CA SER D 51 5.90 -46.59 -37.79
C SER D 51 5.89 -46.87 -39.30
N THR D 52 6.51 -45.95 -40.04
CA THR D 52 6.58 -46.03 -41.51
C THR D 52 7.56 -44.97 -42.01
N GLN D 53 8.11 -45.22 -43.20
CA GLN D 53 9.10 -44.32 -43.81
C GLN D 53 8.45 -43.19 -44.58
N LEU D 54 8.74 -41.96 -44.17
CA LEU D 54 8.27 -40.79 -44.90
C LEU D 54 9.10 -40.54 -46.16
N THR D 55 10.41 -40.62 -46.05
CA THR D 55 11.27 -40.67 -47.22
C THR D 55 12.12 -41.91 -47.05
N LYS D 56 12.97 -42.18 -48.03
CA LYS D 56 13.84 -43.33 -47.90
C LYS D 56 14.57 -43.33 -46.56
N THR D 57 14.89 -42.15 -46.03
CA THR D 57 15.69 -42.08 -44.80
C THR D 57 14.94 -41.63 -43.56
N ILE D 58 13.82 -40.92 -43.72
CA ILE D 58 13.09 -40.39 -42.58
C ILE D 58 11.97 -41.37 -42.24
N ARG D 59 11.89 -41.75 -40.98
CA ARG D 59 10.95 -42.75 -40.51
C ARG D 59 10.12 -42.17 -39.37
N LEU D 60 8.80 -42.14 -39.57
CA LEU D 60 7.84 -41.68 -38.57
C LEU D 60 7.47 -42.79 -37.60
N ASN D 61 6.96 -42.38 -36.45
CA ASN D 61 6.45 -43.29 -35.44
C ASN D 61 4.95 -43.49 -35.54
N ILE D 62 4.22 -42.40 -35.82
CA ILE D 62 2.85 -42.49 -36.29
C ILE D 62 2.90 -41.95 -37.70
N PRO D 63 2.03 -42.42 -38.59
CA PRO D 63 2.05 -42.01 -39.99
C PRO D 63 1.24 -40.75 -40.30
N MET D 64 1.54 -39.65 -39.61
CA MET D 64 0.72 -38.45 -39.72
C MET D 64 1.51 -37.19 -40.01
N LEU D 65 1.01 -36.39 -40.97
CA LEU D 65 1.55 -35.07 -41.25
C LEU D 65 0.47 -34.01 -41.06
N SER D 66 0.86 -32.84 -40.54
CA SER D 66 -0.03 -31.69 -40.36
C SER D 66 0.14 -30.71 -41.52
N ALA D 67 -0.99 -30.17 -42.01
CA ALA D 67 -0.96 -29.33 -43.20
C ALA D 67 -0.28 -28.01 -42.91
N ALA D 68 0.49 -27.54 -43.89
CA ALA D 68 1.22 -26.28 -43.79
C ALA D 68 0.24 -25.14 -44.03
N MET D 69 -0.74 -25.09 -43.14
CA MET D 69 -1.80 -24.13 -43.25
C MET D 69 -1.66 -23.20 -42.09
N ASP D 70 -1.90 -21.93 -42.36
CA ASP D 70 -1.78 -20.93 -41.33
C ASP D 70 -2.72 -21.21 -40.17
N THR D 71 -3.77 -22.00 -40.41
CA THR D 71 -4.71 -22.40 -39.38
C THR D 71 -4.33 -23.71 -38.72
N VAL D 72 -3.30 -24.37 -39.22
CA VAL D 72 -2.98 -25.70 -38.72
C VAL D 72 -1.59 -25.72 -38.13
N THR D 73 -0.58 -25.44 -38.94
CA THR D 73 0.75 -25.78 -38.51
C THR D 73 1.56 -24.54 -38.23
N GLU D 74 1.89 -24.35 -36.96
CA GLU D 74 3.01 -23.50 -36.65
C GLU D 74 3.97 -24.22 -35.72
N ALA D 75 4.99 -23.48 -35.25
CA ALA D 75 6.01 -24.08 -34.41
C ALA D 75 5.40 -24.84 -33.25
N ARG D 76 4.35 -24.29 -32.65
CA ARG D 76 3.79 -24.89 -31.44
C ARG D 76 3.22 -26.26 -31.74
N LEU D 77 2.37 -26.33 -32.76
CA LEU D 77 1.73 -27.58 -33.11
C LEU D 77 2.73 -28.58 -33.65
N ALA D 78 3.65 -28.13 -34.50
CA ALA D 78 4.60 -29.04 -35.14
C ALA D 78 5.53 -29.73 -34.13
N ILE D 79 5.77 -29.09 -32.98
CA ILE D 79 6.48 -29.77 -31.90
C ILE D 79 5.62 -30.86 -31.28
N ALA D 80 4.39 -30.50 -30.87
CA ALA D 80 3.52 -31.47 -30.22
C ALA D 80 3.40 -32.71 -31.07
N LEU D 81 3.32 -32.52 -32.39
CA LEU D 81 3.15 -33.65 -33.27
C LEU D 81 4.41 -34.50 -33.36
N ALA D 82 5.59 -33.88 -33.42
CA ALA D 82 6.82 -34.67 -33.49
C ALA D 82 7.01 -35.51 -32.24
N GLN D 83 6.70 -34.92 -31.08
CA GLN D 83 6.72 -35.64 -29.82
C GLN D 83 5.84 -36.87 -29.82
N GLU D 84 4.83 -36.88 -30.66
CA GLU D 84 3.93 -38.01 -30.74
C GLU D 84 4.18 -38.85 -31.98
N GLY D 85 5.15 -38.49 -32.81
CA GLY D 85 5.57 -39.40 -33.84
C GLY D 85 5.52 -38.90 -35.27
N GLY D 86 4.73 -37.86 -35.52
CA GLY D 86 4.58 -37.31 -36.85
C GLY D 86 5.38 -36.03 -37.04
N ILE D 87 5.17 -35.39 -38.19
CA ILE D 87 5.91 -34.19 -38.56
C ILE D 87 4.94 -33.09 -38.99
N GLY D 88 5.14 -31.89 -38.45
CA GLY D 88 4.41 -30.73 -38.91
C GLY D 88 5.20 -29.94 -39.95
N PHE D 89 4.46 -29.22 -40.80
CA PHE D 89 5.04 -28.42 -41.89
C PHE D 89 4.66 -26.97 -41.70
N ILE D 90 5.65 -26.16 -41.34
CA ILE D 90 5.41 -24.76 -41.08
C ILE D 90 4.81 -24.15 -42.33
N HIS D 91 3.69 -23.46 -42.17
CA HIS D 91 3.05 -22.82 -43.30
C HIS D 91 3.93 -21.69 -43.81
N LYS D 92 3.69 -21.30 -45.07
CA LYS D 92 4.55 -20.34 -45.76
C LYS D 92 4.02 -18.91 -45.76
N ASN D 93 2.92 -18.64 -45.08
CA ASN D 93 2.36 -17.29 -45.02
C ASN D 93 3.04 -16.46 -43.93
N MET D 94 4.36 -16.34 -44.05
CA MET D 94 5.15 -15.60 -43.09
C MET D 94 6.50 -15.31 -43.72
N SER D 95 7.19 -14.31 -43.17
CA SER D 95 8.45 -13.88 -43.73
C SER D 95 9.48 -14.99 -43.70
N ILE D 96 10.46 -14.88 -44.61
CA ILE D 96 11.56 -15.83 -44.64
C ILE D 96 12.25 -15.84 -43.27
N GLU D 97 12.54 -14.65 -42.74
CA GLU D 97 13.22 -14.52 -41.46
C GLU D 97 12.42 -15.14 -40.32
N ARG D 98 11.11 -15.27 -40.47
CA ARG D 98 10.27 -15.85 -39.42
C ARG D 98 10.03 -17.32 -39.64
N GLN D 99 9.81 -17.74 -40.89
CA GLN D 99 9.65 -19.16 -41.14
C GLN D 99 10.89 -19.92 -40.73
N ALA D 100 12.08 -19.38 -41.04
CA ALA D 100 13.31 -20.03 -40.61
C ALA D 100 13.36 -20.16 -39.09
N GLU D 101 12.80 -19.19 -38.36
CA GLU D 101 12.82 -19.27 -36.90
C GLU D 101 11.96 -20.40 -36.38
N GLU D 102 10.74 -20.52 -36.90
CA GLU D 102 9.86 -21.60 -36.49
C GLU D 102 10.54 -22.95 -36.65
N VAL D 103 11.25 -23.14 -37.76
CA VAL D 103 12.00 -24.37 -38.00
C VAL D 103 13.03 -24.58 -36.89
N ARG D 104 13.73 -23.52 -36.53
CA ARG D 104 14.79 -23.64 -35.54
C ARG D 104 14.22 -23.88 -34.15
N ARG D 105 13.08 -23.26 -33.84
CA ARG D 105 12.48 -23.50 -32.54
C ARG D 105 12.18 -24.95 -32.32
N VAL D 106 11.79 -25.66 -33.38
CA VAL D 106 11.47 -27.07 -33.22
C VAL D 106 12.74 -27.89 -33.03
N LYS D 107 13.74 -27.67 -33.88
CA LYS D 107 14.94 -28.51 -33.84
C LYS D 107 15.64 -28.42 -32.49
N LYS D 108 15.75 -27.21 -31.94
CA LYS D 108 16.45 -26.99 -30.68
C LYS D 108 15.54 -27.12 -29.47
N HIS D 109 14.26 -27.40 -29.66
CA HIS D 109 13.33 -27.43 -28.54
C HIS D 109 13.63 -28.63 -27.65
N GLU D 110 14.01 -28.33 -26.42
CA GLU D 110 13.98 -29.33 -25.36
C GLU D 110 13.22 -28.69 -24.21
N SER D 111 12.05 -29.25 -23.89
CA SER D 111 11.26 -28.71 -22.79
C SER D 111 11.98 -28.94 -21.48
N ALA D 112 12.93 -29.88 -21.45
CA ALA D 112 13.69 -30.15 -20.24
C ALA D 112 14.68 -29.02 -19.95
N ILE D 113 15.09 -28.27 -20.96
CA ILE D 113 16.07 -27.20 -20.81
C ILE D 113 15.37 -25.91 -20.38
N VAL D 114 15.79 -25.34 -19.25
CA VAL D 114 15.37 -23.98 -18.89
C VAL D 114 16.11 -23.01 -19.78
N ARG D 115 15.35 -22.22 -20.52
CA ARG D 115 15.91 -21.47 -21.62
C ARG D 115 16.19 -20.01 -21.28
N ASP D 116 15.37 -19.41 -20.40
CA ASP D 116 15.55 -18.01 -20.00
C ASP D 116 15.87 -17.92 -18.52
N PRO D 117 17.07 -18.32 -18.14
CA PRO D 117 17.53 -18.16 -16.76
C PRO D 117 18.20 -16.81 -16.57
N VAL D 118 18.24 -16.38 -15.31
CA VAL D 118 18.84 -15.11 -14.93
C VAL D 118 20.36 -15.20 -14.99
N THR D 119 20.99 -14.25 -15.68
CA THR D 119 22.44 -14.23 -15.84
C THR D 119 22.94 -12.92 -15.30
N VAL D 120 24.27 -12.85 -15.21
CA VAL D 120 24.96 -11.63 -14.86
C VAL D 120 26.15 -11.49 -15.79
N THR D 121 26.87 -10.42 -15.59
CA THR D 121 28.05 -10.12 -16.37
C THR D 121 29.18 -9.94 -15.39
N PRO D 122 30.42 -10.06 -15.85
CA PRO D 122 31.56 -9.77 -14.98
C PRO D 122 31.49 -8.38 -14.41
N SER D 123 30.77 -7.48 -15.09
CA SER D 123 30.61 -6.10 -14.67
C SER D 123 29.67 -5.97 -13.49
N THR D 124 28.87 -6.99 -13.19
CA THR D 124 27.83 -6.92 -12.16
C THR D 124 28.44 -6.71 -10.77
N LYS D 125 27.98 -5.67 -10.07
CA LYS D 125 28.35 -5.45 -8.67
C LYS D 125 27.86 -6.59 -7.80
N ILE D 126 28.73 -7.06 -6.92
CA ILE D 126 28.37 -8.07 -5.92
C ILE D 126 27.18 -7.62 -5.06
N ILE D 127 27.09 -6.33 -4.77
CA ILE D 127 25.94 -5.80 -4.02
C ILE D 127 24.64 -6.18 -4.73
N GLU D 128 24.61 -5.96 -6.05
CA GLU D 128 23.45 -6.37 -6.83
C GLU D 128 23.27 -7.88 -6.82
N LEU D 129 24.36 -8.64 -6.64
CA LEU D 129 24.28 -10.09 -6.59
C LEU D 129 23.53 -10.59 -5.35
N LEU D 130 23.86 -10.07 -4.15
CA LEU D 130 23.14 -10.47 -2.95
C LEU D 130 21.66 -10.12 -3.02
N GLN D 131 21.33 -9.03 -3.72
CA GLN D 131 19.94 -8.67 -3.95
C GLN D 131 19.23 -9.74 -4.77
N MET D 132 19.86 -10.17 -5.87
CA MET D 132 19.31 -11.22 -6.71
C MET D 132 19.34 -12.58 -6.03
N ALA D 133 20.36 -12.82 -5.19
CA ALA D 133 20.43 -14.09 -4.49
C ALA D 133 19.22 -14.28 -3.61
N ARG D 134 18.78 -13.20 -2.96
CA ARG D 134 17.59 -13.19 -2.13
C ARG D 134 16.33 -13.41 -2.94
N GLU D 135 16.47 -13.52 -4.27
CA GLU D 135 15.34 -13.62 -5.17
C GLU D 135 15.42 -14.81 -6.13
N TYR D 136 16.55 -15.51 -6.19
CA TYR D 136 16.70 -16.70 -7.01
C TYR D 136 17.53 -17.76 -6.34
N GLY D 137 18.15 -17.44 -5.21
CA GLY D 137 18.98 -18.39 -4.51
C GLY D 137 20.34 -18.47 -5.15
N PHE D 138 21.33 -18.83 -4.34
CA PHE D 138 22.71 -19.01 -4.78
C PHE D 138 22.93 -20.40 -5.34
N SER D 139 21.93 -20.89 -6.05
CA SER D 139 22.07 -22.12 -6.81
C SER D 139 23.05 -21.95 -7.96
N GLY D 140 23.19 -20.72 -8.48
CA GLY D 140 24.10 -20.43 -9.58
C GLY D 140 23.61 -19.40 -10.58
N PHE D 141 24.34 -18.27 -10.71
CA PHE D 141 24.06 -17.23 -11.68
C PHE D 141 25.04 -17.31 -12.85
N PRO D 142 24.59 -17.64 -14.06
CA PRO D 142 25.52 -17.67 -15.19
C PRO D 142 26.07 -16.29 -15.51
N VAL D 143 27.38 -16.24 -15.72
CA VAL D 143 28.05 -14.98 -16.05
C VAL D 143 28.29 -14.94 -17.54
N VAL D 144 27.72 -13.93 -18.16
CA VAL D 144 27.81 -13.75 -19.59
C VAL D 144 28.25 -12.33 -19.83
N GLU D 145 29.21 -12.12 -20.72
CA GLU D 145 29.46 -10.80 -21.24
C GLU D 145 29.36 -10.90 -22.75
N GLN D 146 28.29 -10.33 -23.29
CA GLN D 146 28.03 -10.34 -24.71
C GLN D 146 27.86 -11.77 -25.22
N GLY D 147 26.95 -12.49 -24.60
CA GLY D 147 26.53 -13.79 -25.10
C GLY D 147 27.51 -14.92 -24.88
N GLU D 148 28.80 -14.62 -24.81
CA GLU D 148 29.74 -15.70 -24.56
C GLU D 148 29.71 -16.03 -23.09
N LEU D 149 29.42 -17.29 -22.82
CA LEU D 149 29.44 -17.78 -21.47
C LEU D 149 30.87 -17.75 -20.98
N VAL D 150 31.10 -17.04 -19.89
CA VAL D 150 32.44 -16.92 -19.34
C VAL D 150 32.57 -17.55 -17.95
N GLY D 151 31.48 -17.69 -17.19
CA GLY D 151 31.55 -18.33 -15.89
C GLY D 151 30.23 -18.30 -15.16
N ILE D 152 30.30 -18.72 -13.89
CA ILE D 152 29.13 -18.83 -13.01
C ILE D 152 29.55 -18.52 -11.58
N VAL D 153 28.63 -17.92 -10.81
CA VAL D 153 28.85 -17.60 -9.40
C VAL D 153 27.81 -18.33 -8.55
N THR D 154 28.29 -19.02 -7.51
CA THR D 154 27.46 -19.76 -6.58
C THR D 154 27.70 -19.21 -5.17
N GLY D 155 26.86 -19.64 -4.22
CA GLY D 155 27.05 -19.20 -2.85
C GLY D 155 28.36 -19.68 -2.26
N ARG D 156 28.83 -20.84 -2.73
CA ARG D 156 30.12 -21.36 -2.30
C ARG D 156 31.22 -20.39 -2.71
N ASP D 157 31.01 -19.66 -3.82
CA ASP D 157 31.93 -18.59 -4.23
C ASP D 157 31.85 -17.37 -3.33
N LEU D 158 30.71 -17.12 -2.70
CA LEU D 158 30.54 -15.89 -1.94
C LEU D 158 30.97 -16.03 -0.49
N ARG D 159 31.89 -16.91 -0.16
CA ARG D 159 32.47 -16.87 1.18
C ARG D 159 33.51 -15.79 1.23
N VAL D 160 33.65 -15.25 2.43
CA VAL D 160 34.48 -14.13 2.80
C VAL D 160 33.74 -12.93 2.23
N LYS D 161 33.92 -11.98 2.98
CA LYS D 161 33.11 -10.83 3.12
C LYS D 161 33.51 -9.77 2.07
N PRO D 162 32.59 -9.35 1.18
CA PRO D 162 33.08 -8.49 0.06
C PRO D 162 33.38 -7.09 0.56
N ASN D 163 34.58 -6.59 0.21
CA ASN D 163 34.90 -5.19 0.47
C ASN D 163 34.02 -4.29 -0.38
N ALA D 164 33.98 -3.02 -0.02
CA ALA D 164 32.99 -2.09 -0.55
C ALA D 164 33.08 -2.02 -2.08
N GLY D 165 32.00 -2.44 -2.74
CA GLY D 165 31.87 -2.27 -4.18
C GLY D 165 32.54 -3.32 -5.04
N ASP D 166 32.71 -4.53 -4.54
CA ASP D 166 33.34 -5.59 -5.32
C ASP D 166 32.45 -5.96 -6.53
N THR D 167 33.03 -6.64 -7.50
CA THR D 167 32.27 -7.17 -8.62
C THR D 167 32.48 -8.67 -8.70
N VAL D 168 31.57 -9.31 -9.44
CA VAL D 168 31.57 -10.76 -9.52
C VAL D 168 32.89 -11.28 -10.05
N ALA D 169 33.52 -10.51 -10.95
CA ALA D 169 34.70 -10.97 -11.66
C ALA D 169 35.77 -11.55 -10.73
N ALA D 170 35.84 -11.08 -9.48
CA ALA D 170 36.87 -11.56 -8.58
C ALA D 170 36.56 -12.92 -7.95
N ILE D 171 35.29 -13.28 -7.79
CA ILE D 171 34.92 -14.47 -7.01
C ILE D 171 34.35 -15.62 -7.85
N MET D 172 34.02 -15.39 -9.12
CA MET D 172 33.32 -16.38 -9.95
C MET D 172 34.16 -17.63 -10.24
N THR D 173 33.48 -18.67 -10.72
CA THR D 173 34.15 -19.84 -11.27
C THR D 173 34.61 -19.56 -12.71
N PRO D 174 35.86 -19.90 -13.07
CA PRO D 174 36.35 -19.65 -14.43
C PRO D 174 35.69 -20.56 -15.45
N LYS D 175 35.95 -20.25 -16.73
CA LYS D 175 35.41 -21.05 -17.82
C LYS D 175 35.98 -22.49 -17.81
N ASP D 176 37.25 -22.65 -17.41
CA ASP D 176 37.89 -23.96 -17.60
C ASP D 176 37.35 -24.97 -16.60
N LYS D 177 36.96 -24.52 -15.41
CA LYS D 177 36.49 -25.39 -14.36
C LYS D 177 34.97 -25.58 -14.37
N LEU D 178 34.30 -25.22 -15.47
CA LEU D 178 32.88 -25.45 -15.62
C LEU D 178 32.56 -26.83 -16.20
N VAL D 179 31.46 -27.42 -15.72
CA VAL D 179 30.93 -28.67 -16.27
C VAL D 179 29.70 -28.35 -17.11
N THR D 180 29.83 -28.45 -18.43
CA THR D 180 28.72 -28.16 -19.33
C THR D 180 28.46 -29.33 -20.26
N ALA D 181 27.26 -29.28 -20.85
CA ALA D 181 26.86 -30.17 -21.94
C ALA D 181 26.44 -29.33 -23.13
N ARG D 182 26.73 -29.85 -24.33
CA ARG D 182 26.30 -29.21 -25.56
C ARG D 182 24.82 -29.45 -25.82
N GLU D 183 24.22 -28.51 -26.55
CA GLU D 183 22.83 -28.66 -26.95
C GLU D 183 22.71 -29.83 -27.92
N GLY D 184 21.56 -30.52 -27.87
CA GLY D 184 21.41 -31.73 -28.65
C GLY D 184 22.02 -32.94 -28.01
N THR D 185 22.72 -32.77 -26.89
CA THR D 185 23.17 -33.91 -26.11
C THR D 185 21.94 -34.66 -25.62
N PRO D 186 21.95 -35.97 -25.68
CA PRO D 186 20.87 -36.76 -25.08
C PRO D 186 20.67 -36.44 -23.62
N LEU D 187 19.49 -36.75 -23.08
CA LEU D 187 19.13 -36.34 -21.73
C LEU D 187 19.75 -37.24 -20.65
N GLU D 188 19.81 -38.56 -20.85
CA GLU D 188 20.51 -39.41 -19.87
C GLU D 188 22.00 -39.13 -19.83
N GLU D 189 22.58 -38.65 -20.93
CA GLU D 189 23.98 -38.22 -20.90
C GLU D 189 24.13 -37.09 -19.91
N MET D 190 23.20 -36.15 -19.94
CA MET D 190 23.21 -35.04 -19.00
C MET D 190 23.01 -35.54 -17.56
N LYS D 191 22.02 -36.42 -17.34
CA LYS D 191 21.89 -37.06 -16.03
C LYS D 191 23.18 -37.70 -15.58
N ALA D 192 23.86 -38.37 -16.50
CA ALA D 192 25.11 -39.02 -16.18
C ALA D 192 26.15 -37.98 -15.81
N LYS D 193 26.23 -36.92 -16.60
CA LYS D 193 27.13 -35.82 -16.28
C LYS D 193 26.71 -35.13 -14.99
N LEU D 194 25.41 -35.00 -14.77
CA LEU D 194 24.96 -34.35 -13.54
C LEU D 194 25.27 -35.18 -12.32
N TYR D 195 25.00 -36.48 -12.39
CA TYR D 195 25.24 -37.32 -11.23
C TYR D 195 26.73 -37.45 -10.96
N GLU D 196 27.49 -37.83 -11.98
CA GLU D 196 28.88 -38.12 -11.77
C GLU D 196 29.68 -36.88 -11.44
N ASN D 197 29.18 -35.72 -11.82
CA ASN D 197 29.84 -34.49 -11.46
C ASN D 197 29.25 -33.89 -10.20
N ARG D 198 28.30 -34.59 -9.57
CA ARG D 198 27.80 -34.25 -8.24
C ARG D 198 27.35 -32.79 -8.17
N ILE D 199 26.59 -32.39 -9.20
CA ILE D 199 26.06 -31.04 -9.34
C ILE D 199 24.55 -31.13 -9.50
N GLU D 200 23.87 -30.02 -9.21
CA GLU D 200 22.43 -29.96 -9.30
C GLU D 200 21.92 -29.18 -10.51
N LYS D 201 22.79 -28.42 -11.17
CA LYS D 201 22.38 -27.72 -12.38
C LYS D 201 23.60 -27.61 -13.30
N MET D 202 23.37 -27.76 -14.60
CA MET D 202 24.45 -27.83 -15.58
C MET D 202 24.08 -26.99 -16.78
N LEU D 203 25.03 -26.16 -17.23
CA LEU D 203 24.78 -25.26 -18.33
C LEU D 203 24.90 -25.96 -19.66
N VAL D 204 24.13 -25.45 -20.62
CA VAL D 204 23.97 -26.03 -21.93
C VAL D 204 24.42 -24.97 -22.91
N VAL D 205 25.53 -25.22 -23.60
CA VAL D 205 26.11 -24.25 -24.51
C VAL D 205 25.88 -24.66 -25.95
N ASP D 206 26.40 -23.88 -26.89
CA ASP D 206 26.31 -24.30 -28.28
C ASP D 206 27.69 -24.57 -28.85
N GLU D 207 27.78 -24.56 -30.18
CA GLU D 207 29.02 -24.88 -30.86
C GLU D 207 30.11 -23.90 -30.45
N ASN D 208 29.73 -22.63 -30.25
CA ASN D 208 30.64 -21.54 -29.98
C ASN D 208 30.70 -21.22 -28.51
N PHE D 209 30.25 -22.14 -27.66
CA PHE D 209 30.25 -21.91 -26.23
C PHE D 209 29.40 -20.72 -25.84
N TYR D 210 28.29 -20.55 -26.54
CA TYR D 210 27.30 -19.56 -26.18
C TYR D 210 26.28 -20.21 -25.26
N LEU D 211 25.86 -19.47 -24.25
CA LEU D 211 24.89 -20.01 -23.32
C LEU D 211 23.55 -20.20 -24.01
N ARG D 212 23.02 -21.41 -23.94
CA ARG D 212 21.76 -21.74 -24.57
C ARG D 212 20.65 -22.07 -23.58
N GLY D 213 21.00 -22.45 -22.35
CA GLY D 213 20.00 -22.77 -21.34
C GLY D 213 20.68 -23.46 -20.19
N LEU D 214 19.88 -24.11 -19.35
CA LEU D 214 20.46 -24.96 -18.31
C LEU D 214 19.53 -26.15 -18.09
N VAL D 215 20.04 -27.17 -17.40
CA VAL D 215 19.22 -28.34 -17.11
C VAL D 215 19.49 -28.81 -15.68
N THR D 216 18.43 -29.24 -14.99
CA THR D 216 18.46 -29.86 -13.66
C THR D 216 17.87 -31.26 -13.72
N PHE D 217 18.13 -32.05 -12.66
CA PHE D 217 17.51 -33.38 -12.55
C PHE D 217 15.98 -33.28 -12.57
N ARG D 218 15.41 -32.31 -11.85
CA ARG D 218 13.96 -32.17 -11.82
C ARG D 218 13.41 -31.71 -13.17
N ASP D 219 14.09 -30.75 -13.80
CA ASP D 219 13.61 -30.31 -15.10
C ASP D 219 13.59 -31.46 -16.09
N ILE D 220 14.45 -32.46 -15.87
CA ILE D 220 14.36 -33.67 -16.69
C ILE D 220 13.17 -34.54 -16.30
N GLU D 221 12.78 -34.55 -15.02
CA GLU D 221 11.64 -35.40 -14.67
C GLU D 221 10.32 -34.78 -15.12
N LYS D 222 10.18 -33.45 -15.00
CA LYS D 222 8.90 -32.86 -15.37
C LYS D 222 8.75 -32.74 -16.88
N ALA D 223 9.83 -32.93 -17.62
CA ALA D 223 9.70 -33.07 -19.05
C ALA D 223 8.87 -34.31 -19.25
N GLU D 224 7.65 -34.12 -19.73
CA GLU D 224 6.82 -35.27 -20.00
C GLU D 224 7.52 -36.16 -21.01
N ARG D 225 7.29 -37.46 -20.86
CA ARG D 225 7.99 -38.49 -21.59
C ARG D 225 7.23 -38.84 -22.85
N LYS D 226 7.82 -38.51 -24.00
CA LYS D 226 7.25 -38.82 -25.31
C LYS D 226 8.03 -39.95 -25.95
N PRO D 227 7.73 -41.21 -25.61
CA PRO D 227 8.57 -42.32 -26.09
C PRO D 227 8.55 -42.46 -27.58
N ASN D 228 7.58 -41.85 -28.26
CA ASN D 228 7.46 -41.97 -29.70
C ASN D 228 7.79 -40.66 -30.40
N ALA D 229 8.56 -39.79 -29.75
CA ALA D 229 8.96 -38.54 -30.38
C ALA D 229 9.68 -38.89 -31.66
N CYS D 230 9.35 -38.18 -32.74
CA CYS D 230 10.07 -38.36 -34.00
C CYS D 230 11.25 -37.40 -34.11
N LYS D 231 12.46 -37.92 -34.00
CA LYS D 231 13.69 -37.13 -33.96
C LYS D 231 14.67 -37.55 -35.05
N ASP D 232 15.72 -36.74 -35.20
CA ASP D 232 16.80 -36.95 -36.17
C ASP D 232 17.86 -37.88 -35.57
N GLU D 233 19.02 -38.01 -36.22
CA GLU D 233 20.07 -38.86 -35.65
C GLU D 233 20.71 -38.25 -34.42
N GLN D 234 20.36 -37.02 -34.07
CA GLN D 234 21.01 -36.33 -32.96
C GLN D 234 19.99 -35.98 -31.92
N GLY D 235 18.81 -36.60 -32.00
CA GLY D 235 17.81 -36.47 -30.97
C GLY D 235 17.07 -35.16 -30.98
N ARG D 236 17.28 -34.33 -31.99
CA ARG D 236 16.47 -33.14 -32.14
C ARG D 236 15.17 -33.52 -32.85
N LEU D 237 14.09 -32.87 -32.45
CA LEU D 237 12.82 -33.10 -33.10
C LEU D 237 12.95 -32.80 -34.58
N ARG D 238 12.18 -33.52 -35.36
CA ARG D 238 12.08 -33.34 -36.79
C ARG D 238 11.01 -32.30 -37.13
N VAL D 239 11.28 -31.51 -38.17
CA VAL D 239 10.34 -30.49 -38.63
C VAL D 239 10.42 -30.38 -40.14
N GLY D 240 9.27 -30.11 -40.75
CA GLY D 240 9.17 -29.74 -42.14
C GLY D 240 8.75 -28.28 -42.27
N ALA D 241 8.84 -27.78 -43.50
CA ALA D 241 8.44 -26.41 -43.82
C ALA D 241 8.14 -26.29 -45.31
N ALA D 242 7.15 -25.48 -45.66
CA ALA D 242 6.62 -25.40 -47.01
C ALA D 242 7.02 -24.11 -47.72
N VAL D 243 7.24 -24.21 -49.05
CA VAL D 243 7.50 -23.07 -49.94
C VAL D 243 6.65 -23.19 -51.21
N GLY D 244 6.60 -22.09 -51.98
CA GLY D 244 5.90 -22.13 -53.24
C GLY D 244 6.80 -22.54 -54.39
N ALA D 245 6.18 -22.89 -55.51
CA ALA D 245 6.90 -23.24 -56.72
C ALA D 245 7.16 -22.04 -57.63
N GLY D 246 6.64 -20.86 -57.28
CA GLY D 246 6.91 -19.67 -58.05
C GLY D 246 8.39 -19.36 -58.10
N ALA D 247 8.75 -18.46 -59.00
CA ALA D 247 10.13 -18.02 -59.00
C ALA D 247 10.36 -17.15 -57.78
N GLY D 248 11.63 -17.09 -57.36
CA GLY D 248 12.01 -16.20 -56.28
C GLY D 248 11.97 -16.84 -54.91
N ASN D 249 11.72 -18.13 -54.82
CA ASN D 249 11.69 -18.76 -53.51
C ASN D 249 13.02 -19.32 -53.09
N GLU D 250 14.04 -19.19 -53.93
CA GLU D 250 15.32 -19.83 -53.64
C GLU D 250 15.88 -19.31 -52.34
N GLU D 251 15.76 -18.00 -52.11
CA GLU D 251 16.31 -17.44 -50.88
C GLU D 251 15.61 -17.97 -49.65
N ARG D 252 14.29 -18.13 -49.71
CA ARG D 252 13.60 -18.71 -48.58
C ARG D 252 14.11 -20.11 -48.32
N VAL D 253 14.22 -20.90 -49.39
CA VAL D 253 14.80 -22.23 -49.27
C VAL D 253 16.16 -22.16 -48.60
N ASP D 254 17.06 -21.31 -49.10
CA ASP D 254 18.38 -21.23 -48.49
C ASP D 254 18.26 -20.91 -47.01
N ALA D 255 17.30 -20.06 -46.65
CA ALA D 255 17.11 -19.70 -45.26
C ALA D 255 16.57 -20.87 -44.46
N LEU D 256 15.64 -21.63 -45.03
CA LEU D 256 15.05 -22.75 -44.30
C LEU D 256 16.07 -23.87 -44.11
N VAL D 257 16.74 -24.28 -45.18
CA VAL D 257 17.76 -25.31 -45.07
C VAL D 257 18.81 -24.89 -44.06
N ALA D 258 19.17 -23.60 -44.08
CA ALA D 258 20.08 -23.05 -43.08
C ALA D 258 19.51 -23.27 -41.69
N ALA D 259 18.20 -23.09 -41.51
CA ALA D 259 17.59 -23.30 -40.21
C ALA D 259 17.57 -24.77 -39.80
N GLY D 260 18.11 -25.66 -40.64
CA GLY D 260 18.24 -27.07 -40.29
C GLY D 260 16.99 -27.91 -40.49
N VAL D 261 16.09 -27.48 -41.37
CA VAL D 261 14.85 -28.23 -41.59
C VAL D 261 15.15 -29.65 -42.07
N ASP D 262 14.30 -30.60 -41.62
CA ASP D 262 14.48 -32.00 -41.97
C ASP D 262 13.99 -32.26 -43.39
N VAL D 263 12.84 -31.73 -43.74
CA VAL D 263 12.23 -31.97 -45.04
C VAL D 263 11.62 -30.67 -45.56
N LEU D 264 11.76 -30.44 -46.86
CA LEU D 264 11.18 -29.29 -47.56
C LEU D 264 9.94 -29.67 -48.37
N LEU D 265 8.85 -28.93 -48.18
CA LEU D 265 7.61 -29.11 -48.94
C LEU D 265 7.46 -27.99 -49.97
N ILE D 266 7.49 -28.35 -51.25
CA ILE D 266 7.19 -27.44 -52.34
C ILE D 266 5.73 -27.68 -52.75
N ASP D 267 4.79 -26.86 -52.28
CA ASP D 267 3.38 -27.11 -52.50
C ASP D 267 2.81 -26.20 -53.56
N SER D 268 2.20 -26.80 -54.56
CA SER D 268 1.46 -26.12 -55.60
C SER D 268 0.13 -26.83 -55.73
N SER D 269 -0.84 -26.16 -56.33
CA SER D 269 -2.07 -26.87 -56.60
C SER D 269 -1.97 -27.83 -57.79
N HIS D 270 -0.90 -27.78 -58.60
CA HIS D 270 -0.72 -28.71 -59.74
C HIS D 270 0.76 -29.12 -59.78
N GLY D 271 1.07 -30.22 -59.09
CA GLY D 271 2.42 -30.71 -59.09
C GLY D 271 2.91 -31.19 -60.44
N HIS D 272 2.00 -31.53 -61.34
CA HIS D 272 2.39 -31.95 -62.68
C HIS D 272 2.69 -30.79 -63.60
N SER D 273 2.85 -29.58 -63.09
CA SER D 273 3.22 -28.46 -63.92
C SER D 273 4.73 -28.48 -64.18
N GLU D 274 5.12 -28.18 -65.43
CA GLU D 274 6.54 -28.14 -65.81
C GLU D 274 7.33 -27.12 -65.00
N GLY D 275 6.70 -26.02 -64.58
CA GLY D 275 7.37 -25.05 -63.72
C GLY D 275 7.65 -25.59 -62.33
N VAL D 276 6.73 -26.36 -61.77
CA VAL D 276 7.01 -27.02 -60.51
C VAL D 276 8.21 -27.95 -60.69
N LEU D 277 8.12 -28.81 -61.70
CA LEU D 277 9.18 -29.76 -62.01
C LEU D 277 10.52 -29.08 -62.12
N GLN D 278 10.55 -27.83 -62.61
CA GLN D 278 11.80 -27.13 -62.77
C GLN D 278 12.35 -26.66 -61.43
N ARG D 279 11.56 -25.91 -60.65
CA ARG D 279 12.04 -25.49 -59.34
C ARG D 279 12.48 -26.66 -58.51
N ILE D 280 11.84 -27.80 -58.68
CA ILE D 280 12.31 -28.99 -57.98
C ILE D 280 13.68 -29.40 -58.50
N ARG D 281 13.81 -29.49 -59.83
CA ARG D 281 15.09 -29.88 -60.39
C ARG D 281 16.20 -28.97 -59.94
N GLU D 282 15.91 -27.67 -59.85
CA GLU D 282 16.89 -26.71 -59.39
C GLU D 282 17.21 -26.89 -57.92
N THR D 283 16.17 -26.94 -57.09
CA THR D 283 16.36 -27.16 -55.67
C THR D 283 17.10 -28.46 -55.42
N ARG D 284 16.85 -29.46 -56.27
CA ARG D 284 17.52 -30.75 -56.14
C ARG D 284 18.97 -30.67 -56.58
N ALA D 285 19.20 -29.96 -57.67
CA ALA D 285 20.57 -29.74 -58.09
C ALA D 285 21.35 -28.99 -57.02
N LYS D 286 20.67 -28.07 -56.34
CA LYS D 286 21.33 -27.24 -55.33
C LYS D 286 21.54 -28.01 -54.02
N TYR D 287 20.52 -28.70 -53.52
CA TYR D 287 20.60 -29.44 -52.26
C TYR D 287 20.40 -30.93 -52.52
N PRO D 288 21.43 -31.64 -52.98
CA PRO D 288 21.26 -33.05 -53.36
C PRO D 288 20.85 -33.95 -52.21
N ASP D 289 21.14 -33.60 -50.95
CA ASP D 289 20.80 -34.45 -49.82
C ASP D 289 19.53 -34.04 -49.09
N LEU D 290 18.90 -32.95 -49.50
CA LEU D 290 17.70 -32.50 -48.80
C LEU D 290 16.52 -33.37 -49.21
N GLN D 291 15.76 -33.85 -48.22
CA GLN D 291 14.51 -34.57 -48.49
C GLN D 291 13.45 -33.59 -48.94
N ILE D 292 12.93 -33.80 -50.16
CA ILE D 292 11.97 -32.92 -50.79
C ILE D 292 10.69 -33.68 -51.12
N ILE D 293 9.53 -33.07 -50.79
CA ILE D 293 8.21 -33.58 -51.11
C ILE D 293 7.53 -32.65 -52.11
N GLY D 294 7.05 -33.21 -53.21
CA GLY D 294 6.31 -32.46 -54.22
C GLY D 294 4.84 -32.83 -54.28
N GLY D 295 4.00 -31.83 -54.55
CA GLY D 295 2.58 -32.08 -54.68
C GLY D 295 1.85 -30.88 -55.22
N ASN D 296 0.60 -31.12 -55.64
CA ASN D 296 -0.06 -32.42 -55.51
C ASN D 296 -0.27 -33.06 -56.91
N VAL D 297 -0.24 -34.39 -56.99
CA VAL D 297 -0.59 -35.10 -58.23
C VAL D 297 -1.73 -36.10 -57.94
N ALA D 298 -2.27 -36.69 -59.02
CA ALA D 298 -3.31 -37.70 -58.85
C ALA D 298 -3.28 -38.79 -59.92
N THR D 299 -2.15 -39.02 -60.59
CA THR D 299 -2.10 -39.93 -61.72
C THR D 299 -0.80 -40.70 -61.67
N ALA D 300 -0.76 -41.82 -62.41
CA ALA D 300 0.47 -42.61 -62.51
C ALA D 300 1.61 -41.77 -63.08
N ALA D 301 1.31 -40.97 -64.10
CA ALA D 301 2.34 -40.17 -64.76
C ALA D 301 2.78 -38.97 -63.92
N GLY D 302 1.85 -38.30 -63.24
CA GLY D 302 2.23 -37.16 -62.43
C GLY D 302 3.20 -37.53 -61.33
N ALA D 303 3.08 -38.74 -60.81
CA ALA D 303 3.98 -39.20 -59.75
C ALA D 303 5.35 -39.55 -60.31
N ARG D 304 5.35 -40.29 -61.42
CA ARG D 304 6.59 -40.59 -62.13
C ARG D 304 7.29 -39.32 -62.58
N ALA D 305 6.52 -38.33 -63.04
CA ALA D 305 7.09 -37.04 -63.41
C ALA D 305 7.81 -36.40 -62.23
N LEU D 306 7.12 -36.36 -61.07
CA LEU D 306 7.69 -35.77 -59.87
C LEU D 306 8.90 -36.55 -59.37
N ALA D 307 8.90 -37.87 -59.53
CA ALA D 307 10.03 -38.66 -59.05
C ALA D 307 11.28 -38.34 -59.85
N GLU D 308 11.13 -38.21 -61.17
CA GLU D 308 12.26 -37.90 -62.02
C GLU D 308 12.90 -36.56 -61.63
N ALA D 309 12.07 -35.54 -61.39
CA ALA D 309 12.59 -34.25 -60.97
C ALA D 309 13.39 -34.33 -59.69
N GLY D 310 13.15 -35.34 -58.86
CA GLY D 310 13.98 -35.58 -57.71
C GLY D 310 13.32 -35.62 -56.34
N CYS D 311 12.05 -35.99 -56.26
CA CYS D 311 11.39 -36.02 -54.96
C CYS D 311 11.86 -37.19 -54.12
N SER D 312 11.81 -37.01 -52.79
CA SER D 312 12.04 -38.09 -51.84
C SER D 312 10.73 -38.78 -51.44
N ALA D 313 9.62 -38.04 -51.51
CA ALA D 313 8.26 -38.53 -51.39
C ALA D 313 7.37 -37.69 -52.30
N VAL D 314 6.18 -38.20 -52.56
CA VAL D 314 5.19 -37.54 -53.43
C VAL D 314 3.85 -37.45 -52.69
N LYS D 315 3.24 -36.26 -52.72
CA LYS D 315 1.95 -36.01 -52.09
C LYS D 315 0.82 -36.06 -53.12
N VAL D 316 -0.23 -36.84 -52.81
CA VAL D 316 -1.28 -37.17 -53.77
C VAL D 316 -2.60 -36.60 -53.25
N GLY D 317 -3.27 -35.82 -54.09
CA GLY D 317 -4.59 -35.29 -53.75
C GLY D 317 -5.01 -34.08 -54.55
N ILE D 318 -5.83 -34.29 -55.58
CA ILE D 318 -6.38 -33.22 -56.41
C ILE D 318 -7.88 -33.24 -56.23
N GLY D 319 -8.41 -32.33 -55.41
CA GLY D 319 -9.82 -32.34 -55.09
C GLY D 319 -10.16 -33.68 -54.49
N PRO D 320 -9.99 -33.81 -53.17
CA PRO D 320 -10.25 -35.06 -52.44
C PRO D 320 -11.73 -35.42 -52.22
N CYS D 324 -14.82 -30.67 -52.55
CA CYS D 324 -13.73 -29.68 -52.55
C CYS D 324 -14.08 -28.48 -53.46
N THR D 325 -13.37 -27.35 -53.30
CA THR D 325 -13.70 -26.16 -54.10
C THR D 325 -12.98 -26.20 -55.43
N THR D 326 -11.86 -26.89 -55.48
CA THR D 326 -11.11 -27.05 -56.70
C THR D 326 -11.91 -27.82 -57.76
N ARG D 327 -12.68 -28.81 -57.32
CA ARG D 327 -13.47 -29.61 -58.25
C ARG D 327 -14.63 -28.81 -58.83
N ILE D 328 -15.26 -27.95 -58.01
CA ILE D 328 -16.46 -27.22 -58.45
C ILE D 328 -16.11 -26.07 -59.39
N VAL D 329 -14.96 -25.42 -59.19
CA VAL D 329 -14.61 -24.28 -60.01
C VAL D 329 -13.89 -24.70 -61.31
N THR D 330 -12.98 -25.67 -61.25
CA THR D 330 -12.25 -26.02 -62.47
C THR D 330 -12.75 -27.31 -63.11
N GLY D 331 -13.50 -28.13 -62.38
CA GLY D 331 -13.97 -29.41 -62.88
C GLY D 331 -12.95 -30.53 -62.89
N VAL D 332 -11.71 -30.28 -62.43
CA VAL D 332 -10.63 -31.26 -62.42
C VAL D 332 -10.61 -31.94 -61.06
N GLY D 333 -10.29 -33.22 -61.03
CA GLY D 333 -10.16 -33.93 -59.76
C GLY D 333 -10.11 -35.42 -59.97
N VAL D 334 -9.63 -36.16 -58.95
CA VAL D 334 -9.64 -37.62 -58.96
C VAL D 334 -9.98 -38.17 -57.57
N PRO D 335 -10.97 -39.05 -57.46
CA PRO D 335 -11.29 -39.65 -56.16
C PRO D 335 -10.05 -40.23 -55.52
N GLN D 336 -10.00 -40.16 -54.21
CA GLN D 336 -8.72 -40.26 -53.53
C GLN D 336 -8.15 -41.67 -53.59
N ILE D 337 -9.00 -42.69 -53.50
CA ILE D 337 -8.46 -44.04 -53.40
C ILE D 337 -7.75 -44.45 -54.68
N THR D 338 -8.42 -44.33 -55.82
CA THR D 338 -7.78 -44.71 -57.08
C THR D 338 -6.56 -43.85 -57.36
N ALA D 339 -6.62 -42.57 -57.00
CA ALA D 339 -5.47 -41.70 -57.21
C ALA D 339 -4.24 -42.26 -56.49
N VAL D 340 -4.40 -42.62 -55.22
CA VAL D 340 -3.29 -43.20 -54.47
C VAL D 340 -2.82 -44.51 -55.10
N ALA D 341 -3.75 -45.40 -55.42
CA ALA D 341 -3.37 -46.70 -55.94
C ALA D 341 -2.58 -46.55 -57.21
N ASP D 342 -2.97 -45.60 -58.05
CA ASP D 342 -2.28 -45.37 -59.31
C ASP D 342 -0.87 -44.87 -59.08
N ALA D 343 -0.71 -43.97 -58.11
CA ALA D 343 0.62 -43.45 -57.84
C ALA D 343 1.51 -44.54 -57.26
N VAL D 344 0.99 -45.27 -56.29
CA VAL D 344 1.73 -46.37 -55.69
C VAL D 344 2.11 -47.40 -56.74
N GLU D 345 1.14 -47.80 -57.55
CA GLU D 345 1.38 -48.76 -58.62
C GLU D 345 2.52 -48.31 -59.50
N ALA D 346 2.61 -47.01 -59.73
CA ALA D 346 3.69 -46.47 -60.54
C ALA D 346 5.00 -46.44 -59.77
N LEU D 347 4.96 -46.21 -58.46
CA LEU D 347 6.15 -46.15 -57.62
C LEU D 347 6.49 -47.47 -56.98
N GLU D 348 5.93 -48.56 -57.49
CA GLU D 348 6.24 -49.86 -56.94
C GLU D 348 7.71 -50.16 -57.28
N GLY D 349 8.58 -50.08 -56.28
CA GLY D 349 9.99 -50.40 -56.44
C GLY D 349 10.96 -49.26 -56.23
N THR D 350 10.49 -48.03 -56.14
CA THR D 350 11.39 -46.89 -56.04
C THR D 350 11.68 -46.47 -54.61
N GLY D 351 11.00 -47.04 -53.62
CA GLY D 351 11.23 -46.54 -52.28
C GLY D 351 10.83 -45.09 -52.11
N ILE D 352 10.04 -44.55 -53.03
CA ILE D 352 9.53 -43.20 -52.90
C ILE D 352 8.09 -43.30 -52.39
N PRO D 353 7.81 -42.95 -51.15
CA PRO D 353 6.49 -43.15 -50.57
C PRO D 353 5.46 -42.14 -51.08
N VAL D 354 4.18 -42.51 -50.93
CA VAL D 354 3.05 -41.67 -51.32
C VAL D 354 2.40 -41.09 -50.05
N ILE D 355 1.96 -39.83 -50.12
CA ILE D 355 1.28 -39.17 -49.00
C ILE D 355 -0.15 -38.84 -49.39
N ALA D 356 -1.10 -39.27 -48.57
CA ALA D 356 -2.50 -38.96 -48.80
C ALA D 356 -2.84 -37.62 -48.20
N ASP D 357 -3.24 -36.67 -49.04
CA ASP D 357 -3.41 -35.31 -48.57
C ASP D 357 -4.85 -34.87 -48.77
N GLY D 358 -5.54 -34.58 -47.66
CA GLY D 358 -6.86 -33.96 -47.81
C GLY D 358 -8.01 -34.94 -47.92
N GLY D 359 -9.19 -34.49 -47.49
CA GLY D 359 -10.39 -35.29 -47.60
C GLY D 359 -10.53 -36.31 -46.50
N ILE D 360 -9.64 -36.27 -45.51
CA ILE D 360 -9.63 -37.24 -44.43
C ILE D 360 -10.47 -36.72 -43.29
N ARG D 361 -11.60 -37.37 -43.10
CA ARG D 361 -12.54 -36.99 -42.06
C ARG D 361 -12.36 -37.84 -40.80
N PHE D 362 -12.29 -39.17 -40.95
CA PHE D 362 -12.15 -40.04 -39.78
C PHE D 362 -10.97 -40.98 -39.84
N SER D 363 -10.88 -41.82 -38.81
CA SER D 363 -9.82 -42.80 -38.75
C SER D 363 -9.95 -43.81 -39.88
N GLY D 364 -11.18 -44.09 -40.32
CA GLY D 364 -11.38 -45.01 -41.43
C GLY D 364 -10.76 -44.53 -42.73
N ASP D 365 -10.86 -43.23 -43.02
CA ASP D 365 -10.25 -42.74 -44.26
C ASP D 365 -8.76 -42.93 -44.21
N ILE D 366 -8.18 -42.69 -43.05
CA ILE D 366 -6.76 -42.94 -42.83
C ILE D 366 -6.41 -44.38 -43.15
N ALA D 367 -7.17 -45.31 -42.57
CA ALA D 367 -6.89 -46.73 -42.77
C ALA D 367 -6.98 -47.09 -44.24
N LYS D 368 -8.01 -46.60 -44.91
CA LYS D 368 -8.20 -46.87 -46.32
C LYS D 368 -7.04 -46.30 -47.12
N ALA D 369 -6.63 -45.08 -46.79
CA ALA D 369 -5.55 -44.41 -47.50
C ALA D 369 -4.33 -45.30 -47.59
N ILE D 370 -3.88 -45.78 -46.43
CA ILE D 370 -2.67 -46.61 -46.36
C ILE D 370 -2.83 -47.90 -47.13
N ALA D 371 -4.00 -48.54 -46.98
CA ALA D 371 -4.27 -49.80 -47.65
C ALA D 371 -4.32 -49.62 -49.16
N ALA D 372 -4.61 -48.40 -49.63
CA ALA D 372 -4.45 -48.09 -51.05
C ALA D 372 -2.99 -48.05 -51.45
N GLY D 373 -2.08 -47.98 -50.48
CA GLY D 373 -0.66 -48.00 -50.78
C GLY D 373 0.07 -46.83 -50.17
N ALA D 374 -0.69 -45.84 -49.69
CA ALA D 374 -0.09 -44.65 -49.13
C ALA D 374 0.73 -45.03 -47.89
N SER D 375 1.84 -44.33 -47.69
CA SER D 375 2.69 -44.57 -46.53
C SER D 375 2.35 -43.65 -45.36
N ALA D 376 1.76 -42.48 -45.61
CA ALA D 376 1.28 -41.61 -44.54
C ALA D 376 0.19 -40.68 -45.09
N VAL D 377 -0.39 -39.87 -44.20
CA VAL D 377 -1.45 -38.94 -44.58
C VAL D 377 -1.16 -37.52 -44.08
N MET D 378 -1.72 -36.54 -44.77
CA MET D 378 -1.73 -35.17 -44.32
C MET D 378 -3.15 -34.68 -44.05
N VAL D 379 -3.34 -34.03 -42.90
CA VAL D 379 -4.65 -33.57 -42.45
C VAL D 379 -4.62 -32.07 -42.15
N GLY D 380 -5.74 -31.40 -42.40
CA GLY D 380 -5.80 -30.00 -42.04
C GLY D 380 -6.92 -29.68 -41.08
N SER D 381 -8.15 -29.87 -41.55
CA SER D 381 -9.30 -29.46 -40.76
C SER D 381 -9.30 -30.16 -39.41
N MET D 382 -8.94 -31.44 -39.43
CA MET D 382 -8.95 -32.25 -38.23
C MET D 382 -8.10 -31.62 -37.13
N LEU D 383 -7.11 -30.82 -37.50
CA LEU D 383 -6.21 -30.26 -36.51
C LEU D 383 -6.50 -28.83 -36.13
N ALA D 384 -7.14 -28.08 -37.02
CA ALA D 384 -7.44 -26.70 -36.70
C ALA D 384 -8.29 -26.65 -35.45
N GLY D 385 -7.95 -25.74 -34.53
CA GLY D 385 -8.68 -25.62 -33.31
C GLY D 385 -8.10 -26.38 -32.15
N THR D 386 -7.16 -27.28 -32.39
CA THR D 386 -6.41 -27.86 -31.30
C THR D 386 -5.63 -26.79 -30.56
N GLU D 387 -5.45 -27.00 -29.26
CA GLU D 387 -4.64 -26.12 -28.41
C GLU D 387 -3.37 -25.65 -29.10
N GLU D 388 -2.60 -26.58 -29.63
CA GLU D 388 -1.30 -26.28 -30.23
C GLU D 388 -1.43 -25.65 -31.60
N SER D 389 -2.62 -25.67 -32.20
CA SER D 389 -2.79 -25.07 -33.49
C SER D 389 -2.68 -23.57 -33.33
N PRO D 390 -2.49 -22.84 -34.42
CA PRO D 390 -2.39 -21.38 -34.30
C PRO D 390 -3.70 -20.79 -33.83
N GLY D 391 -3.58 -19.57 -33.32
CA GLY D 391 -4.68 -18.87 -32.72
C GLY D 391 -4.70 -19.09 -31.23
N GLU D 392 -5.38 -18.19 -30.52
CA GLU D 392 -5.56 -18.35 -29.09
C GLU D 392 -7.03 -18.58 -28.77
N ILE D 393 -7.27 -19.27 -27.67
CA ILE D 393 -8.62 -19.67 -27.29
C ILE D 393 -9.46 -18.43 -27.02
N GLU D 394 -10.68 -18.45 -27.52
CA GLU D 394 -11.61 -17.39 -27.24
C GLU D 394 -12.99 -18.00 -27.03
N LEU D 395 -13.67 -17.52 -26.00
CA LEU D 395 -15.04 -17.92 -25.72
C LEU D 395 -16.03 -17.03 -26.45
N TYR D 396 -16.99 -17.65 -27.10
CA TYR D 396 -17.98 -16.92 -27.85
C TYR D 396 -19.26 -17.73 -27.67
N GLN D 397 -20.37 -17.03 -27.35
CA GLN D 397 -21.70 -17.62 -27.19
C GLN D 397 -21.65 -18.91 -26.36
N GLY D 398 -21.06 -18.79 -25.18
CA GLY D 398 -20.97 -19.91 -24.27
C GLY D 398 -20.10 -21.05 -24.76
N ARG D 399 -19.62 -21.00 -26.00
CA ARG D 399 -18.75 -22.06 -26.50
C ARG D 399 -17.32 -21.60 -26.65
N SER D 400 -16.41 -22.57 -26.64
CA SER D 400 -14.99 -22.30 -26.75
C SER D 400 -14.58 -22.48 -28.19
N TYR D 401 -13.82 -21.50 -28.70
CA TYR D 401 -13.38 -21.51 -30.08
C TYR D 401 -11.93 -21.05 -30.12
N LYS D 402 -11.28 -21.31 -31.26
CA LYS D 402 -9.94 -20.82 -31.52
C LYS D 402 -10.07 -19.59 -32.40
N SER D 403 -9.72 -18.42 -31.83
CA SER D 403 -9.77 -17.16 -32.54
C SER D 403 -8.40 -16.89 -33.18
N TYR D 404 -8.44 -16.40 -34.43
CA TYR D 404 -7.21 -16.14 -35.18
C TYR D 404 -6.97 -14.64 -35.43
N VAL D 440 -13.25 -20.93 -35.22
CA VAL D 440 -13.28 -22.37 -35.47
C VAL D 440 -13.54 -23.11 -34.16
N ALA D 441 -14.01 -24.36 -34.26
CA ALA D 441 -14.35 -25.13 -33.07
C ALA D 441 -13.09 -25.57 -32.37
N TYR D 442 -12.99 -25.18 -31.11
CA TYR D 442 -11.86 -25.59 -30.30
C TYR D 442 -11.91 -27.09 -30.09
N LYS D 443 -10.85 -27.78 -30.48
CA LYS D 443 -10.83 -29.24 -30.40
C LYS D 443 -9.99 -29.79 -29.24
N GLY D 444 -9.47 -28.97 -28.35
CA GLY D 444 -8.68 -29.55 -27.29
C GLY D 444 -7.27 -29.98 -27.68
N ARG D 445 -6.65 -30.74 -26.78
CA ARG D 445 -5.25 -31.08 -27.00
C ARG D 445 -5.06 -32.01 -28.18
N LEU D 446 -3.97 -31.74 -28.89
CA LEU D 446 -3.57 -32.59 -30.00
C LEU D 446 -3.28 -34.00 -29.53
N LYS D 447 -2.68 -34.13 -28.35
CA LYS D 447 -2.28 -35.43 -27.87
C LYS D 447 -3.43 -36.43 -27.93
N GLU D 448 -4.63 -35.98 -27.56
CA GLU D 448 -5.77 -36.87 -27.53
C GLU D 448 -6.32 -37.13 -28.91
N ILE D 449 -6.40 -36.09 -29.74
CA ILE D 449 -6.88 -36.30 -31.09
C ILE D 449 -6.04 -37.36 -31.77
N ILE D 450 -4.73 -37.30 -31.58
CA ILE D 450 -3.87 -38.33 -32.13
C ILE D 450 -4.21 -39.66 -31.50
N HIS D 451 -4.37 -39.67 -30.18
CA HIS D 451 -4.62 -40.93 -29.52
C HIS D 451 -5.93 -41.52 -29.98
N GLN D 452 -6.94 -40.67 -30.09
CA GLN D 452 -8.24 -41.12 -30.59
C GLN D 452 -8.12 -41.61 -32.02
N GLN D 453 -7.36 -40.91 -32.85
CA GLN D 453 -7.24 -41.32 -34.24
C GLN D 453 -6.45 -42.62 -34.33
N MET D 454 -5.36 -42.73 -33.58
CA MET D 454 -4.54 -43.92 -33.69
C MET D 454 -5.16 -45.12 -33.01
N GLY D 455 -5.94 -44.90 -31.95
CA GLY D 455 -6.81 -45.96 -31.49
C GLY D 455 -7.57 -46.59 -32.64
N GLY D 456 -8.17 -45.75 -33.49
CA GLY D 456 -8.90 -46.28 -34.63
C GLY D 456 -8.01 -47.04 -35.58
N LEU D 457 -6.88 -46.45 -35.95
CA LEU D 457 -5.96 -47.15 -36.84
C LEU D 457 -5.51 -48.48 -36.24
N ARG D 458 -5.21 -48.47 -34.94
CA ARG D 458 -4.76 -49.68 -34.28
C ARG D 458 -5.85 -50.73 -34.35
N SER D 459 -7.08 -50.33 -34.04
CA SER D 459 -8.22 -51.23 -34.17
C SER D 459 -8.27 -51.85 -35.56
N CYS D 460 -8.01 -51.05 -36.58
CA CYS D 460 -8.09 -51.55 -37.95
C CYS D 460 -7.03 -52.61 -38.24
N MET D 461 -5.78 -52.39 -37.81
CA MET D 461 -4.71 -53.33 -38.12
C MET D 461 -4.92 -54.67 -37.45
N GLY D 462 -5.54 -54.66 -36.27
CA GLY D 462 -5.95 -55.91 -35.68
C GLY D 462 -6.97 -56.60 -36.55
N LEU D 463 -7.92 -55.85 -37.11
CA LEU D 463 -8.96 -56.47 -37.91
C LEU D 463 -8.44 -57.02 -39.22
N THR D 464 -7.47 -56.37 -39.83
CA THR D 464 -7.00 -56.82 -41.13
C THR D 464 -5.78 -57.71 -41.03
N GLY D 465 -5.32 -57.98 -39.81
CA GLY D 465 -4.20 -58.87 -39.60
C GLY D 465 -2.90 -58.32 -40.10
N CYS D 466 -2.67 -57.02 -39.92
CA CYS D 466 -1.46 -56.36 -40.40
C CYS D 466 -0.76 -55.80 -39.18
N GLY D 467 0.39 -56.38 -38.84
CA GLY D 467 1.15 -55.93 -37.68
C GLY D 467 1.94 -54.67 -37.91
N THR D 468 2.26 -54.35 -39.16
CA THR D 468 3.04 -53.17 -39.48
C THR D 468 2.35 -52.39 -40.58
N ILE D 469 2.71 -51.12 -40.66
CA ILE D 469 2.16 -50.25 -41.70
C ILE D 469 2.40 -50.82 -43.10
N ASP D 470 3.64 -51.25 -43.38
CA ASP D 470 3.94 -51.77 -44.72
C ASP D 470 3.11 -52.97 -45.07
N GLU D 471 2.77 -53.79 -44.08
CA GLU D 471 1.92 -54.91 -44.39
C GLU D 471 0.52 -54.44 -44.74
N LEU D 472 0.03 -53.44 -44.01
CA LEU D 472 -1.26 -52.85 -44.32
C LEU D 472 -1.29 -52.26 -45.73
N ARG D 473 -0.18 -51.68 -46.15
CA ARG D 473 -0.13 -51.10 -47.48
C ARG D 473 -0.13 -52.16 -48.56
N THR D 474 0.06 -53.42 -48.18
CA THR D 474 0.33 -54.48 -49.13
C THR D 474 -0.59 -55.68 -48.95
N LYS D 475 -1.05 -55.92 -47.72
CA LYS D 475 -1.78 -57.15 -47.44
C LYS D 475 -3.29 -56.93 -47.45
N ALA D 476 -3.74 -55.77 -47.00
CA ALA D 476 -5.16 -55.48 -46.81
C ALA D 476 -5.91 -55.48 -48.13
N GLU D 477 -7.12 -56.03 -48.09
CA GLU D 477 -7.99 -56.10 -49.25
C GLU D 477 -9.23 -55.24 -49.11
N PHE D 478 -9.84 -54.96 -50.26
CA PHE D 478 -11.00 -54.10 -50.31
C PHE D 478 -12.21 -54.84 -50.83
N VAL D 479 -13.36 -54.30 -50.47
CA VAL D 479 -14.60 -54.62 -51.16
C VAL D 479 -15.12 -53.36 -51.81
N ARG D 480 -15.65 -53.53 -53.01
CA ARG D 480 -16.35 -52.46 -53.65
C ARG D 480 -17.79 -52.52 -53.19
N ILE D 481 -18.33 -51.36 -52.83
CA ILE D 481 -19.66 -51.26 -52.24
C ILE D 481 -20.42 -50.13 -52.91
N SER D 482 -21.74 -50.15 -52.71
CA SER D 482 -22.69 -49.15 -53.20
C SER D 482 -23.00 -48.07 -52.16
N GLY D 483 -23.94 -47.19 -52.52
CA GLY D 483 -24.38 -46.13 -51.62
C GLY D 483 -25.22 -46.61 -50.46
N ALA D 484 -25.97 -47.70 -50.64
CA ALA D 484 -26.88 -48.21 -49.62
C ALA D 484 -26.19 -49.15 -48.61
#